data_5U6P
#
_entry.id   5U6P
#
_cell.length_a   1
_cell.length_b   1
_cell.length_c   1
_cell.angle_alpha   90.00
_cell.angle_beta   90.00
_cell.angle_gamma   90.00
#
_symmetry.space_group_name_H-M   'P 1'
#
loop_
_entity.id
_entity.type
_entity.pdbx_description
1 polymer 'Potassium/sodium hyperpolarization-activated cyclic nucleotide-gated channel 11'
2 polymer 'Potassium/sodium hyperpolarization-activated cyclic nucleotide-gated channel 11'
3 non-polymer "ADENOSINE-3',5'-CYCLIC-MONOPHOSPHATE"
#
loop_
_entity_poly.entity_id
_entity_poly.type
_entity_poly.pdbx_seq_one_letter_code
_entity_poly.pdbx_strand_id
1 'polypeptide(L)'
;MEGGGKPNSSSNSRDDGNSVFPAKASATGAGPAAAEKRLGTPPGGGGAGAKEHGNSVCFKVDGGGGGGGGGGGGEEPAGG
FEDAEGPRRQYGFMQRQFTSMLQPGVNKFSLRMFGSQKAVEKEQERVKTAGFWIIHPYSDFRFYWDLIMLIMMVGNLVII
PVGITFFTEQTTTPWIIFNVASDTVFLLDLIMNFRTGTVNEDSSEIILDPKVIKMNYLKSWFVVDFISSIPVDYIFLIVE
KGMDSEVYKTARALRIVRFTKILSLLRLLRLSRLIRYIHQWEEIFHMTYDLASAVVRIFNLIGMMLLLCHWDGCLQFLVP
LLQDFPPDCWVSLNEMVNDSWGKQYSYALFKAMSHMLCIGYGAQAPVSMSDLWITMLSMIVGATCYAMFVGHATALIQSL
DSSRRQYQEKYKQVEQYMSFHKLPADMRQKIHDYYEHRYQGKIFDEENILNELNDPLREEIVNFNCRKLVATMPLFANAD
PNFVTAMLSKLRFEVFQPGDYIIREGAVGKKMYFIQHGVAGVITKSSKEMKLTDGSYFGEICLLTKGRRTASVRADTYCR
LYSLSVDNFNEVLEEYPMMRRAFETVAIDRLDRIGKKNSILLQKFQKDLNTGVFNNQENEILKQIVKHDREMVQAALPRE
SSSVLNTDPDAEKPRFASNL
;
A,B,C,D
2 'polypeptide(L)'
;(UNK)(UNK)(UNK)(UNK)(UNK)(UNK)(UNK)(UNK)(UNK)(UNK)(UNK)(UNK)(UNK)(UNK)(UNK)(UNK)
(UNK)(UNK)(UNK)
;
E,F,G,H
#
# COMPACT_ATOMS: atom_id res chain seq x y z
N MET A 94 54.14 16.89 2.11
CA MET A 94 52.64 16.91 2.08
C MET A 94 52.01 15.78 2.93
N GLN A 95 52.42 15.71 4.19
CA GLN A 95 51.87 14.76 5.16
C GLN A 95 50.58 15.29 5.76
N ARG A 96 50.52 16.60 5.99
CA ARG A 96 49.33 17.26 6.51
C ARG A 96 48.13 17.02 5.61
N GLN A 97 48.37 17.16 4.30
CA GLN A 97 47.33 16.95 3.29
C GLN A 97 46.79 15.53 3.38
N PHE A 98 47.71 14.58 3.50
CA PHE A 98 47.39 13.16 3.61
C PHE A 98 46.50 12.92 4.82
N THR A 99 46.91 13.53 5.93
CA THR A 99 46.19 13.42 7.20
C THR A 99 44.75 13.92 7.04
N SER A 100 44.64 15.07 6.38
CA SER A 100 43.36 15.71 6.12
C SER A 100 42.46 14.77 5.32
N MET A 101 43.05 14.18 4.29
CA MET A 101 42.35 13.25 3.40
C MET A 101 41.81 12.07 4.21
N LEU A 102 42.67 11.54 5.07
CA LEU A 102 42.33 10.43 5.95
C LEU A 102 41.12 10.76 6.82
N GLN A 103 41.09 11.97 7.39
CA GLN A 103 39.96 12.43 8.22
C GLN A 103 38.71 12.74 7.37
N PRO A 104 37.50 12.66 7.98
CA PRO A 104 36.26 13.03 7.25
C PRO A 104 36.15 14.51 6.88
N GLY A 105 35.84 14.77 5.61
CA GLY A 105 35.60 16.14 5.13
C GLY A 105 34.21 16.62 5.51
N VAL A 106 34.01 17.94 5.44
CA VAL A 106 32.73 18.56 5.73
C VAL A 106 31.92 18.66 4.43
N ASN A 107 31.41 17.51 4.00
CA ASN A 107 30.47 17.44 2.88
C ASN A 107 29.06 17.67 3.39
N LYS A 108 28.12 17.80 2.47
CA LYS A 108 26.70 17.94 2.80
C LYS A 108 26.19 16.66 3.45
N PHE A 109 26.55 15.53 2.84
CA PHE A 109 26.21 14.21 3.37
C PHE A 109 26.74 14.04 4.78
N SER A 110 28.00 14.44 4.96
CA SER A 110 28.68 14.36 6.25
C SER A 110 27.91 15.16 7.30
N LEU A 111 27.53 16.37 6.91
CA LEU A 111 26.77 17.28 7.76
C LEU A 111 25.47 16.63 8.21
N ARG A 112 24.79 16.03 7.23
CA ARG A 112 23.51 15.36 7.45
C ARG A 112 23.68 14.23 8.48
N MET A 113 24.75 13.47 8.28
CA MET A 113 25.07 12.34 9.15
C MET A 113 25.31 12.81 10.58
N PHE A 114 26.20 13.80 10.71
CA PHE A 114 26.75 14.22 12.01
C PHE A 114 26.06 15.45 12.62
N GLY A 115 25.10 16.04 11.91
CA GLY A 115 24.39 17.22 12.38
C GLY A 115 25.20 18.50 12.19
N SER A 116 25.70 19.04 13.30
CA SER A 116 26.48 20.29 13.28
C SER A 116 27.92 20.04 12.83
N GLN A 117 28.59 21.13 12.46
CA GLN A 117 30.00 21.11 12.02
C GLN A 117 30.97 20.87 13.18
N LYS A 118 30.60 21.34 14.37
CA LYS A 118 31.34 21.07 15.60
C LYS A 118 31.47 19.57 15.83
N ALA A 119 30.35 18.87 15.63
CA ALA A 119 30.30 17.41 15.80
C ALA A 119 31.30 16.73 14.87
N VAL A 120 31.35 17.20 13.63
CA VAL A 120 32.27 16.68 12.62
C VAL A 120 33.72 16.82 13.10
N GLU A 121 34.04 17.97 13.68
CA GLU A 121 35.36 18.25 14.21
C GLU A 121 35.73 17.25 15.28
N LYS A 122 34.78 16.92 16.16
CA LYS A 122 34.98 15.92 17.21
C LYS A 122 35.40 14.59 16.61
N GLU A 123 34.71 14.19 15.55
CA GLU A 123 35.01 12.94 14.85
C GLU A 123 36.44 12.93 14.34
N GLN A 124 36.82 14.06 13.75
CA GLN A 124 38.18 14.25 13.21
C GLN A 124 39.22 14.08 14.33
N GLU A 125 38.92 14.71 15.46
CA GLU A 125 39.78 14.66 16.63
C GLU A 125 39.96 13.21 17.09
N ARG A 126 38.85 12.49 17.14
CA ARG A 126 38.82 11.09 17.53
C ARG A 126 39.71 10.26 16.61
N VAL A 127 39.58 10.52 15.31
CA VAL A 127 40.36 9.86 14.27
C VAL A 127 41.85 10.07 14.51
N LYS A 128 42.19 11.33 14.81
CA LYS A 128 43.58 11.71 15.13
C LYS A 128 44.33 10.83 16.17
N THR A 129 43.61 10.08 17.02
CA THR A 129 44.27 9.24 18.05
C THR A 129 45.27 8.23 17.47
N ALA A 130 44.89 7.55 16.39
CA ALA A 130 45.78 6.66 15.64
C ALA A 130 46.41 7.44 14.48
N GLY A 131 47.73 7.49 14.45
CA GLY A 131 48.48 8.37 13.52
C GLY A 131 49.05 7.67 12.30
N PHE A 132 48.77 8.23 11.11
CA PHE A 132 49.26 7.71 9.82
C PHE A 132 48.87 6.24 9.58
N TRP A 133 47.70 5.85 10.07
CA TRP A 133 47.27 4.45 10.08
C TRP A 133 45.78 4.33 9.78
N ILE A 134 44.94 4.82 10.70
CA ILE A 134 43.50 4.60 10.63
C ILE A 134 42.79 5.51 9.62
N ILE A 135 41.77 4.94 8.96
CA ILE A 135 40.97 5.61 7.96
C ILE A 135 39.50 5.51 8.39
N HIS A 136 38.79 6.65 8.32
CA HIS A 136 37.39 6.71 8.70
C HIS A 136 36.53 6.18 7.55
N PRO A 137 35.43 5.44 7.85
CA PRO A 137 34.59 4.88 6.78
C PRO A 137 34.01 5.91 5.81
N TYR A 138 33.54 7.04 6.35
CA TYR A 138 32.99 8.15 5.55
C TYR A 138 34.03 9.18 5.07
N SER A 139 35.32 8.81 5.08
CA SER A 139 36.38 9.71 4.60
C SER A 139 36.39 9.81 3.07
N ASP A 140 37.00 10.88 2.58
CA ASP A 140 37.07 11.17 1.15
C ASP A 140 38.02 10.21 0.45
N PHE A 141 39.17 9.99 1.10
CA PHE A 141 40.20 9.08 0.59
C PHE A 141 39.63 7.70 0.40
N ARG A 142 38.87 7.24 1.40
CA ARG A 142 38.24 5.92 1.37
C ARG A 142 37.33 5.80 0.17
N PHE A 143 36.54 6.84 -0.09
CA PHE A 143 35.63 6.89 -1.22
C PHE A 143 36.39 6.66 -2.53
N TYR A 144 37.49 7.40 -2.65
CA TYR A 144 38.32 7.34 -3.85
C TYR A 144 38.87 5.94 -4.03
N TRP A 145 39.34 5.36 -2.93
CA TRP A 145 39.90 4.01 -2.91
C TRP A 145 38.85 3.01 -3.40
N ASP A 146 37.65 3.16 -2.89
CA ASP A 146 36.57 2.24 -3.24
C ASP A 146 36.24 2.37 -4.71
N LEU A 147 36.24 3.60 -5.23
CA LEU A 147 36.00 3.87 -6.65
C LEU A 147 37.04 3.14 -7.50
N ILE A 148 38.29 3.27 -7.07
CA ILE A 148 39.43 2.64 -7.75
C ILE A 148 39.22 1.12 -7.81
N MET A 149 38.83 0.57 -6.66
CA MET A 149 38.60 -0.86 -6.51
C MET A 149 37.53 -1.32 -7.49
N LEU A 150 36.44 -0.54 -7.56
CA LEU A 150 35.22 -0.98 -8.23
C LEU A 150 35.47 -1.24 -9.67
N ILE A 151 36.20 -0.34 -10.32
CA ILE A 151 36.52 -0.47 -11.75
C ILE A 151 37.34 -1.75 -11.95
N MET A 152 38.40 -1.83 -11.15
CA MET A 152 39.37 -2.92 -11.23
C MET A 152 38.68 -4.25 -11.02
N MET A 153 37.85 -4.28 -9.98
CA MET A 153 37.09 -5.47 -9.59
C MET A 153 36.21 -5.91 -10.74
N VAL A 154 35.51 -4.94 -11.33
CA VAL A 154 34.60 -5.17 -12.45
C VAL A 154 35.36 -5.82 -13.61
N GLY A 155 36.52 -5.24 -13.89
CA GLY A 155 37.38 -5.72 -14.98
C GLY A 155 37.76 -7.16 -14.75
N ASN A 156 38.16 -7.44 -13.52
CA ASN A 156 38.60 -8.78 -13.14
C ASN A 156 37.45 -9.77 -13.31
N LEU A 157 36.27 -9.36 -12.89
CA LEU A 157 35.10 -10.22 -12.99
C LEU A 157 34.79 -10.51 -14.45
N VAL A 158 34.90 -9.50 -15.29
CA VAL A 158 34.68 -9.64 -16.73
C VAL A 158 35.78 -10.49 -17.38
N ILE A 159 37.02 -10.08 -17.17
CA ILE A 159 38.19 -10.60 -17.91
C ILE A 159 38.67 -11.98 -17.45
N ILE A 160 38.74 -12.20 -16.14
CA ILE A 160 39.38 -13.40 -15.60
C ILE A 160 38.80 -14.71 -16.11
N PRO A 161 37.45 -14.87 -16.03
CA PRO A 161 36.83 -16.12 -16.43
C PRO A 161 37.12 -16.44 -17.89
N VAL A 162 37.00 -15.40 -18.72
CA VAL A 162 37.25 -15.51 -20.16
C VAL A 162 38.67 -16.01 -20.40
N GLY A 163 39.60 -15.38 -19.70
CA GLY A 163 41.03 -15.70 -19.78
C GLY A 163 41.26 -17.16 -19.44
N ILE A 164 40.63 -17.59 -18.35
CA ILE A 164 40.75 -18.95 -17.84
C ILE A 164 40.26 -19.93 -18.90
N THR A 165 39.13 -19.60 -19.50
CA THR A 165 38.46 -20.50 -20.44
C THR A 165 39.07 -20.57 -21.85
N PHE A 166 38.97 -19.46 -22.57
CA PHE A 166 39.20 -19.45 -24.01
C PHE A 166 40.67 -19.30 -24.43
N PHE A 167 41.54 -18.88 -23.51
CA PHE A 167 42.97 -18.78 -23.77
C PHE A 167 43.74 -19.92 -23.06
N THR A 168 44.23 -20.86 -23.85
CA THR A 168 45.07 -21.95 -23.34
C THR A 168 46.44 -21.46 -22.88
N GLU A 169 47.01 -20.51 -23.63
CA GLU A 169 48.28 -19.87 -23.25
C GLU A 169 48.07 -18.90 -22.08
N GLN A 170 47.96 -19.47 -20.88
CA GLN A 170 47.71 -18.70 -19.65
C GLN A 170 48.99 -18.37 -18.85
N THR A 171 50.15 -18.78 -19.37
CA THR A 171 51.45 -18.50 -18.75
C THR A 171 52.29 -17.48 -19.55
N THR A 172 51.66 -16.78 -20.49
CA THR A 172 52.34 -15.75 -21.29
C THR A 172 52.63 -14.49 -20.47
N THR A 173 53.51 -13.65 -20.99
CA THR A 173 54.02 -12.47 -20.28
C THR A 173 52.99 -11.43 -19.85
N PRO A 174 52.26 -10.85 -20.85
CA PRO A 174 51.38 -9.72 -20.56
C PRO A 174 50.30 -10.13 -19.58
N TRP A 175 49.74 -11.32 -19.80
CA TRP A 175 48.69 -11.87 -18.94
C TRP A 175 49.18 -11.98 -17.50
N ILE A 176 50.40 -12.53 -17.39
CA ILE A 176 51.06 -12.73 -16.10
C ILE A 176 51.21 -11.40 -15.38
N ILE A 177 51.68 -10.41 -16.13
CA ILE A 177 51.90 -9.05 -15.63
C ILE A 177 50.59 -8.48 -15.07
N PHE A 178 49.53 -8.67 -15.85
CA PHE A 178 48.19 -8.18 -15.51
C PHE A 178 47.76 -8.79 -14.18
N ASN A 179 47.97 -10.11 -14.08
CA ASN A 179 47.39 -10.89 -12.98
C ASN A 179 48.02 -10.45 -11.68
N VAL A 180 49.36 -10.42 -11.70
CA VAL A 180 50.15 -10.11 -10.51
C VAL A 180 49.80 -8.72 -9.99
N ALA A 181 49.71 -7.78 -10.92
CA ALA A 181 49.39 -6.38 -10.61
C ALA A 181 48.03 -6.30 -9.95
N SER A 182 47.07 -7.04 -10.54
CA SER A 182 45.70 -7.04 -10.00
C SER A 182 45.69 -7.57 -8.58
N ASP A 183 46.43 -8.65 -8.39
CA ASP A 183 46.55 -9.31 -7.08
C ASP A 183 47.09 -8.35 -6.06
N THR A 184 48.12 -7.58 -6.45
CA THR A 184 48.76 -6.60 -5.60
C THR A 184 47.74 -5.62 -5.04
N VAL A 185 46.91 -5.10 -5.94
CA VAL A 185 45.89 -4.11 -5.58
C VAL A 185 44.94 -4.71 -4.54
N PHE A 186 44.53 -5.94 -4.80
CA PHE A 186 43.60 -6.62 -3.90
C PHE A 186 44.22 -6.82 -2.52
N LEU A 187 45.50 -7.18 -2.51
CA LEU A 187 46.25 -7.37 -1.28
C LEU A 187 46.27 -6.06 -0.48
N LEU A 188 46.54 -4.97 -1.19
CA LEU A 188 46.58 -3.63 -0.59
C LEU A 188 45.23 -3.30 0.04
N ASP A 189 44.17 -3.59 -0.71
CA ASP A 189 42.81 -3.36 -0.26
C ASP A 189 42.53 -4.11 1.03
N LEU A 190 42.96 -5.37 1.07
CA LEU A 190 42.81 -6.23 2.23
C LEU A 190 43.47 -5.60 3.46
N ILE A 191 44.68 -5.12 3.24
CA ILE A 191 45.47 -4.46 4.30
C ILE A 191 44.72 -3.24 4.83
N MET A 192 44.20 -2.47 3.89
CA MET A 192 43.42 -1.26 4.18
C MET A 192 42.24 -1.57 5.11
N ASN A 193 41.51 -2.66 4.87
CA ASN A 193 40.32 -3.00 5.70
C ASN A 193 40.57 -3.00 7.22
N PHE A 194 41.79 -3.33 7.63
CA PHE A 194 42.21 -3.22 9.04
C PHE A 194 42.35 -1.76 9.48
N ARG A 195 42.93 -0.94 8.61
CA ARG A 195 43.00 0.51 8.81
C ARG A 195 41.63 1.19 8.72
N THR A 196 40.74 0.66 7.87
CA THR A 196 39.40 1.21 7.68
C THR A 196 38.49 0.94 8.88
N GLY A 197 37.81 1.98 9.36
CA GLY A 197 36.84 1.85 10.44
C GLY A 197 35.52 1.26 9.98
N THR A 198 34.84 0.55 10.90
CA THR A 198 33.55 -0.08 10.62
C THR A 198 32.39 0.68 11.26
N VAL A 199 31.20 0.57 10.66
CA VAL A 199 29.98 1.23 11.15
C VAL A 199 28.94 0.18 11.53
N ASN A 200 28.41 0.28 12.76
CA ASN A 200 27.41 -0.66 13.29
C ASN A 200 26.19 0.08 13.83
N SER A 203 24.90 2.53 15.72
CA SER A 203 25.65 3.32 16.71
C SER A 203 26.87 4.01 16.08
N SER A 204 27.73 4.59 16.92
CA SER A 204 28.95 5.26 16.46
C SER A 204 29.94 4.28 15.83
N GLU A 205 30.74 4.79 14.88
CA GLU A 205 31.69 3.96 14.14
C GLU A 205 32.88 3.52 14.99
N ILE A 206 33.29 2.26 14.83
CA ILE A 206 34.37 1.68 15.63
C ILE A 206 35.74 2.19 15.16
N ILE A 207 36.32 3.10 15.96
CA ILE A 207 37.60 3.74 15.64
C ILE A 207 38.81 3.12 16.37
N LEU A 208 38.59 2.16 17.26
CA LEU A 208 39.67 1.46 17.97
C LEU A 208 40.45 0.58 17.00
N ASP A 209 41.74 0.88 16.83
CA ASP A 209 42.55 0.29 15.77
C ASP A 209 42.91 -1.19 16.01
N PRO A 210 43.70 -1.49 17.06
CA PRO A 210 44.15 -2.88 17.25
C PRO A 210 43.06 -3.86 17.70
N LYS A 211 42.08 -3.37 18.47
CA LYS A 211 41.07 -4.21 19.11
C LYS A 211 39.77 -4.30 18.33
N VAL A 212 39.15 -3.16 18.05
CA VAL A 212 37.79 -3.11 17.49
C VAL A 212 37.73 -3.51 16.02
N ILE A 213 38.53 -2.84 15.19
CA ILE A 213 38.51 -3.06 13.75
C ILE A 213 39.12 -4.40 13.33
N LYS A 214 40.29 -4.73 13.90
CA LYS A 214 41.05 -5.92 13.51
C LYS A 214 40.41 -7.24 13.94
N MET A 215 39.96 -7.32 15.19
CA MET A 215 39.36 -8.53 15.75
C MET A 215 37.97 -8.83 15.18
N ASN A 216 37.20 -7.79 14.88
CA ASN A 216 35.86 -7.94 14.30
C ASN A 216 35.91 -8.39 12.84
N TYR A 217 36.77 -7.73 12.06
CA TYR A 217 36.95 -8.05 10.63
C TYR A 217 37.59 -9.42 10.40
N LEU A 218 38.51 -9.82 11.28
CA LEU A 218 39.17 -11.13 11.19
C LEU A 218 38.22 -12.33 11.39
N LYS A 219 37.11 -12.11 12.11
CA LYS A 219 36.09 -13.15 12.32
C LYS A 219 34.83 -12.99 11.46
N SER A 220 34.84 -12.02 10.53
CA SER A 220 33.65 -11.68 9.74
C SER A 220 33.82 -12.02 8.26
N TRP A 221 34.68 -11.28 7.56
CA TRP A 221 34.86 -11.42 6.10
C TRP A 221 36.30 -11.69 5.64
N PHE A 222 37.25 -11.82 6.57
CA PHE A 222 38.67 -11.95 6.20
C PHE A 222 39.01 -13.25 5.44
N VAL A 223 38.24 -14.31 5.63
CA VAL A 223 38.61 -15.62 5.13
C VAL A 223 38.52 -15.63 3.61
N VAL A 224 37.34 -15.22 3.13
CA VAL A 224 37.05 -15.17 1.71
C VAL A 224 38.04 -14.23 1.01
N ASP A 225 38.22 -13.08 1.63
CA ASP A 225 38.94 -11.97 1.03
C ASP A 225 40.38 -12.37 0.77
N PHE A 226 40.99 -13.00 1.79
CA PHE A 226 42.40 -13.38 1.77
C PHE A 226 42.67 -14.29 0.59
N ILE A 227 41.78 -15.28 0.43
CA ILE A 227 41.92 -16.28 -0.63
C ILE A 227 41.89 -15.59 -1.99
N SER A 228 40.94 -14.67 -2.12
CA SER A 228 40.75 -13.93 -3.37
C SER A 228 42.01 -13.14 -3.70
N SER A 229 42.56 -12.49 -2.67
CA SER A 229 43.67 -11.56 -2.87
C SER A 229 44.90 -12.27 -3.41
N ILE A 230 45.27 -13.38 -2.75
CA ILE A 230 46.50 -14.12 -3.09
C ILE A 230 46.40 -14.83 -4.46
N PRO A 231 47.51 -14.83 -5.23
CA PRO A 231 47.57 -15.62 -6.47
C PRO A 231 47.88 -17.09 -6.17
N VAL A 232 46.83 -17.91 -6.04
CA VAL A 232 46.97 -19.28 -5.55
C VAL A 232 47.58 -20.17 -6.62
N ASP A 233 47.14 -19.98 -7.85
CA ASP A 233 47.56 -20.82 -8.97
C ASP A 233 49.08 -20.75 -9.14
N TYR A 234 49.59 -19.52 -9.09
CA TYR A 234 51.02 -19.31 -9.26
C TYR A 234 51.80 -19.99 -8.14
N ILE A 235 51.27 -19.87 -6.92
CA ILE A 235 51.88 -20.49 -5.75
C ILE A 235 51.95 -22.01 -5.94
N PHE A 236 50.85 -22.56 -6.41
CA PHE A 236 50.74 -24.00 -6.67
C PHE A 236 51.80 -24.44 -7.67
N LEU A 237 51.93 -23.65 -8.74
CA LEU A 237 52.89 -23.91 -9.80
C LEU A 237 54.30 -23.93 -9.23
N ILE A 238 54.59 -22.93 -8.39
CA ILE A 238 55.88 -22.79 -7.73
C ILE A 238 56.20 -24.04 -6.91
N VAL A 239 55.19 -24.47 -6.15
CA VAL A 239 55.29 -25.66 -5.29
C VAL A 239 55.64 -26.88 -6.14
N GLU A 240 54.93 -27.01 -7.25
CA GLU A 240 55.12 -28.12 -8.18
C GLU A 240 56.56 -28.13 -8.69
N LYS A 241 57.03 -26.95 -9.07
CA LYS A 241 58.39 -26.76 -9.57
C LYS A 241 59.42 -27.23 -8.52
N GLY A 242 59.24 -26.78 -7.28
CA GLY A 242 60.16 -27.11 -6.18
C GLY A 242 59.69 -28.28 -5.35
N ARG A 252 52.05 -36.12 -17.32
CA ARG A 252 51.70 -35.60 -15.99
C ARG A 252 51.22 -34.13 -15.94
N ALA A 253 51.43 -33.36 -17.01
CA ALA A 253 51.21 -31.93 -17.01
C ALA A 253 49.74 -31.59 -17.19
N LEU A 254 49.03 -32.40 -17.96
CA LEU A 254 47.64 -32.11 -18.33
C LEU A 254 46.78 -31.97 -17.09
N ARG A 255 46.96 -32.93 -16.17
CA ARG A 255 46.21 -32.95 -14.91
C ARG A 255 46.46 -31.67 -14.12
N ILE A 256 47.73 -31.31 -14.06
CA ILE A 256 48.17 -30.11 -13.34
C ILE A 256 47.48 -28.87 -13.92
N VAL A 257 47.49 -28.81 -15.26
CA VAL A 257 46.88 -27.70 -15.99
C VAL A 257 45.40 -27.59 -15.65
N ARG A 258 44.75 -28.75 -15.64
CA ARG A 258 43.31 -28.83 -15.34
C ARG A 258 43.05 -28.28 -13.93
N PHE A 259 43.90 -28.70 -13.00
CA PHE A 259 43.78 -28.31 -11.60
C PHE A 259 43.91 -26.79 -11.48
N THR A 260 44.88 -26.23 -12.22
CA THR A 260 45.28 -24.84 -12.03
C THR A 260 44.14 -23.90 -12.31
N LYS A 261 43.36 -24.19 -13.35
CA LYS A 261 42.27 -23.32 -13.78
C LYS A 261 41.24 -23.17 -12.66
N ILE A 262 40.91 -24.30 -12.04
CA ILE A 262 39.94 -24.31 -10.94
C ILE A 262 40.45 -23.45 -9.79
N LEU A 263 41.74 -23.60 -9.48
CA LEU A 263 42.36 -22.83 -8.41
C LEU A 263 42.27 -21.33 -8.70
N SER A 264 42.56 -20.99 -9.95
CA SER A 264 42.51 -19.61 -10.42
C SER A 264 41.11 -19.04 -10.23
N LEU A 265 40.10 -19.83 -10.59
CA LEU A 265 38.70 -19.44 -10.33
C LEU A 265 38.42 -18.91 -8.90
N LEU A 266 39.25 -19.22 -7.91
CA LEU A 266 39.13 -18.59 -6.57
C LEU A 266 39.22 -17.05 -6.59
N ARG A 267 39.93 -16.50 -7.58
CA ARG A 267 40.03 -15.05 -7.75
C ARG A 267 38.68 -14.36 -8.08
N LEU A 268 37.69 -15.13 -8.54
CA LEU A 268 36.33 -14.63 -8.77
C LEU A 268 35.51 -14.38 -7.50
N LEU A 269 35.99 -14.87 -6.35
CA LEU A 269 35.32 -14.61 -5.05
C LEU A 269 35.41 -13.16 -4.55
N ARG A 270 36.12 -12.29 -5.28
CA ARG A 270 36.13 -10.85 -5.01
C ARG A 270 34.75 -10.19 -5.20
N LEU A 271 33.84 -10.88 -5.89
CA LEU A 271 32.50 -10.40 -6.17
C LEU A 271 31.80 -9.99 -4.90
N SER A 272 31.97 -10.78 -3.84
CA SER A 272 31.35 -10.54 -2.55
C SER A 272 31.73 -9.16 -2.02
N ARG A 273 33.04 -8.90 -2.09
CA ARG A 273 33.61 -7.63 -1.62
C ARG A 273 33.01 -6.48 -2.39
N LEU A 274 32.93 -6.66 -3.71
CA LEU A 274 32.36 -5.65 -4.62
C LEU A 274 30.94 -5.32 -4.20
N ILE A 275 30.17 -6.39 -3.95
CA ILE A 275 28.77 -6.28 -3.56
C ILE A 275 28.65 -5.46 -2.28
N ARG A 276 29.51 -5.80 -1.32
CA ARG A 276 29.55 -5.13 -0.02
C ARG A 276 29.79 -3.64 -0.20
N TYR A 277 30.78 -3.34 -1.06
CA TYR A 277 31.17 -1.96 -1.33
C TYR A 277 29.99 -1.19 -1.92
N ILE A 278 29.32 -1.84 -2.87
CA ILE A 278 28.17 -1.24 -3.56
C ILE A 278 27.08 -0.92 -2.53
N HIS A 279 26.83 -1.87 -1.64
CA HIS A 279 25.79 -1.71 -0.63
C HIS A 279 26.13 -0.56 0.28
N GLN A 280 27.41 -0.44 0.65
CA GLN A 280 27.88 0.66 1.50
C GLN A 280 27.65 2.02 0.82
N TRP A 281 28.25 2.16 -0.36
CA TRP A 281 28.27 3.44 -1.04
C TRP A 281 26.90 3.84 -1.53
N GLU A 282 26.04 2.86 -1.86
CA GLU A 282 24.70 3.22 -2.31
C GLU A 282 23.92 3.88 -1.20
N GLU A 283 24.08 3.40 0.03
CA GLU A 283 23.43 4.01 1.19
C GLU A 283 23.87 5.47 1.34
N ILE A 284 25.17 5.68 1.18
CA ILE A 284 25.76 7.02 1.25
C ILE A 284 25.15 7.93 0.17
N PHE A 285 25.07 7.38 -1.05
CA PHE A 285 24.49 8.08 -2.21
C PHE A 285 22.98 8.39 -2.10
N HIS A 286 22.25 7.65 -1.27
CA HIS A 286 20.87 8.02 -0.92
C HIS A 286 20.84 9.29 -0.07
N MET A 287 21.75 9.36 0.91
CA MET A 287 21.87 10.53 1.79
C MET A 287 22.59 11.74 1.16
N THR A 288 23.12 11.61 -0.06
CA THR A 288 23.61 12.75 -0.83
C THR A 288 22.54 13.28 -1.79
N TYR A 289 22.30 12.53 -2.88
CA TYR A 289 21.61 13.05 -4.06
C TYR A 289 20.11 12.74 -4.18
N ASP A 290 19.52 12.14 -3.14
CA ASP A 290 18.08 11.82 -3.11
C ASP A 290 17.68 10.95 -4.31
N LEU A 291 18.28 9.77 -4.37
CA LEU A 291 18.03 8.82 -5.47
C LEU A 291 16.72 8.06 -5.26
N ALA A 292 16.04 7.76 -6.36
CA ALA A 292 14.89 6.86 -6.33
C ALA A 292 15.40 5.43 -6.07
N SER A 293 14.82 4.77 -5.07
CA SER A 293 15.34 3.51 -4.55
C SER A 293 15.21 2.41 -5.59
N ALA A 294 14.01 2.38 -6.19
CA ALA A 294 13.62 1.33 -7.11
C ALA A 294 14.58 1.26 -8.28
N VAL A 295 14.89 2.43 -8.83
CA VAL A 295 15.79 2.56 -9.98
C VAL A 295 17.15 1.95 -9.63
N VAL A 296 17.64 2.34 -8.46
CA VAL A 296 18.94 1.89 -7.96
C VAL A 296 18.96 0.37 -7.86
N ARG A 297 17.88 -0.16 -7.29
CA ARG A 297 17.75 -1.59 -7.08
C ARG A 297 17.77 -2.32 -8.42
N ILE A 298 17.05 -1.76 -9.39
CA ILE A 298 16.95 -2.40 -10.70
C ILE A 298 18.32 -2.40 -11.35
N PHE A 299 19.05 -1.29 -11.22
CA PHE A 299 20.33 -1.16 -11.93
C PHE A 299 21.32 -2.19 -11.43
N ASN A 300 21.34 -2.34 -10.10
CA ASN A 300 22.22 -3.32 -9.44
C ASN A 300 21.92 -4.71 -9.95
N LEU A 301 20.62 -5.02 -10.00
CA LEU A 301 20.15 -6.33 -10.45
C LEU A 301 20.60 -6.60 -11.86
N ILE A 302 20.47 -5.58 -12.72
CA ILE A 302 20.86 -5.67 -14.13
C ILE A 302 22.35 -6.02 -14.22
N GLY A 303 23.14 -5.31 -13.43
CA GLY A 303 24.59 -5.52 -13.39
C GLY A 303 24.92 -6.95 -13.01
N MET A 304 24.23 -7.40 -11.96
CA MET A 304 24.41 -8.75 -11.41
C MET A 304 24.01 -9.75 -12.47
N MET A 305 22.88 -9.50 -13.09
CA MET A 305 22.26 -10.44 -14.04
C MET A 305 23.21 -10.69 -15.20
N LEU A 306 23.71 -9.57 -15.73
CA LEU A 306 24.63 -9.62 -16.89
C LEU A 306 25.87 -10.40 -16.52
N LEU A 307 26.39 -10.12 -15.32
CA LEU A 307 27.59 -10.78 -14.81
C LEU A 307 27.38 -12.30 -14.77
N LEU A 308 26.22 -12.67 -14.23
CA LEU A 308 25.86 -14.08 -14.07
C LEU A 308 25.79 -14.74 -15.42
N CYS A 309 25.17 -14.06 -16.38
CA CYS A 309 25.04 -14.55 -17.76
C CYS A 309 26.41 -14.83 -18.35
N HIS A 310 27.30 -13.86 -18.15
CA HIS A 310 28.67 -13.93 -18.66
C HIS A 310 29.37 -15.17 -18.09
N TRP A 311 29.21 -15.33 -16.78
CA TRP A 311 29.82 -16.45 -16.06
C TRP A 311 29.31 -17.78 -16.61
N ASP A 312 28.01 -17.83 -16.84
CA ASP A 312 27.35 -19.03 -17.38
C ASP A 312 27.93 -19.36 -18.74
N GLY A 313 28.08 -18.34 -19.57
CA GLY A 313 28.65 -18.48 -20.91
C GLY A 313 30.04 -19.07 -20.83
N CYS A 314 30.83 -18.50 -19.93
CA CYS A 314 32.20 -18.96 -19.71
C CYS A 314 32.15 -20.41 -19.18
N LEU A 315 31.29 -20.58 -18.18
CA LEU A 315 31.19 -21.82 -17.42
C LEU A 315 30.84 -22.97 -18.32
N GLN A 316 29.88 -22.74 -19.21
CA GLN A 316 29.41 -23.79 -20.12
C GLN A 316 30.56 -24.26 -21.01
N PHE A 317 31.31 -23.31 -21.54
CA PHE A 317 32.44 -23.69 -22.40
C PHE A 317 33.50 -24.44 -21.58
N LEU A 318 33.72 -23.96 -20.38
CA LEU A 318 34.79 -24.36 -19.50
C LEU A 318 34.73 -25.82 -19.17
N VAL A 319 33.53 -26.36 -18.96
CA VAL A 319 33.42 -27.75 -18.52
C VAL A 319 33.98 -28.67 -19.59
N PRO A 320 33.68 -28.40 -20.86
CA PRO A 320 34.22 -29.18 -21.96
C PRO A 320 35.74 -29.16 -21.97
N LEU A 321 36.29 -27.98 -21.76
CA LEU A 321 37.75 -27.79 -21.70
C LEU A 321 38.35 -28.65 -20.59
N LEU A 322 37.69 -28.59 -19.44
CA LEU A 322 38.12 -29.33 -18.26
C LEU A 322 38.00 -30.83 -18.55
N GLN A 323 36.88 -31.21 -19.17
CA GLN A 323 36.58 -32.60 -19.51
C GLN A 323 37.24 -33.07 -20.84
N ASP A 324 38.08 -32.22 -21.45
CA ASP A 324 38.87 -32.56 -22.64
C ASP A 324 38.06 -32.73 -23.94
N PHE A 325 37.02 -31.91 -24.09
CA PHE A 325 36.15 -31.89 -25.27
C PHE A 325 35.65 -33.28 -25.69
N PRO A 326 34.80 -33.91 -24.84
CA PRO A 326 34.23 -35.21 -25.20
C PRO A 326 33.24 -35.04 -26.36
N PRO A 327 33.17 -36.05 -27.27
CA PRO A 327 32.44 -35.91 -28.53
C PRO A 327 30.93 -35.69 -28.38
N ASP A 328 30.36 -36.12 -27.26
CA ASP A 328 28.95 -35.86 -26.93
C ASP A 328 28.67 -34.49 -26.27
N CYS A 329 29.65 -33.59 -26.24
CA CYS A 329 29.44 -32.21 -25.75
C CYS A 329 28.94 -31.31 -26.86
N TRP A 330 28.42 -30.14 -26.49
CA TRP A 330 27.88 -29.18 -27.47
C TRP A 330 28.93 -28.50 -28.34
N VAL A 331 30.17 -28.43 -27.88
CA VAL A 331 31.24 -27.79 -28.64
C VAL A 331 31.71 -28.70 -29.78
N SER A 332 31.85 -29.98 -29.48
CA SER A 332 32.29 -30.98 -30.46
C SER A 332 31.22 -31.33 -31.51
N LEU A 333 29.94 -31.29 -31.12
CA LEU A 333 28.84 -31.57 -32.06
C LEU A 333 28.66 -30.49 -33.13
N ASN A 334 28.92 -29.23 -32.76
CA ASN A 334 28.89 -28.12 -33.71
C ASN A 334 30.19 -27.98 -34.51
N GLU A 335 31.25 -28.67 -34.08
CA GLU A 335 32.55 -28.69 -34.75
C GLU A 335 33.21 -27.31 -34.71
N MET A 336 33.18 -26.68 -33.53
CA MET A 336 33.74 -25.34 -33.33
C MET A 336 34.75 -25.33 -32.16
N VAL A 337 35.57 -26.37 -32.11
CA VAL A 337 36.66 -26.47 -31.13
C VAL A 337 37.83 -25.63 -31.62
N ASN A 338 38.18 -25.81 -32.89
CA ASN A 338 39.30 -25.09 -33.52
C ASN A 338 38.96 -23.68 -34.02
N ASP A 339 37.68 -23.28 -33.93
CA ASP A 339 37.27 -21.91 -34.25
C ASP A 339 37.89 -20.90 -33.29
N SER A 340 37.88 -19.62 -33.69
CA SER A 340 38.50 -18.55 -32.90
C SER A 340 37.83 -18.38 -31.55
N TRP A 341 38.57 -17.81 -30.60
CA TRP A 341 38.10 -17.71 -29.21
C TRP A 341 36.79 -16.93 -29.16
N GLY A 342 36.76 -15.82 -29.89
CA GLY A 342 35.70 -14.84 -29.79
C GLY A 342 34.37 -15.45 -30.17
N LYS A 343 34.39 -16.16 -31.29
CA LYS A 343 33.19 -16.82 -31.83
C LYS A 343 32.64 -17.79 -30.82
N GLN A 344 33.55 -18.59 -30.25
CA GLN A 344 33.21 -19.60 -29.26
C GLN A 344 32.53 -18.96 -28.07
N TYR A 345 33.13 -17.86 -27.61
CA TYR A 345 32.63 -17.11 -26.45
C TYR A 345 31.22 -16.63 -26.71
N SER A 346 31.04 -16.08 -27.91
CA SER A 346 29.75 -15.53 -28.33
C SER A 346 28.70 -16.61 -28.30
N TYR A 347 29.06 -17.77 -28.86
CA TYR A 347 28.11 -18.89 -28.94
C TYR A 347 27.75 -19.34 -27.53
N ALA A 348 28.79 -19.46 -26.70
CA ALA A 348 28.64 -19.90 -25.31
C ALA A 348 27.74 -18.92 -24.57
N LEU A 349 28.05 -17.63 -24.78
CA LEU A 349 27.30 -16.54 -24.13
C LEU A 349 25.85 -16.60 -24.54
N PHE A 350 25.62 -16.82 -25.83
CA PHE A 350 24.28 -16.91 -26.40
C PHE A 350 23.50 -18.03 -25.72
N LYS A 351 24.17 -19.17 -25.60
CA LYS A 351 23.60 -20.36 -24.98
C LYS A 351 23.18 -20.06 -23.54
N ALA A 352 24.08 -19.40 -22.82
CA ALA A 352 23.84 -19.02 -21.43
C ALA A 352 22.58 -18.10 -21.34
N MET A 353 22.60 -17.14 -22.23
CA MET A 353 21.64 -16.05 -22.24
C MET A 353 20.26 -16.58 -22.51
N SER A 354 20.15 -17.54 -23.43
CA SER A 354 18.86 -18.14 -23.78
C SER A 354 18.22 -18.76 -22.52
N HIS A 355 19.05 -19.49 -21.78
CA HIS A 355 18.58 -20.13 -20.56
C HIS A 355 18.09 -19.11 -19.55
N MET A 356 18.84 -18.03 -19.42
CA MET A 356 18.46 -16.93 -18.53
C MET A 356 17.11 -16.34 -18.90
N LEU A 357 16.90 -16.01 -20.16
CA LEU A 357 15.67 -15.32 -20.60
C LEU A 357 14.59 -16.26 -21.12
N CYS A 358 14.81 -17.58 -20.99
CA CYS A 358 13.80 -18.61 -21.21
C CYS A 358 13.38 -18.78 -22.68
N ILE A 359 14.37 -18.78 -23.58
CA ILE A 359 14.12 -18.87 -25.03
C ILE A 359 14.18 -20.31 -25.50
N GLY A 360 15.34 -20.93 -25.34
CA GLY A 360 15.57 -22.28 -25.85
C GLY A 360 16.94 -22.83 -25.51
N TYR A 361 17.37 -23.84 -26.28
CA TYR A 361 18.66 -24.50 -26.10
C TYR A 361 19.65 -23.94 -27.13
N GLY A 362 20.77 -24.62 -27.36
CA GLY A 362 21.70 -24.27 -28.42
C GLY A 362 21.25 -24.85 -29.76
N ALA A 363 22.17 -25.55 -30.42
CA ALA A 363 21.87 -26.25 -31.68
C ALA A 363 20.92 -27.43 -31.46
N GLN A 364 21.21 -28.24 -30.44
CA GLN A 364 20.38 -29.37 -30.05
C GLN A 364 20.27 -29.45 -28.53
N ALA A 365 19.30 -30.24 -28.05
CA ALA A 365 19.17 -30.53 -26.63
C ALA A 365 20.37 -31.35 -26.16
N PRO A 366 20.87 -31.09 -24.93
CA PRO A 366 22.11 -31.71 -24.45
C PRO A 366 22.04 -33.24 -24.41
N VAL A 367 23.11 -33.89 -24.89
CA VAL A 367 23.16 -35.35 -25.00
C VAL A 367 23.89 -35.95 -23.79
N SER A 368 25.10 -35.46 -23.53
CA SER A 368 25.92 -35.96 -22.41
C SER A 368 25.39 -35.44 -21.08
N MET A 369 25.61 -36.21 -20.02
CA MET A 369 25.02 -35.94 -18.71
C MET A 369 25.57 -34.65 -18.14
N SER A 370 26.88 -34.47 -18.28
CA SER A 370 27.59 -33.32 -17.73
C SER A 370 27.01 -32.02 -18.28
N ASP A 371 26.85 -32.02 -19.59
CA ASP A 371 26.29 -30.86 -20.32
C ASP A 371 24.89 -30.56 -19.80
N LEU A 372 24.12 -31.63 -19.71
CA LEU A 372 22.71 -31.59 -19.35
C LEU A 372 22.53 -30.94 -17.99
N TRP A 373 23.34 -31.42 -17.05
CA TRP A 373 23.26 -30.94 -15.67
C TRP A 373 23.62 -29.47 -15.61
N ILE A 374 24.65 -29.09 -16.38
CA ILE A 374 25.09 -27.69 -16.45
C ILE A 374 23.95 -26.81 -16.95
N THR A 375 23.29 -27.29 -18.00
CA THR A 375 22.17 -26.58 -18.62
C THR A 375 21.07 -26.36 -17.60
N MET A 376 20.77 -27.43 -16.87
CA MET A 376 19.74 -27.40 -15.84
C MET A 376 20.05 -26.35 -14.79
N LEU A 377 21.32 -26.35 -14.37
CA LEU A 377 21.81 -25.41 -13.36
C LEU A 377 21.62 -23.98 -13.84
N SER A 378 21.99 -23.76 -15.10
CA SER A 378 21.88 -22.45 -15.73
C SER A 378 20.43 -21.97 -15.74
N MET A 379 19.55 -22.90 -16.11
CA MET A 379 18.11 -22.64 -16.16
C MET A 379 17.60 -22.23 -14.81
N ILE A 380 18.03 -22.96 -13.78
CA ILE A 380 17.63 -22.68 -12.40
C ILE A 380 18.07 -21.27 -12.00
N VAL A 381 19.32 -20.98 -12.33
CA VAL A 381 19.92 -19.67 -12.03
C VAL A 381 19.15 -18.59 -12.80
N GLY A 382 18.91 -18.90 -14.06
CA GLY A 382 18.45 -17.93 -15.04
C GLY A 382 17.04 -17.54 -14.69
N ALA A 383 16.20 -18.56 -14.53
CA ALA A 383 14.76 -18.37 -14.33
C ALA A 383 14.50 -17.53 -13.10
N THR A 384 15.21 -17.88 -12.03
CA THR A 384 15.08 -17.18 -10.75
C THR A 384 15.44 -15.72 -10.92
N CYS A 385 16.56 -15.50 -11.62
CA CYS A 385 17.05 -14.14 -11.89
C CYS A 385 16.01 -13.33 -12.63
N TYR A 386 15.42 -13.97 -13.65
CA TYR A 386 14.39 -13.34 -14.47
C TYR A 386 13.21 -12.93 -13.62
N ALA A 387 12.80 -13.84 -12.74
CA ALA A 387 11.68 -13.61 -11.82
C ALA A 387 11.96 -12.39 -10.95
N MET A 388 13.18 -12.36 -10.42
CA MET A 388 13.63 -11.27 -9.56
C MET A 388 13.57 -9.95 -10.31
N PHE A 389 14.05 -9.97 -11.55
CA PHE A 389 14.05 -8.80 -12.42
C PHE A 389 12.65 -8.29 -12.62
N VAL A 390 11.74 -9.21 -12.89
CA VAL A 390 10.32 -8.90 -13.11
C VAL A 390 9.75 -8.19 -11.89
N GLY A 391 10.06 -8.76 -10.72
CA GLY A 391 9.61 -8.22 -9.44
C GLY A 391 10.09 -6.78 -9.27
N HIS A 392 11.36 -6.60 -9.57
CA HIS A 392 12.03 -5.30 -9.46
C HIS A 392 11.34 -4.29 -10.35
N ALA A 393 11.06 -4.72 -11.58
CA ALA A 393 10.39 -3.89 -12.59
C ALA A 393 9.05 -3.43 -12.08
N THR A 394 8.31 -4.40 -11.52
CA THR A 394 6.97 -4.15 -10.97
C THR A 394 7.05 -3.06 -9.89
N ALA A 395 8.03 -3.25 -9.00
CA ALA A 395 8.26 -2.33 -7.89
C ALA A 395 8.51 -0.92 -8.41
N LEU A 396 9.37 -0.85 -9.42
CA LEU A 396 9.77 0.41 -10.04
C LEU A 396 8.54 1.10 -10.61
N ILE A 397 7.73 0.33 -11.31
CA ILE A 397 6.55 0.85 -12.00
C ILE A 397 5.59 1.41 -10.97
N GLN A 398 5.40 0.68 -9.88
CA GLN A 398 4.47 1.12 -8.84
C GLN A 398 4.97 2.42 -8.22
N SER A 399 6.29 2.50 -8.00
CA SER A 399 6.90 3.70 -7.44
C SER A 399 6.65 4.90 -8.35
N LEU A 400 6.81 4.68 -9.65
CA LEU A 400 6.82 5.78 -10.61
C LEU A 400 5.51 6.56 -10.63
N ASP A 401 4.38 5.85 -10.68
CA ASP A 401 3.06 6.50 -10.69
C ASP A 401 2.36 6.52 -9.31
N SER A 402 3.14 6.42 -8.23
CA SER A 402 2.60 6.34 -6.88
C SER A 402 1.85 7.61 -6.47
N SER A 403 2.39 8.76 -6.86
CA SER A 403 1.74 10.05 -6.61
C SER A 403 0.36 10.16 -7.29
N ARG A 404 0.28 9.67 -8.52
CA ARG A 404 -0.95 9.70 -9.33
C ARG A 404 -1.94 8.66 -8.81
N ARG A 405 -1.42 7.46 -8.57
CA ARG A 405 -2.21 6.32 -8.13
C ARG A 405 -2.95 6.65 -6.84
N GLN A 406 -2.20 7.24 -5.91
CA GLN A 406 -2.70 7.53 -4.58
C GLN A 406 -3.92 8.41 -4.63
N TYR A 407 -3.83 9.45 -5.47
CA TYR A 407 -4.93 10.42 -5.65
C TYR A 407 -6.20 9.69 -6.11
N GLN A 408 -5.99 8.84 -7.11
CA GLN A 408 -7.10 8.07 -7.69
C GLN A 408 -7.75 7.19 -6.64
N GLU A 409 -6.89 6.54 -5.84
CA GLU A 409 -7.35 5.66 -4.77
C GLU A 409 -8.22 6.44 -3.78
N LYS A 410 -7.73 7.62 -3.42
CA LYS A 410 -8.42 8.50 -2.47
C LYS A 410 -9.80 8.86 -3.02
N TYR A 411 -9.81 9.22 -4.31
CA TYR A 411 -11.06 9.62 -4.96
C TYR A 411 -12.05 8.48 -4.97
N LYS A 412 -11.56 7.25 -5.21
CA LYS A 412 -12.38 6.06 -5.23
C LYS A 412 -13.21 5.93 -3.95
N GLN A 413 -12.58 6.24 -2.82
CA GLN A 413 -13.25 6.22 -1.53
C GLN A 413 -14.43 7.18 -1.52
N VAL A 414 -14.21 8.36 -2.06
CA VAL A 414 -15.24 9.41 -2.13
C VAL A 414 -16.44 8.88 -2.94
N GLU A 415 -16.11 8.26 -4.08
CA GLU A 415 -17.12 7.69 -4.97
C GLU A 415 -17.95 6.65 -4.23
N GLN A 416 -17.25 5.79 -3.50
CA GLN A 416 -17.88 4.73 -2.72
C GLN A 416 -18.83 5.31 -1.70
N TYR A 417 -18.39 6.36 -1.03
CA TYR A 417 -19.19 7.08 -0.02
C TYR A 417 -20.49 7.56 -0.65
N MET A 418 -20.34 8.19 -1.82
CA MET A 418 -21.49 8.71 -2.56
C MET A 418 -22.48 7.60 -2.88
N SER A 419 -21.93 6.50 -3.36
CA SER A 419 -22.71 5.31 -3.72
C SER A 419 -23.51 4.82 -2.52
N PHE A 420 -22.85 4.76 -1.37
CA PHE A 420 -23.45 4.34 -0.12
C PHE A 420 -24.71 5.16 0.21
N HIS A 421 -24.62 6.48 0.10
CA HIS A 421 -25.78 7.34 0.37
C HIS A 421 -26.75 7.49 -0.81
N LYS A 422 -26.33 7.02 -2.00
CA LYS A 422 -27.17 6.98 -3.20
C LYS A 422 -27.56 8.39 -3.63
N LEU A 423 -26.55 9.22 -3.82
CA LEU A 423 -26.77 10.63 -4.14
C LEU A 423 -27.19 10.82 -5.60
N PRO A 424 -27.93 11.91 -5.90
CA PRO A 424 -28.31 12.23 -7.28
C PRO A 424 -27.10 12.52 -8.16
N ALA A 425 -27.24 12.27 -9.46
CA ALA A 425 -26.14 12.41 -10.40
C ALA A 425 -25.61 13.83 -10.42
N ASP A 426 -26.52 14.80 -10.39
CA ASP A 426 -26.20 16.21 -10.41
C ASP A 426 -25.27 16.57 -9.23
N MET A 427 -25.70 16.10 -8.07
CA MET A 427 -24.99 16.33 -6.81
C MET A 427 -23.58 15.76 -6.90
N ARG A 428 -23.50 14.54 -7.44
CA ARG A 428 -22.23 13.83 -7.61
C ARG A 428 -21.30 14.64 -8.49
N GLN A 429 -21.86 15.15 -9.59
CA GLN A 429 -21.11 15.96 -10.55
C GLN A 429 -20.53 17.19 -9.87
N LYS A 430 -21.38 17.84 -9.06
CA LYS A 430 -20.99 19.03 -8.31
C LYS A 430 -19.79 18.72 -7.41
N ILE A 431 -19.93 17.60 -6.71
CA ILE A 431 -18.88 17.17 -5.77
C ILE A 431 -17.56 16.95 -6.51
N HIS A 432 -17.67 16.29 -7.66
CA HIS A 432 -16.51 15.98 -8.51
C HIS A 432 -15.81 17.27 -8.91
N ASP A 433 -16.64 18.24 -9.33
CA ASP A 433 -16.14 19.55 -9.77
C ASP A 433 -15.38 20.22 -8.65
N TYR A 434 -15.98 20.17 -7.46
CA TYR A 434 -15.39 20.77 -6.25
C TYR A 434 -14.03 20.15 -5.98
N TYR A 435 -13.99 18.83 -6.07
CA TYR A 435 -12.75 18.08 -5.81
C TYR A 435 -11.67 18.51 -6.78
N GLU A 436 -12.06 18.62 -8.05
CA GLU A 436 -11.15 19.01 -9.12
C GLU A 436 -10.57 20.40 -8.83
N HIS A 437 -11.45 21.30 -8.42
CA HIS A 437 -11.02 22.66 -8.17
C HIS A 437 -10.07 22.71 -6.97
N ARG A 438 -10.36 21.91 -5.96
CA ARG A 438 -9.72 22.03 -4.65
C ARG A 438 -8.29 21.52 -4.69
N TYR A 439 -8.13 20.27 -5.11
CA TYR A 439 -6.85 19.58 -5.07
C TYR A 439 -6.08 19.59 -6.40
N GLN A 440 -6.80 19.76 -7.52
CA GLN A 440 -6.19 19.81 -8.86
C GLN A 440 -5.39 18.54 -9.19
N GLY A 441 -5.97 17.39 -8.85
CA GLY A 441 -5.35 16.10 -9.11
C GLY A 441 -4.11 15.78 -8.30
N LYS A 442 -3.95 16.43 -7.14
CA LYS A 442 -2.76 16.30 -6.30
C LYS A 442 -3.14 15.91 -4.88
N ILE A 443 -2.82 14.67 -4.51
CA ILE A 443 -3.03 14.20 -3.14
C ILE A 443 -2.01 14.80 -2.17
N PHE A 444 -2.52 15.41 -1.10
CA PHE A 444 -1.71 15.88 0.03
C PHE A 444 -2.62 16.26 1.19
N ASP A 445 -2.09 16.20 2.41
CA ASP A 445 -2.83 16.59 3.61
C ASP A 445 -2.11 17.76 4.27
N GLU A 446 -2.64 18.97 4.10
CA GLU A 446 -2.04 20.20 4.65
C GLU A 446 -1.84 20.11 6.16
N GLU A 447 -2.86 19.61 6.85
CA GLU A 447 -2.84 19.41 8.30
C GLU A 447 -1.59 18.67 8.79
N ASN A 448 -1.12 17.69 8.02
CA ASN A 448 0.01 16.86 8.45
C ASN A 448 1.32 17.59 8.15
N ILE A 449 1.41 18.05 6.90
CA ILE A 449 2.65 18.62 6.37
C ILE A 449 3.03 19.85 7.20
N LEU A 450 2.04 20.70 7.45
CA LEU A 450 2.27 21.92 8.20
C LEU A 450 2.74 21.60 9.61
N ASN A 451 2.11 20.59 10.22
CA ASN A 451 2.49 20.14 11.57
C ASN A 451 3.94 19.70 11.58
N GLU A 452 4.31 18.93 10.57
CA GLU A 452 5.68 18.44 10.41
C GLU A 452 6.68 19.59 10.35
N LEU A 453 6.36 20.65 9.61
CA LEU A 453 7.24 21.83 9.52
C LEU A 453 7.33 22.61 10.83
N ASN A 454 8.40 23.40 10.97
CA ASN A 454 8.57 24.31 12.12
C ASN A 454 7.87 25.65 11.87
N ASP A 455 7.91 26.56 12.84
CA ASP A 455 7.16 27.80 12.80
C ASP A 455 7.59 28.77 11.70
N PRO A 456 8.91 29.04 11.60
CA PRO A 456 9.40 30.02 10.64
C PRO A 456 9.03 29.62 9.22
N LEU A 457 9.24 28.33 8.94
CA LEU A 457 8.94 27.79 7.61
C LEU A 457 7.48 27.97 7.28
N ARG A 458 6.63 27.66 8.28
CA ARG A 458 5.17 27.79 8.14
C ARG A 458 4.80 29.22 7.80
N GLU A 459 5.42 30.14 8.54
CA GLU A 459 5.19 31.58 8.36
C GLU A 459 5.53 31.99 6.94
N GLU A 460 6.69 31.52 6.49
CA GLU A 460 7.20 31.81 5.15
C GLU A 460 6.20 31.34 4.09
N ILE A 461 5.72 30.11 4.29
CA ILE A 461 4.82 29.48 3.34
C ILE A 461 3.52 30.27 3.30
N VAL A 462 3.00 30.55 4.49
CA VAL A 462 1.74 31.28 4.66
C VAL A 462 1.83 32.63 3.99
N ASN A 463 2.95 33.31 4.24
CA ASN A 463 3.19 34.65 3.69
C ASN A 463 3.17 34.59 2.17
N PHE A 464 3.85 33.57 1.63
CA PHE A 464 3.92 33.41 0.18
C PHE A 464 2.53 33.19 -0.41
N ASN A 465 1.75 32.36 0.28
CA ASN A 465 0.38 32.06 -0.14
C ASN A 465 -0.46 33.33 -0.17
N CYS A 466 -0.41 34.10 0.91
CA CYS A 466 -1.25 35.27 1.08
C CYS A 466 -0.52 36.59 0.83
N ARG A 467 0.60 36.57 0.11
CA ARG A 467 1.35 37.80 -0.20
C ARG A 467 0.46 38.77 -0.97
N LYS A 468 -0.21 38.22 -1.98
CA LYS A 468 -1.08 39.00 -2.86
C LYS A 468 -2.18 39.65 -2.05
N LEU A 469 -2.78 38.86 -1.17
CA LEU A 469 -3.88 39.31 -0.29
C LEU A 469 -3.39 40.48 0.55
N VAL A 470 -2.21 40.31 1.13
CA VAL A 470 -1.60 41.33 2.00
C VAL A 470 -1.42 42.64 1.22
N ALA A 471 -0.91 42.49 0.00
CA ALA A 471 -0.65 43.62 -0.89
C ALA A 471 -1.95 44.37 -1.16
N THR A 472 -3.00 43.59 -1.45
CA THR A 472 -4.31 44.14 -1.74
C THR A 472 -4.86 44.93 -0.56
N MET A 473 -4.85 44.33 0.63
CA MET A 473 -5.58 44.88 1.78
C MET A 473 -4.93 46.14 2.35
N PRO A 474 -5.74 47.17 2.67
CA PRO A 474 -5.20 48.40 3.24
C PRO A 474 -4.78 48.28 4.71
N LEU A 475 -5.51 47.48 5.49
CA LEU A 475 -5.21 47.29 6.91
C LEU A 475 -3.89 46.55 7.17
N PHE A 476 -3.60 45.54 6.35
CA PHE A 476 -2.46 44.65 6.57
C PHE A 476 -1.09 45.30 6.35
N ALA A 477 -0.99 46.18 5.35
CA ALA A 477 0.28 46.85 5.01
C ALA A 477 0.73 47.87 6.07
N ASN A 478 -0.22 48.64 6.61
CA ASN A 478 0.08 49.69 7.59
C ASN A 478 0.44 49.15 8.98
N ALA A 479 -0.27 48.12 9.43
CA ALA A 479 -0.08 47.54 10.77
C ALA A 479 1.24 46.78 10.91
N ASP A 480 1.58 46.44 12.15
CA ASP A 480 2.82 45.72 12.46
C ASP A 480 2.86 44.33 11.78
N PRO A 481 4.05 43.88 11.31
CA PRO A 481 4.13 42.59 10.64
C PRO A 481 3.82 41.43 11.55
N ASN A 482 4.07 41.58 12.86
CA ASN A 482 3.76 40.54 13.84
C ASN A 482 2.28 40.21 13.81
N PHE A 483 1.46 41.26 13.78
CA PHE A 483 0.00 41.13 13.74
C PHE A 483 -0.42 40.34 12.51
N VAL A 484 0.19 40.72 11.38
CA VAL A 484 -0.08 40.08 10.09
C VAL A 484 0.21 38.58 10.17
N THR A 485 1.37 38.28 10.75
CA THR A 485 1.83 36.90 10.92
C THR A 485 0.83 36.11 11.73
N ALA A 486 0.38 36.73 12.82
CA ALA A 486 -0.59 36.12 13.73
C ALA A 486 -1.88 35.79 12.98
N MET A 487 -2.32 36.77 12.18
CA MET A 487 -3.53 36.62 11.38
C MET A 487 -3.42 35.45 10.41
N LEU A 488 -2.34 35.46 9.62
CA LEU A 488 -2.19 34.55 8.49
C LEU A 488 -1.93 33.09 8.89
N SER A 489 -1.33 32.89 10.07
CA SER A 489 -1.14 31.54 10.62
C SER A 489 -2.48 30.85 10.87
N LYS A 490 -3.43 31.60 11.44
CA LYS A 490 -4.75 31.05 11.80
C LYS A 490 -5.71 30.85 10.61
N LEU A 491 -5.40 31.38 9.43
CA LEU A 491 -6.28 31.25 8.26
C LEU A 491 -6.42 29.81 7.78
N ARG A 492 -7.55 29.51 7.17
CA ARG A 492 -7.86 28.18 6.66
C ARG A 492 -8.41 28.30 5.24
N PHE A 493 -7.81 27.56 4.31
CA PHE A 493 -8.12 27.67 2.89
C PHE A 493 -9.45 26.99 2.54
N GLU A 494 -10.26 27.67 1.73
CA GLU A 494 -11.54 27.12 1.25
C GLU A 494 -11.83 27.53 -0.19
N VAL A 495 -12.57 26.68 -0.89
CA VAL A 495 -12.93 26.88 -2.30
C VAL A 495 -14.45 26.82 -2.42
N PHE A 496 -15.03 27.75 -3.18
CA PHE A 496 -16.47 27.77 -3.41
C PHE A 496 -16.79 27.78 -4.90
N GLN A 497 -17.85 27.06 -5.28
CA GLN A 497 -18.31 26.98 -6.66
C GLN A 497 -19.33 28.08 -6.93
N PRO A 498 -19.47 28.51 -8.20
CA PRO A 498 -20.43 29.57 -8.50
C PRO A 498 -21.87 29.13 -8.28
N GLY A 499 -22.65 29.95 -7.60
CA GLY A 499 -24.03 29.63 -7.20
C GLY A 499 -24.17 29.05 -5.81
N ASP A 500 -23.08 29.05 -5.03
CA ASP A 500 -23.09 28.58 -3.64
C ASP A 500 -23.24 29.77 -2.70
N TYR A 501 -24.21 29.69 -1.78
CA TYR A 501 -24.35 30.68 -0.72
C TYR A 501 -23.23 30.47 0.31
N ILE A 502 -22.27 31.40 0.33
CA ILE A 502 -21.17 31.36 1.29
C ILE A 502 -21.72 31.70 2.67
N ILE A 503 -22.48 32.80 2.74
CA ILE A 503 -23.21 33.21 3.92
C ILE A 503 -24.69 33.35 3.56
N ARG A 504 -25.56 32.83 4.44
CA ARG A 504 -27.01 33.06 4.34
C ARG A 504 -27.42 34.06 5.42
N GLU A 505 -28.35 34.95 5.08
CA GLU A 505 -28.77 36.02 5.99
C GLU A 505 -29.56 35.47 7.18
N GLY A 506 -29.25 35.98 8.37
CA GLY A 506 -29.93 35.58 9.61
C GLY A 506 -29.31 34.44 10.41
N ALA A 507 -28.33 33.74 9.84
CA ALA A 507 -27.68 32.60 10.50
C ALA A 507 -26.67 33.05 11.55
N VAL A 508 -26.25 32.10 12.40
CA VAL A 508 -25.21 32.33 13.40
C VAL A 508 -23.84 32.06 12.78
N GLY A 509 -23.03 33.12 12.61
CA GLY A 509 -21.76 33.05 11.88
C GLY A 509 -20.57 32.69 12.74
N LYS A 510 -19.91 31.57 12.40
CA LYS A 510 -18.73 31.09 13.13
C LYS A 510 -17.39 31.56 12.54
N LYS A 511 -17.37 31.94 11.25
CA LYS A 511 -16.11 32.27 10.56
C LYS A 511 -16.26 33.42 9.56
N MET A 512 -15.26 34.32 9.55
CA MET A 512 -15.17 35.39 8.52
C MET A 512 -14.37 34.88 7.34
N TYR A 513 -14.26 35.69 6.28
CA TYR A 513 -13.59 35.29 5.04
C TYR A 513 -12.61 36.34 4.52
N PHE A 514 -11.77 35.91 3.58
CA PHE A 514 -10.82 36.78 2.87
C PHE A 514 -10.73 36.30 1.44
N ILE A 515 -11.11 37.15 0.48
CA ILE A 515 -11.09 36.77 -0.93
C ILE A 515 -9.66 36.92 -1.45
N GLN A 516 -8.99 35.78 -1.61
CA GLN A 516 -7.70 35.73 -2.32
C GLN A 516 -7.93 35.94 -3.80
N HIS A 517 -8.89 35.21 -4.35
CA HIS A 517 -9.09 35.12 -5.80
C HIS A 517 -10.55 34.79 -6.12
N GLY A 518 -11.05 35.36 -7.22
CA GLY A 518 -12.44 35.19 -7.64
C GLY A 518 -13.33 36.36 -7.24
N VAL A 519 -14.61 36.27 -7.60
CA VAL A 519 -15.59 37.35 -7.40
C VAL A 519 -16.85 36.84 -6.70
N ALA A 520 -17.17 37.45 -5.56
CA ALA A 520 -18.35 37.11 -4.76
C ALA A 520 -19.29 38.31 -4.64
N GLY A 521 -20.59 38.03 -4.73
CA GLY A 521 -21.64 39.04 -4.68
C GLY A 521 -22.40 39.01 -3.35
N VAL A 522 -22.76 40.20 -2.88
CA VAL A 522 -23.52 40.38 -1.63
C VAL A 522 -24.98 40.62 -1.97
N ILE A 523 -25.88 39.97 -1.23
CA ILE A 523 -27.33 40.07 -1.42
C ILE A 523 -27.98 40.46 -0.10
N THR A 524 -28.64 41.61 -0.08
CA THR A 524 -29.42 42.08 1.06
C THR A 524 -30.76 42.64 0.58
N LYS A 525 -31.73 42.72 1.49
CA LYS A 525 -33.05 43.27 1.19
C LYS A 525 -32.97 44.77 0.89
N SER A 526 -33.35 45.14 -0.34
CA SER A 526 -33.30 46.53 -0.82
C SER A 526 -31.88 47.13 -0.86
N SER A 527 -30.90 46.28 -1.18
CA SER A 527 -29.49 46.70 -1.28
C SER A 527 -28.93 46.64 -2.71
N LYS A 528 -29.81 46.36 -3.69
CA LYS A 528 -29.40 46.21 -5.10
C LYS A 528 -28.39 45.06 -5.28
N GLU A 529 -27.29 45.31 -6.00
CA GLU A 529 -26.22 44.32 -6.18
C GLU A 529 -24.86 44.93 -5.85
N MET A 530 -24.08 44.24 -5.02
CA MET A 530 -22.72 44.63 -4.66
C MET A 530 -21.79 43.46 -4.95
N LYS A 531 -20.67 43.73 -5.62
CA LYS A 531 -19.72 42.69 -6.01
C LYS A 531 -18.33 42.99 -5.44
N LEU A 532 -17.69 41.95 -4.87
CA LEU A 532 -16.38 42.08 -4.22
C LEU A 532 -15.27 41.44 -5.07
N THR A 533 -14.09 42.07 -5.03
CA THR A 533 -12.92 41.64 -5.81
C THR A 533 -11.87 41.03 -4.90
N ASP A 534 -10.74 40.62 -5.48
CA ASP A 534 -9.61 40.07 -4.74
C ASP A 534 -9.04 41.10 -3.76
N GLY A 535 -8.64 40.62 -2.58
CA GLY A 535 -8.16 41.48 -1.50
C GLY A 535 -9.25 42.15 -0.68
N SER A 536 -10.47 41.66 -0.78
CA SER A 536 -11.60 42.14 0.01
C SER A 536 -11.96 41.05 1.03
N TYR A 537 -12.45 41.47 2.18
CA TYR A 537 -12.90 40.53 3.22
C TYR A 537 -14.36 40.77 3.56
N PHE A 538 -15.08 39.68 3.84
CA PHE A 538 -16.47 39.75 4.28
C PHE A 538 -16.73 38.76 5.40
N GLY A 539 -17.78 39.05 6.17
CA GLY A 539 -18.17 38.24 7.33
C GLY A 539 -17.57 38.70 8.64
N GLU A 540 -17.07 39.94 8.67
CA GLU A 540 -16.41 40.50 9.85
C GLU A 540 -17.38 41.03 10.92
N ILE A 541 -18.60 41.38 10.51
CA ILE A 541 -19.56 42.06 11.39
C ILE A 541 -20.18 41.14 12.44
N CYS A 542 -20.53 39.91 12.04
CA CYS A 542 -21.16 38.94 12.95
C CYS A 542 -20.23 38.52 14.09
N LEU A 543 -18.93 38.50 13.83
CA LEU A 543 -17.92 38.19 14.85
C LEU A 543 -17.72 39.35 15.82
N LEU A 544 -17.80 40.59 15.31
CA LEU A 544 -17.66 41.80 16.12
C LEU A 544 -18.92 42.08 16.94
N THR A 545 -20.08 42.09 16.26
CA THR A 545 -21.37 42.32 16.91
C THR A 545 -21.80 41.20 17.86
N LYS A 546 -21.33 39.98 17.61
CA LYS A 546 -21.73 38.78 18.36
C LYS A 546 -23.23 38.49 18.19
N GLY A 547 -23.74 38.74 16.98
CA GLY A 547 -25.16 38.57 16.64
C GLY A 547 -25.31 37.70 15.41
N ARG A 548 -26.25 38.08 14.54
CA ARG A 548 -26.54 37.32 13.31
C ARG A 548 -25.97 38.00 12.08
N ARG A 549 -25.99 37.27 10.96
CA ARG A 549 -25.47 37.75 9.68
C ARG A 549 -26.41 38.82 9.11
N THR A 550 -25.85 39.98 8.78
CA THR A 550 -26.63 41.13 8.31
C THR A 550 -27.27 40.91 6.93
N ALA A 551 -26.56 40.18 6.07
CA ALA A 551 -26.98 39.96 4.69
C ALA A 551 -26.34 38.70 4.11
N SER A 552 -26.93 38.17 3.03
CA SER A 552 -26.42 36.96 2.38
C SER A 552 -25.25 37.29 1.45
N VAL A 553 -24.41 36.28 1.19
CA VAL A 553 -23.28 36.40 0.25
C VAL A 553 -23.21 35.14 -0.60
N ARG A 554 -23.18 35.32 -1.92
CA ARG A 554 -23.16 34.22 -2.89
C ARG A 554 -22.05 34.45 -3.91
N ALA A 555 -21.31 33.39 -4.24
CA ALA A 555 -20.19 33.47 -5.18
C ALA A 555 -20.67 33.69 -6.62
N ASP A 556 -19.97 34.54 -7.37
CA ASP A 556 -20.32 34.84 -8.76
C ASP A 556 -19.64 33.84 -9.69
N THR A 557 -18.32 33.78 -9.57
CA THR A 557 -17.48 32.77 -10.25
C THR A 557 -16.97 31.79 -9.20
N TYR A 558 -15.98 30.97 -9.56
CA TYR A 558 -15.24 30.17 -8.57
C TYR A 558 -14.46 31.10 -7.65
N CYS A 559 -14.72 31.00 -6.34
CA CYS A 559 -14.07 31.84 -5.34
C CYS A 559 -13.11 31.01 -4.50
N ARG A 560 -11.86 31.48 -4.44
CA ARG A 560 -10.84 30.92 -3.55
C ARG A 560 -10.73 31.84 -2.35
N LEU A 561 -11.13 31.32 -1.18
CA LEU A 561 -11.22 32.13 0.03
C LEU A 561 -10.33 31.60 1.14
N TYR A 562 -9.92 32.50 2.02
CA TYR A 562 -9.26 32.14 3.28
C TYR A 562 -10.21 32.49 4.42
N SER A 563 -10.71 31.47 5.10
CA SER A 563 -11.61 31.64 6.24
C SER A 563 -10.82 31.78 7.53
N LEU A 564 -11.38 32.56 8.46
CA LEU A 564 -10.84 32.70 9.82
C LEU A 564 -11.97 32.47 10.80
N SER A 565 -11.77 31.51 11.72
CA SER A 565 -12.80 31.15 12.71
C SER A 565 -12.90 32.20 13.81
N VAL A 566 -13.98 32.13 14.58
CA VAL A 566 -14.33 33.19 15.54
C VAL A 566 -13.33 33.20 16.68
N ASP A 567 -13.07 32.00 17.21
CA ASP A 567 -12.20 31.82 18.37
C ASP A 567 -10.81 32.34 18.06
N ASN A 568 -10.32 31.94 16.88
CA ASN A 568 -8.99 32.34 16.40
C ASN A 568 -8.90 33.84 16.30
N PHE A 569 -9.94 34.44 15.73
CA PHE A 569 -10.06 35.89 15.55
C PHE A 569 -9.93 36.59 16.89
N ASN A 570 -10.69 36.06 17.86
CA ASN A 570 -10.72 36.62 19.21
C ASN A 570 -9.34 36.57 19.84
N GLU A 571 -8.67 35.43 19.65
CA GLU A 571 -7.33 35.21 20.18
C GLU A 571 -6.37 36.24 19.61
N VAL A 572 -6.48 36.45 18.30
CA VAL A 572 -5.64 37.39 17.58
C VAL A 572 -5.83 38.80 18.15
N LEU A 573 -7.10 39.15 18.36
CA LEU A 573 -7.46 40.52 18.76
C LEU A 573 -7.25 40.87 20.23
N GLU A 574 -7.15 39.86 21.09
CA GLU A 574 -6.75 40.05 22.49
C GLU A 574 -5.31 40.56 22.58
N GLU A 575 -4.45 40.08 21.69
CA GLU A 575 -3.06 40.54 21.59
C GLU A 575 -2.95 41.95 21.00
N TYR A 576 -3.78 42.27 20.00
CA TYR A 576 -3.74 43.55 19.29
C TYR A 576 -5.11 44.26 19.33
N PRO A 577 -5.41 45.00 20.43
CA PRO A 577 -6.68 45.72 20.51
C PRO A 577 -6.80 46.95 19.59
N MET A 578 -5.67 47.50 19.14
CA MET A 578 -5.65 48.64 18.22
C MET A 578 -6.21 48.29 16.83
N MET A 579 -5.91 47.08 16.34
CA MET A 579 -6.40 46.61 15.05
C MET A 579 -7.91 46.35 15.01
N ARG A 580 -8.52 46.07 16.17
CA ARG A 580 -9.96 45.88 16.30
C ARG A 580 -10.71 47.15 15.97
N ARG A 581 -10.17 48.28 16.41
CA ARG A 581 -10.78 49.59 16.20
C ARG A 581 -10.98 49.84 14.70
N ALA A 582 -9.93 49.56 13.94
CA ALA A 582 -9.94 49.73 12.49
C ALA A 582 -11.06 48.92 11.87
N PHE A 583 -11.13 47.66 12.31
CA PHE A 583 -12.15 46.72 11.84
C PHE A 583 -13.54 47.26 12.09
N GLU A 584 -13.73 47.76 13.30
CA GLU A 584 -15.00 48.34 13.76
C GLU A 584 -15.39 49.50 12.84
N THR A 585 -14.42 50.35 12.58
CA THR A 585 -14.60 51.53 11.72
C THR A 585 -15.07 51.10 10.34
N VAL A 586 -14.38 50.08 9.81
CA VAL A 586 -14.68 49.56 8.49
C VAL A 586 -16.12 49.04 8.44
N ALA A 587 -16.49 48.31 9.49
CA ALA A 587 -17.81 47.72 9.62
C ALA A 587 -18.86 48.81 9.61
N ILE A 588 -18.60 49.90 10.35
CA ILE A 588 -19.61 50.92 10.56
C ILE A 588 -20.04 51.54 9.23
N ASP A 589 -19.04 51.84 8.40
CA ASP A 589 -19.27 52.43 7.09
C ASP A 589 -20.14 51.52 6.24
N ARG A 590 -19.78 50.23 6.27
CA ARG A 590 -20.50 49.20 5.52
C ARG A 590 -21.97 49.16 5.95
N LEU A 591 -22.15 49.19 7.27
CA LEU A 591 -23.49 49.15 7.87
C LEU A 591 -24.31 50.33 7.40
N ASP A 592 -23.68 51.50 7.40
CA ASP A 592 -24.31 52.74 6.97
C ASP A 592 -24.77 52.62 5.52
N ARG A 593 -23.88 52.08 4.69
CA ARG A 593 -24.15 51.88 3.27
C ARG A 593 -25.37 50.97 3.09
N ILE A 594 -25.37 49.90 3.86
CA ILE A 594 -26.45 48.91 3.83
C ILE A 594 -27.78 49.56 4.22
N GLY A 595 -27.75 50.23 5.38
CA GLY A 595 -28.93 50.80 6.03
C GLY A 595 -29.40 50.11 7.31
N LYS A 596 -28.57 49.21 7.86
CA LYS A 596 -28.90 48.48 9.10
C LYS A 596 -27.92 48.86 10.22
N LYS A 597 -28.37 49.73 11.14
CA LYS A 597 -27.51 50.23 12.21
C LYS A 597 -27.38 49.23 13.38
N ASN A 598 -26.14 48.85 13.68
CA ASN A 598 -25.82 48.00 14.84
C ASN A 598 -25.44 48.90 16.01
N SER A 599 -26.13 48.74 17.14
CA SER A 599 -26.10 49.72 18.22
C SER A 599 -24.89 49.52 19.10
N ILE A 600 -24.58 48.26 19.38
CA ILE A 600 -23.46 47.89 20.26
C ILE A 600 -22.16 48.47 19.72
N LEU A 601 -21.97 48.26 18.41
CA LEU A 601 -20.78 48.73 17.71
C LEU A 601 -20.64 50.25 17.85
N LEU A 602 -21.77 50.91 17.63
CA LEU A 602 -21.85 52.38 17.73
C LEU A 602 -21.42 52.84 19.11
N GLN A 603 -21.96 52.15 20.12
CA GLN A 603 -21.68 52.44 21.52
C GLN A 603 -20.18 52.32 21.80
N LYS A 604 -19.61 51.24 21.28
CA LYS A 604 -18.18 50.94 21.43
C LYS A 604 -17.35 52.07 20.84
N PHE A 605 -17.76 52.49 19.63
CA PHE A 605 -17.08 53.56 18.91
C PHE A 605 -17.10 54.84 19.73
N GLN A 606 -18.27 55.14 20.28
CA GLN A 606 -18.49 56.32 21.12
C GLN A 606 -17.53 56.30 22.31
N LYS A 607 -17.47 55.13 22.94
CA LYS A 607 -16.61 54.92 24.10
C LYS A 607 -15.15 55.20 23.75
N ASP A 608 -14.75 54.66 22.60
CA ASP A 608 -13.39 54.83 22.08
C ASP A 608 -13.06 56.31 21.90
N UNK B 1 -3.15 60.56 15.59
CA UNK B 1 -2.06 60.02 14.78
C UNK B 1 -2.46 58.81 13.92
N UNK B 2 -3.59 58.16 14.24
CA UNK B 2 -4.15 57.07 13.43
C UNK B 2 -5.40 57.44 12.63
N UNK B 3 -5.95 58.63 12.90
CA UNK B 3 -7.21 59.06 12.32
C UNK B 3 -7.11 59.09 10.80
N UNK B 4 -6.01 59.65 10.33
CA UNK B 4 -5.74 59.76 8.89
C UNK B 4 -5.71 58.38 8.25
N UNK B 5 -5.00 57.47 8.93
CA UNK B 5 -4.87 56.08 8.47
C UNK B 5 -6.25 55.43 8.34
N UNK B 6 -7.06 55.65 9.37
CA UNK B 6 -8.42 55.11 9.43
C UNK B 6 -9.22 55.60 8.25
N UNK B 7 -9.11 56.90 8.00
CA UNK B 7 -9.81 57.57 6.90
C UNK B 7 -9.43 56.93 5.57
N UNK B 8 -8.13 56.74 5.41
CA UNK B 8 -7.56 56.13 4.20
C UNK B 8 -8.15 54.74 3.98
N UNK B 9 -8.18 53.98 5.07
CA UNK B 9 -8.71 52.62 5.06
C UNK B 9 -10.16 52.62 4.60
N UNK B 10 -10.92 53.55 5.17
CA UNK B 10 -12.34 53.72 4.86
C UNK B 10 -12.52 53.98 3.38
N UNK B 11 -11.69 54.89 2.87
CA UNK B 11 -11.71 55.28 1.45
C UNK B 11 -11.47 54.06 0.57
N UNK B 12 -10.46 53.28 0.96
CA UNK B 12 -10.08 52.07 0.24
C UNK B 12 -11.25 51.10 0.18
N UNK B 13 -11.90 50.94 1.33
CA UNK B 13 -13.07 50.06 1.48
C UNK B 13 -14.16 50.49 0.53
N UNK B 14 -14.42 51.79 0.51
CA UNK B 14 -15.44 52.40 -0.34
C UNK B 14 -15.16 52.09 -1.80
N UNK B 15 -13.90 52.26 -2.17
CA UNK B 15 -13.42 52.01 -3.54
C UNK B 15 -13.70 50.57 -3.93
N UNK B 16 -13.36 49.68 -3.01
CA UNK B 16 -13.54 48.24 -3.19
C UNK B 16 -15.01 47.91 -3.45
N UNK B 17 -15.86 48.52 -2.62
CA UNK B 17 -17.31 48.36 -2.70
C UNK B 17 -17.81 48.78 -4.07
N UNK B 18 -17.32 49.94 -4.51
CA UNK B 18 -17.68 50.52 -5.80
C UNK B 18 -17.32 49.55 -6.92
N UNK B 19 -16.11 49.01 -6.83
CA UNK B 19 -15.59 48.05 -7.79
C UNK B 19 -16.50 46.83 -7.88
N MET C 94 -9.56 36.60 -42.54
CA MET C 94 -9.73 35.80 -41.30
C MET C 94 -8.44 35.68 -40.46
N GLN C 95 -7.84 36.84 -40.17
CA GLN C 95 -6.66 36.94 -39.31
C GLN C 95 -7.04 36.91 -37.85
N ARG C 96 -8.17 37.55 -37.51
CA ARG C 96 -8.68 37.57 -36.15
C ARG C 96 -8.91 36.15 -35.64
N GLN C 97 -9.52 35.33 -36.50
CA GLN C 97 -9.81 33.94 -36.17
C GLN C 97 -8.52 33.19 -35.85
N PHE C 98 -7.52 33.42 -36.70
CA PHE C 98 -6.20 32.80 -36.54
C PHE C 98 -5.59 33.17 -35.20
N THR C 99 -5.69 34.47 -34.89
CA THR C 99 -5.17 35.02 -33.64
C THR C 99 -5.84 34.32 -32.44
N SER C 100 -7.16 34.19 -32.55
CA SER C 100 -7.97 33.55 -31.51
C SER C 100 -7.49 32.12 -31.28
N MET C 101 -7.29 31.42 -32.40
CA MET C 101 -6.83 30.03 -32.39
C MET C 101 -5.50 29.92 -31.66
N LEU C 102 -4.60 30.84 -32.01
CA LEU C 102 -3.27 30.92 -31.40
C LEU C 102 -3.36 31.07 -29.89
N GLN C 103 -4.26 31.94 -29.42
CA GLN C 103 -4.47 32.15 -27.97
C GLN C 103 -5.19 30.96 -27.32
N PRO C 104 -5.01 30.75 -25.98
CA PRO C 104 -5.74 29.68 -25.27
C PRO C 104 -7.25 29.89 -25.18
N GLY C 105 -8.01 28.86 -25.54
CA GLY C 105 -9.47 28.87 -25.41
C GLY C 105 -9.90 28.61 -23.97
N VAL C 106 -11.15 28.95 -23.68
CA VAL C 106 -11.73 28.72 -22.35
C VAL C 106 -12.40 27.34 -22.34
N ASN C 107 -11.56 26.31 -22.28
CA ASN C 107 -12.01 24.93 -22.08
C ASN C 107 -12.16 24.67 -20.59
N LYS C 108 -12.72 23.51 -20.26
CA LYS C 108 -12.85 23.07 -18.87
C LYS C 108 -11.48 22.83 -18.27
N PHE C 109 -10.63 22.13 -19.03
CA PHE C 109 -9.25 21.86 -18.63
C PHE C 109 -8.51 23.16 -18.38
N SER C 110 -8.69 24.11 -19.30
CA SER C 110 -8.06 25.43 -19.21
C SER C 110 -8.47 26.12 -17.92
N LEU C 111 -9.76 26.07 -17.64
CA LEU C 111 -10.35 26.67 -16.44
C LEU C 111 -9.70 26.08 -15.19
N ARG C 112 -9.60 24.75 -15.20
CA ARG C 112 -9.01 24.00 -14.09
C ARG C 112 -7.57 24.45 -13.85
N MET C 113 -6.84 24.57 -14.95
CA MET C 113 -5.43 24.99 -14.92
C MET C 113 -5.31 26.39 -14.31
N PHE C 114 -6.07 27.33 -14.87
CA PHE C 114 -5.91 28.76 -14.60
C PHE C 114 -6.88 29.33 -13.55
N GLY C 115 -7.78 28.50 -13.02
CA GLY C 115 -8.76 28.92 -12.03
C GLY C 115 -9.92 29.67 -12.64
N SER C 116 -9.95 31.00 -12.44
CA SER C 116 -11.03 31.85 -12.95
C SER C 116 -10.85 32.18 -14.43
N GLN C 117 -11.93 32.65 -15.05
CA GLN C 117 -11.93 33.04 -16.47
C GLN C 117 -11.18 34.35 -16.72
N LYS C 118 -11.19 35.24 -15.72
CA LYS C 118 -10.42 36.47 -15.74
C LYS C 118 -8.93 36.16 -15.92
N ALA C 119 -8.46 35.15 -15.17
CA ALA C 119 -7.07 34.72 -15.23
C ALA C 119 -6.71 34.28 -16.65
N VAL C 120 -7.60 33.53 -17.28
CA VAL C 120 -7.42 33.05 -18.64
C VAL C 120 -7.22 34.23 -19.59
N GLU C 121 -8.04 35.26 -19.43
CA GLU C 121 -7.97 36.48 -20.22
C GLU C 121 -6.60 37.12 -20.11
N LYS C 122 -6.05 37.16 -18.89
CA LYS C 122 -4.72 37.70 -18.64
C LYS C 122 -3.68 36.97 -19.48
N GLU C 123 -3.78 35.65 -19.51
CA GLU C 123 -2.88 34.80 -20.27
C GLU C 123 -2.93 35.17 -21.75
N GLN C 124 -4.15 35.33 -22.24
CA GLN C 124 -4.39 35.71 -23.64
C GLN C 124 -3.72 37.04 -23.96
N GLU C 125 -3.90 37.98 -23.04
CA GLU C 125 -3.32 39.32 -23.17
C GLU C 125 -1.80 39.23 -23.27
N ARG C 126 -1.23 38.41 -22.39
CA ARG C 126 0.22 38.18 -22.35
C ARG C 126 0.70 37.64 -23.69
N VAL C 127 -0.04 36.67 -24.21
CA VAL C 127 0.24 36.04 -25.50
C VAL C 127 0.28 37.09 -26.60
N LYS C 128 -0.73 37.96 -26.58
CA LYS C 128 -0.83 39.08 -27.54
C LYS C 128 0.45 39.93 -27.74
N THR C 129 1.39 39.94 -26.79
CA THR C 129 2.62 40.76 -26.92
C THR C 129 3.42 40.47 -28.20
N ALA C 130 3.60 39.19 -28.52
CA ALA C 130 4.22 38.74 -29.78
C ALA C 130 3.11 38.47 -30.80
N GLY C 131 3.17 39.17 -31.95
CA GLY C 131 2.08 39.18 -32.94
C GLY C 131 2.32 38.28 -34.14
N PHE C 132 1.33 37.43 -34.45
CA PHE C 132 1.36 36.51 -35.60
C PHE C 132 2.59 35.59 -35.60
N TRP C 133 3.03 35.21 -34.40
CA TRP C 133 4.26 34.46 -34.21
C TRP C 133 4.12 33.40 -33.12
N ILE C 134 3.95 33.84 -31.88
CA ILE C 134 3.99 32.95 -30.71
C ILE C 134 2.70 32.14 -30.51
N ILE C 135 2.88 30.90 -30.08
CA ILE C 135 1.80 29.95 -29.83
C ILE C 135 1.91 29.47 -28.38
N HIS C 136 0.78 29.47 -27.68
CA HIS C 136 0.73 29.04 -26.28
C HIS C 136 0.70 27.51 -26.23
N PRO C 137 1.40 26.89 -25.23
CA PRO C 137 1.41 25.42 -25.15
C PRO C 137 0.04 24.76 -25.03
N TYR C 138 -0.84 25.34 -24.20
CA TYR C 138 -2.21 24.85 -24.01
C TYR C 138 -3.24 25.42 -25.02
N SER C 139 -2.78 25.96 -26.14
CA SER C 139 -3.68 26.49 -27.17
C SER C 139 -4.36 25.36 -27.96
N ASP C 140 -5.47 25.70 -28.60
CA ASP C 140 -6.28 24.75 -29.36
C ASP C 140 -5.58 24.37 -30.65
N PHE C 141 -5.01 25.38 -31.31
CA PHE C 141 -4.28 25.21 -32.56
C PHE C 141 -3.13 24.24 -32.36
N ARG C 142 -2.40 24.44 -31.25
CA ARG C 142 -1.26 23.59 -30.90
C ARG C 142 -1.69 22.15 -30.78
N PHE C 143 -2.81 21.92 -30.11
CA PHE C 143 -3.39 20.59 -29.92
C PHE C 143 -3.60 19.91 -31.28
N TYR C 144 -4.23 20.68 -32.16
CA TYR C 144 -4.55 20.18 -33.50
C TYR C 144 -3.27 19.80 -34.25
N TRP C 145 -2.27 20.67 -34.14
CA TRP C 145 -0.98 20.48 -34.78
C TRP C 145 -0.35 19.18 -34.28
N ASP C 146 -0.40 19.00 -32.97
CA ASP C 146 0.20 17.82 -32.36
C ASP C 146 -0.51 16.56 -32.83
N LEU C 147 -1.83 16.62 -32.93
CA LEU C 147 -2.64 15.51 -33.43
C LEU C 147 -2.20 15.14 -34.85
N ILE C 148 -2.04 16.18 -35.67
CA ILE C 148 -1.60 16.02 -37.06
C ILE C 148 -0.25 15.30 -37.12
N MET C 149 0.65 15.77 -36.26
CA MET C 149 2.01 15.22 -36.17
C MET C 149 1.95 13.75 -35.83
N LEU C 150 1.10 13.41 -34.85
CA LEU C 150 1.14 12.09 -34.22
C LEU C 150 0.85 11.02 -35.21
N ILE C 151 -0.15 11.25 -36.05
CA ILE C 151 -0.55 10.28 -37.09
C ILE C 151 0.62 10.08 -38.05
N MET C 152 1.10 11.22 -38.54
CA MET C 152 2.18 11.28 -39.53
C MET C 152 3.41 10.56 -39.01
N MET C 153 3.75 10.92 -37.78
CA MET C 153 4.92 10.36 -37.09
C MET C 153 4.81 8.86 -37.00
N VAL C 154 3.62 8.41 -36.59
CA VAL C 154 3.32 6.98 -36.43
C VAL C 154 3.55 6.25 -37.75
N GLY C 155 3.01 6.86 -38.81
CA GLY C 155 3.12 6.31 -40.16
C GLY C 155 4.57 6.14 -40.55
N ASN C 156 5.34 7.20 -40.28
CA ASN C 156 6.75 7.22 -40.64
C ASN C 156 7.50 6.12 -39.89
N LEU C 157 7.17 5.97 -38.61
CA LEU C 157 7.81 4.96 -37.77
C LEU C 157 7.49 3.57 -38.31
N VAL C 158 6.25 3.37 -38.71
CA VAL C 158 5.81 2.09 -39.29
C VAL C 158 6.45 1.86 -40.67
N ILE C 159 6.27 2.83 -41.56
CA ILE C 159 6.56 2.68 -43.00
C ILE C 159 8.06 2.77 -43.33
N ILE C 160 8.78 3.74 -42.75
CA ILE C 160 10.15 4.04 -43.16
C ILE C 160 11.10 2.85 -43.10
N PRO C 161 11.15 2.15 -41.95
CA PRO C 161 12.08 1.04 -41.79
C PRO C 161 11.85 -0.04 -42.83
N VAL C 162 10.57 -0.36 -43.03
CA VAL C 162 10.15 -1.36 -44.01
C VAL C 162 10.64 -0.98 -45.40
N GLY C 163 10.42 0.29 -45.72
CA GLY C 163 10.82 0.84 -47.01
C GLY C 163 12.31 0.69 -47.23
N ILE C 164 13.06 1.03 -46.18
CA ILE C 164 14.52 0.98 -46.19
C ILE C 164 14.97 -0.45 -46.45
N THR C 165 14.33 -1.39 -45.77
CA THR C 165 14.73 -2.80 -45.81
C THR C 165 14.33 -3.58 -47.07
N PHE C 166 13.01 -3.77 -47.21
CA PHE C 166 12.48 -4.74 -48.15
C PHE C 166 12.32 -4.23 -49.59
N PHE C 167 12.37 -2.91 -49.79
CA PHE C 167 12.32 -2.33 -51.14
C PHE C 167 13.69 -1.80 -51.55
N THR C 168 14.31 -2.49 -52.51
CA THR C 168 15.60 -2.08 -53.08
C THR C 168 15.45 -0.81 -53.95
N GLU C 169 14.33 -0.73 -54.69
CA GLU C 169 14.01 0.46 -55.48
C GLU C 169 13.54 1.61 -54.58
N GLN C 170 14.51 2.26 -53.93
CA GLN C 170 14.25 3.36 -52.98
C GLN C 170 14.38 4.75 -53.61
N THR C 171 14.67 4.81 -54.91
CA THR C 171 14.76 6.08 -55.66
C THR C 171 13.60 6.29 -56.64
N THR C 172 12.53 5.50 -56.51
CA THR C 172 11.35 5.64 -57.37
C THR C 172 10.53 6.88 -57.03
N THR C 173 9.64 7.25 -57.94
CA THR C 173 8.87 8.51 -57.84
C THR C 173 7.98 8.68 -56.62
N PRO C 174 7.00 7.75 -56.45
CA PRO C 174 6.00 7.92 -55.40
C PRO C 174 6.65 7.95 -54.03
N TRP C 175 7.60 7.04 -53.83
CA TRP C 175 8.33 6.94 -52.57
C TRP C 175 9.04 8.27 -52.26
N ILE C 176 9.70 8.79 -53.29
CA ILE C 176 10.44 10.04 -53.20
C ILE C 176 9.50 11.18 -52.79
N ILE C 177 8.35 11.20 -53.45
CA ILE C 177 7.31 12.21 -53.19
C ILE C 177 6.88 12.16 -51.74
N PHE C 178 6.64 10.94 -51.26
CA PHE C 178 6.21 10.69 -49.90
C PHE C 178 7.24 11.24 -48.91
N ASN C 179 8.50 10.93 -49.20
CA ASN C 179 9.59 11.18 -48.24
C ASN C 179 9.73 12.68 -48.05
N VAL C 180 9.83 13.38 -49.18
CA VAL C 180 10.07 14.82 -49.20
C VAL C 180 8.96 15.54 -48.45
N ALA C 181 7.73 15.13 -48.75
CA ALA C 181 6.54 15.72 -48.14
C ALA C 181 6.59 15.54 -46.64
N SER C 182 6.94 14.32 -46.22
CA SER C 182 7.01 14.00 -44.79
C SER C 182 8.04 14.89 -44.10
N ASP C 183 9.20 15.03 -44.77
CA ASP C 183 10.30 15.84 -44.27
C ASP C 183 9.86 17.27 -44.08
N THR C 184 9.10 17.79 -45.05
CA THR C 184 8.59 19.15 -45.03
C THR C 184 7.80 19.40 -43.75
N VAL C 185 6.91 18.45 -43.44
CA VAL C 185 6.03 18.56 -42.28
C VAL C 185 6.89 18.64 -41.00
N PHE C 186 7.89 17.77 -40.95
CA PHE C 186 8.77 17.72 -39.78
C PHE C 186 9.53 19.02 -39.62
N LEU C 187 9.99 19.57 -40.74
CA LEU C 187 10.70 20.85 -40.76
C LEU C 187 9.81 21.95 -40.19
N LEU C 188 8.56 21.95 -40.65
CA LEU C 188 7.57 22.93 -40.21
C LEU C 188 7.37 22.83 -38.70
N ASP C 189 7.26 21.60 -38.22
CA ASP C 189 7.08 21.31 -36.80
C ASP C 189 8.24 21.86 -36.00
N LEU C 190 9.45 21.65 -36.52
CA LEU C 190 10.68 22.14 -35.89
C LEU C 190 10.62 23.66 -35.73
N ILE C 191 10.22 24.32 -36.81
CA ILE C 191 10.08 25.77 -36.83
C ILE C 191 9.09 26.24 -35.77
N MET C 192 7.97 25.54 -35.72
CA MET C 192 6.90 25.80 -34.75
C MET C 192 7.44 25.77 -33.31
N ASN C 193 8.28 24.80 -32.95
CA ASN C 193 8.80 24.68 -31.57
C ASN C 193 9.39 25.98 -30.99
N PHE C 194 9.97 26.81 -31.85
CA PHE C 194 10.45 28.15 -31.46
C PHE C 194 9.28 29.09 -31.16
N ARG C 195 8.26 29.05 -32.00
CA ARG C 195 7.01 29.78 -31.76
C ARG C 195 6.21 29.24 -30.57
N THR C 196 6.29 27.93 -30.32
CA THR C 196 5.59 27.28 -29.22
C THR C 196 6.21 27.62 -27.88
N GLY C 197 5.37 28.00 -26.91
CA GLY C 197 5.83 28.29 -25.54
C GLY C 197 6.06 27.02 -24.74
N THR C 198 6.99 27.10 -23.79
CA THR C 198 7.35 25.96 -22.92
C THR C 198 6.78 26.13 -21.51
N VAL C 199 6.54 25.01 -20.83
CA VAL C 199 6.02 24.98 -19.46
C VAL C 199 7.03 24.34 -18.51
N ASN C 200 7.35 25.04 -17.41
CA ASN C 200 8.31 24.56 -16.41
C ASN C 200 7.73 24.60 -15.00
N SER C 203 6.07 26.29 -12.63
CA SER C 203 5.81 27.72 -12.64
C SER C 203 5.04 28.15 -13.90
N SER C 204 4.91 29.46 -14.13
CA SER C 204 4.23 30.00 -15.31
C SER C 204 4.98 29.68 -16.60
N GLU C 205 4.24 29.56 -17.70
CA GLU C 205 4.80 29.18 -19.00
C GLU C 205 5.64 30.30 -19.62
N ILE C 206 6.77 29.92 -20.21
CA ILE C 206 7.72 30.89 -20.79
C ILE C 206 7.20 31.45 -22.11
N ILE C 207 6.73 32.69 -22.08
CA ILE C 207 6.13 33.37 -23.24
C ILE C 207 7.09 34.32 -23.96
N LEU C 208 8.30 34.53 -23.43
CA LEU C 208 9.31 35.39 -24.08
C LEU C 208 9.83 34.73 -25.35
N ASP C 209 9.60 35.38 -26.49
CA ASP C 209 9.82 34.79 -27.81
C ASP C 209 11.30 34.61 -28.17
N PRO C 210 12.06 35.71 -28.34
CA PRO C 210 13.45 35.57 -28.79
C PRO C 210 14.42 34.98 -27.76
N LYS C 211 14.16 35.24 -26.47
CA LYS C 211 15.09 34.89 -25.40
C LYS C 211 14.76 33.56 -24.71
N VAL C 212 13.54 33.46 -24.19
CA VAL C 212 13.15 32.34 -23.33
C VAL C 212 12.95 31.03 -24.08
N ILE C 213 12.10 31.06 -25.11
CA ILE C 213 11.74 29.87 -25.87
C ILE C 213 12.88 29.37 -26.78
N LYS C 214 13.51 30.29 -27.50
CA LYS C 214 14.53 29.95 -28.50
C LYS C 214 15.85 29.45 -27.91
N MET C 215 16.35 30.16 -26.90
CA MET C 215 17.63 29.81 -26.26
C MET C 215 17.56 28.54 -25.41
N ASN C 216 16.41 28.28 -24.78
CA ASN C 216 16.21 27.08 -23.98
C ASN C 216 16.06 25.83 -24.83
N TYR C 217 15.23 25.92 -25.87
CA TYR C 217 15.00 24.81 -26.82
C TYR C 217 16.23 24.45 -27.65
N LEU C 218 17.02 25.46 -28.02
CA LEU C 218 18.26 25.26 -28.79
C LEU C 218 19.33 24.46 -28.04
N LYS C 219 19.32 24.51 -26.71
CA LYS C 219 20.26 23.76 -25.87
C LYS C 219 19.65 22.49 -25.23
N SER C 220 18.41 22.15 -25.58
CA SER C 220 17.69 21.04 -24.95
C SER C 220 17.46 19.87 -25.90
N TRP C 221 16.58 20.06 -26.90
CA TRP C 221 16.17 18.99 -27.83
C TRP C 221 16.38 19.29 -29.32
N PHE C 222 16.95 20.45 -29.66
CA PHE C 222 17.06 20.88 -31.06
C PHE C 222 17.99 20.00 -31.91
N VAL C 223 18.97 19.34 -31.28
CA VAL C 223 20.02 18.66 -32.05
C VAL C 223 19.44 17.45 -32.75
N VAL C 224 18.77 16.62 -31.95
CA VAL C 224 18.14 15.39 -32.44
C VAL C 224 17.11 15.72 -33.52
N ASP C 225 16.31 16.73 -33.20
CA ASP C 225 15.13 17.05 -33.98
C ASP C 225 15.53 17.47 -35.39
N PHE C 226 16.56 18.32 -35.45
CA PHE C 226 17.03 18.90 -36.70
C PHE C 226 17.45 17.81 -37.66
N ILE C 227 18.22 16.86 -37.12
CA ILE C 227 18.75 15.75 -37.91
C ILE C 227 17.59 14.95 -38.50
N SER C 228 16.59 14.69 -37.64
CA SER C 228 15.42 13.91 -38.04
C SER C 228 14.68 14.62 -39.18
N SER C 229 14.54 15.94 -39.02
CA SER C 229 13.70 16.71 -39.95
C SER C 229 14.28 16.68 -41.35
N ILE C 230 15.57 16.97 -41.47
CA ILE C 230 16.25 17.07 -42.78
C ILE C 230 16.37 15.72 -43.50
N PRO C 231 16.18 15.71 -44.84
CA PRO C 231 16.43 14.50 -45.63
C PRO C 231 17.94 14.35 -45.92
N VAL C 232 18.63 13.60 -45.08
CA VAL C 232 20.10 13.53 -45.12
C VAL C 232 20.56 12.70 -46.30
N ASP C 233 19.88 11.59 -46.55
CA ASP C 233 20.26 10.65 -47.59
C ASP C 233 20.28 11.34 -48.96
N TYR C 234 19.22 12.11 -49.21
CA TYR C 234 19.08 12.82 -50.47
C TYR C 234 20.21 13.83 -50.63
N ILE C 235 20.52 14.52 -49.54
CA ILE C 235 21.60 15.52 -49.53
C ILE C 235 22.93 14.85 -49.89
N PHE C 236 23.15 13.69 -49.27
CA PHE C 236 24.37 12.91 -49.50
C PHE C 236 24.49 12.54 -50.97
N LEU C 237 23.37 12.07 -51.52
CA LEU C 237 23.28 11.68 -52.93
C LEU C 237 23.66 12.85 -53.83
N ILE C 238 23.10 14.01 -53.50
CA ILE C 238 23.33 15.25 -54.25
C ILE C 238 24.82 15.57 -54.24
N VAL C 239 25.41 15.47 -53.05
CA VAL C 239 26.83 15.74 -52.84
C VAL C 239 27.68 14.82 -53.73
N GLU C 240 27.30 13.55 -53.72
CA GLU C 240 27.99 12.52 -54.52
C GLU C 240 27.94 12.88 -55.99
N LYS C 241 26.76 13.29 -56.43
CA LYS C 241 26.52 13.70 -57.82
C LYS C 241 27.43 14.86 -58.21
N GLY C 242 27.49 15.88 -57.36
CA GLY C 242 28.29 17.09 -57.60
C GLY C 242 29.65 17.04 -56.93
N ARG C 252 31.57 0.94 -57.68
CA ARG C 252 31.57 1.98 -56.63
C ARG C 252 30.19 2.31 -56.01
N ALA C 253 29.09 1.88 -56.65
CA ALA C 253 27.76 2.29 -56.28
C ALA C 253 27.23 1.52 -55.08
N LEU C 254 27.63 0.24 -54.98
CA LEU C 254 27.09 -0.65 -53.97
C LEU C 254 27.34 -0.11 -52.58
N ARG C 255 28.58 0.33 -52.37
CA ARG C 255 29.02 0.90 -51.09
C ARG C 255 28.17 2.10 -50.73
N ILE C 256 27.98 2.96 -51.73
CA ILE C 256 27.19 4.18 -51.57
C ILE C 256 25.77 3.84 -51.14
N VAL C 257 25.21 2.84 -51.82
CA VAL C 257 23.85 2.37 -51.54
C VAL C 257 23.74 1.90 -50.10
N ARG C 258 24.74 1.12 -49.69
CA ARG C 258 24.81 0.57 -48.34
C ARG C 258 24.81 1.71 -47.31
N PHE C 259 25.63 2.72 -47.60
CA PHE C 259 25.78 3.87 -46.73
C PHE C 259 24.44 4.59 -46.58
N THR C 260 23.75 4.75 -47.71
CA THR C 260 22.58 5.62 -47.77
C THR C 260 21.50 5.15 -46.83
N LYS C 261 21.30 3.83 -46.75
CA LYS C 261 20.23 3.26 -45.93
C LYS C 261 20.42 3.63 -44.47
N ILE C 262 21.66 3.52 -44.01
CA ILE C 262 22.01 3.83 -42.62
C ILE C 262 21.69 5.31 -42.34
N LEU C 263 22.08 6.16 -43.28
CA LEU C 263 21.84 7.61 -43.17
C LEU C 263 20.34 7.88 -43.05
N SER C 264 19.57 7.21 -43.90
CA SER C 264 18.12 7.34 -43.92
C SER C 264 17.53 6.96 -42.57
N LEU C 265 18.04 5.86 -42.00
CA LEU C 265 17.64 5.46 -40.63
C LEU C 265 17.67 6.60 -39.58
N LEU C 266 18.41 7.69 -39.80
CA LEU C 266 18.33 8.89 -38.93
C LEU C 266 16.93 9.48 -38.82
N ARG C 267 16.11 9.31 -39.86
CA ARG C 267 14.71 9.76 -39.85
C ARG C 267 13.82 9.07 -38.79
N LEU C 268 14.27 7.91 -38.30
CA LEU C 268 13.59 7.20 -37.20
C LEU C 268 13.77 7.83 -35.82
N LEU C 269 14.70 8.78 -35.68
CA LEU C 269 14.90 9.51 -34.41
C LEU C 269 13.76 10.49 -34.04
N ARG C 270 12.75 10.62 -34.91
CA ARG C 270 11.53 11.37 -34.59
C ARG C 270 10.73 10.75 -33.44
N LEU C 271 11.01 9.48 -33.13
CA LEU C 271 10.33 8.75 -32.07
C LEU C 271 10.38 9.49 -30.75
N SER C 272 11.53 10.10 -30.46
CA SER C 272 11.73 10.85 -29.23
C SER C 272 10.70 11.97 -29.11
N ARG C 273 10.56 12.70 -30.21
CA ARG C 273 9.62 13.83 -30.29
C ARG C 273 8.22 13.36 -30.03
N LEU C 274 7.87 12.23 -30.67
CA LEU C 274 6.54 11.61 -30.52
C LEU C 274 6.26 11.31 -29.08
N ILE C 275 7.27 10.70 -28.43
CA ILE C 275 7.19 10.30 -27.02
C ILE C 275 6.91 11.52 -26.16
N ARG C 276 7.67 12.58 -26.44
CA ARG C 276 7.56 13.85 -25.71
C ARG C 276 6.13 14.39 -25.82
N TYR C 277 5.63 14.37 -27.05
CA TYR C 277 4.29 14.87 -27.35
C TYR C 277 3.25 14.09 -26.56
N ILE C 278 3.42 12.77 -26.57
CA ILE C 278 2.50 11.87 -25.87
C ILE C 278 2.49 12.19 -24.38
N HIS C 279 3.69 12.39 -23.83
CA HIS C 279 3.83 12.68 -22.41
C HIS C 279 3.14 13.98 -22.07
N GLN C 280 3.29 14.98 -22.94
CA GLN C 280 2.65 16.28 -22.76
C GLN C 280 1.12 16.15 -22.75
N TRP C 281 0.59 15.61 -23.85
CA TRP C 281 -0.84 15.58 -24.06
C TRP C 281 -1.51 14.62 -23.10
N GLU C 282 -0.83 13.57 -22.67
CA GLU C 282 -1.46 12.65 -21.72
C GLU C 282 -1.71 13.32 -20.40
N GLU C 283 -0.78 14.18 -19.97
CA GLU C 283 -0.97 14.96 -18.73
C GLU C 283 -2.21 15.83 -18.84
N ILE C 284 -2.35 16.48 -20.00
CA ILE C 284 -3.49 17.35 -20.29
C ILE C 284 -4.79 16.53 -20.21
N PHE C 285 -4.77 15.34 -20.84
CA PHE C 285 -5.91 14.42 -20.86
C PHE C 285 -6.29 13.83 -19.50
N HIS C 286 -5.35 13.80 -18.55
CA HIS C 286 -5.69 13.48 -17.14
C HIS C 286 -6.54 14.59 -16.52
N MET C 287 -6.15 15.84 -16.77
CA MET C 287 -6.87 17.01 -16.27
C MET C 287 -8.17 17.35 -17.04
N THR C 288 -8.45 16.65 -18.14
CA THR C 288 -9.76 16.74 -18.81
C THR C 288 -10.70 15.63 -18.34
N TYR C 289 -10.46 14.40 -18.79
CA TYR C 289 -11.46 13.33 -18.76
C TYR C 289 -11.36 12.34 -17.59
N ASP C 290 -10.46 12.61 -16.62
CA ASP C 290 -10.29 11.75 -15.44
C ASP C 290 -9.98 10.29 -15.82
N LEU C 291 -8.87 10.12 -16.53
CA LEU C 291 -8.44 8.80 -17.01
C LEU C 291 -7.78 8.00 -15.89
N ALA C 292 -7.98 6.68 -15.92
CA ALA C 292 -7.25 5.75 -15.05
C ALA C 292 -5.81 5.69 -15.53
N SER C 293 -4.86 5.92 -14.61
CA SER C 293 -3.46 6.12 -14.94
C SER C 293 -2.85 4.84 -15.50
N ALA C 294 -3.16 3.74 -14.81
CA ALA C 294 -2.59 2.43 -15.10
C ALA C 294 -2.88 2.03 -16.53
N VAL C 295 -4.14 2.21 -16.92
CA VAL C 295 -4.62 1.85 -18.26
C VAL C 295 -3.80 2.60 -19.31
N VAL C 296 -3.66 3.90 -19.06
CA VAL C 296 -2.94 4.80 -19.96
C VAL C 296 -1.49 4.31 -20.12
N ARG C 297 -0.89 3.99 -18.97
CA ARG C 297 0.50 3.55 -18.94
C ARG C 297 0.66 2.27 -19.75
N ILE C 298 -0.29 1.35 -19.57
CA ILE C 298 -0.21 0.06 -20.25
C ILE C 298 -0.34 0.29 -21.75
N PHE C 299 -1.24 1.18 -22.15
CA PHE C 299 -1.51 1.36 -23.58
C PHE C 299 -0.28 1.88 -24.28
N ASN C 300 0.37 2.86 -23.64
CA ASN C 300 1.61 3.46 -24.17
C ASN C 300 2.66 2.39 -24.36
N LEU C 301 2.80 1.56 -23.32
CA LEU C 301 3.79 0.48 -23.33
C LEU C 301 3.54 -0.46 -24.48
N ILE C 302 2.27 -0.81 -24.68
CA ILE C 302 1.85 -1.71 -25.76
C ILE C 302 2.27 -1.14 -27.11
N GLY C 303 2.00 0.15 -27.28
CA GLY C 303 2.34 0.86 -28.50
C GLY C 303 3.84 0.80 -28.77
N MET C 304 4.58 1.07 -27.70
CA MET C 304 6.05 1.09 -27.73
C MET C 304 6.54 -0.29 -28.08
N MET C 305 5.95 -1.29 -27.41
CA MET C 305 6.41 -2.68 -27.51
C MET C 305 6.28 -3.16 -28.93
N LEU C 306 5.10 -2.89 -29.49
CA LEU C 306 4.78 -3.32 -30.88
C LEU C 306 5.76 -2.67 -31.83
N LEU C 307 6.01 -1.37 -31.62
CA LEU C 307 6.92 -0.60 -32.46
C LEU C 307 8.31 -1.24 -32.45
N LEU C 308 8.75 -1.57 -31.23
CA LEU C 308 10.07 -2.17 -31.03
C LEU C 308 10.17 -3.48 -31.76
N CYS C 309 9.11 -4.29 -31.65
CA CYS C 309 9.03 -5.59 -32.30
C CYS C 309 9.18 -5.42 -33.81
N HIS C 310 8.45 -4.45 -34.33
CA HIS C 310 8.46 -4.13 -35.77
C HIS C 310 9.87 -3.79 -36.22
N TRP C 311 10.51 -2.94 -35.42
CA TRP C 311 11.86 -2.49 -35.71
C TRP C 311 12.83 -3.66 -35.75
N ASP C 312 12.68 -4.54 -34.77
CA ASP C 312 13.50 -5.75 -34.64
C ASP C 312 13.35 -6.61 -35.88
N GLY C 313 12.11 -6.78 -36.31
CA GLY C 313 11.77 -7.56 -37.50
C GLY C 313 12.47 -6.99 -38.72
N CYS C 314 12.37 -5.67 -38.84
CA CYS C 314 13.01 -4.96 -39.95
C CYS C 314 14.53 -5.11 -39.81
N LEU C 315 15.00 -4.87 -38.59
CA LEU C 315 16.42 -4.79 -38.27
C LEU C 315 17.10 -6.09 -38.59
N GLN C 316 16.45 -7.21 -38.21
CA GLN C 316 17.03 -8.53 -38.42
C GLN C 316 17.22 -8.79 -39.91
N PHE C 317 16.23 -8.44 -40.70
CA PHE C 317 16.35 -8.64 -42.15
C PHE C 317 17.46 -7.74 -42.72
N LEU C 318 17.49 -6.52 -42.22
CA LEU C 318 18.29 -5.44 -42.71
C LEU C 318 19.75 -5.75 -42.68
N VAL C 319 20.22 -6.43 -41.63
CA VAL C 319 21.65 -6.67 -41.48
C VAL C 319 22.15 -7.54 -42.64
N PRO C 320 21.37 -8.57 -43.00
CA PRO C 320 21.74 -9.41 -44.14
C PRO C 320 21.86 -8.61 -45.42
N LEU C 321 20.90 -7.71 -45.63
CA LEU C 321 20.89 -6.84 -46.80
C LEU C 321 22.17 -5.99 -46.84
N LEU C 322 22.47 -5.43 -45.68
CA LEU C 322 23.66 -4.58 -45.53
C LEU C 322 24.90 -5.42 -45.76
N GLN C 323 24.92 -6.62 -45.19
CA GLN C 323 26.04 -7.56 -45.31
C GLN C 323 26.03 -8.41 -46.61
N ASP C 324 25.10 -8.12 -47.52
CA ASP C 324 25.02 -8.74 -48.86
C ASP C 324 24.61 -10.22 -48.87
N PHE C 325 23.70 -10.58 -47.95
CA PHE C 325 23.15 -11.94 -47.83
C PHE C 325 24.22 -13.03 -47.80
N PRO C 326 25.03 -13.06 -46.72
CA PRO C 326 26.04 -14.12 -46.60
C PRO C 326 25.36 -15.47 -46.35
N PRO C 327 25.92 -16.56 -46.89
CA PRO C 327 25.25 -17.87 -46.91
C PRO C 327 24.96 -18.46 -45.52
N ASP C 328 25.73 -18.07 -44.51
CA ASP C 328 25.48 -18.46 -43.13
C ASP C 328 24.45 -17.60 -42.36
N CYS C 329 23.73 -16.72 -43.06
CA CYS C 329 22.63 -15.95 -42.44
C CYS C 329 21.32 -16.73 -42.49
N TRP C 330 20.34 -16.28 -41.71
CA TRP C 330 19.04 -16.95 -41.62
C TRP C 330 18.18 -16.83 -42.89
N VAL C 331 18.41 -15.79 -43.68
CA VAL C 331 17.62 -15.56 -44.91
C VAL C 331 18.08 -16.53 -46.00
N SER C 332 19.38 -16.71 -46.14
CA SER C 332 19.96 -17.60 -47.15
C SER C 332 19.79 -19.09 -46.83
N LEU C 333 19.78 -19.46 -45.55
CA LEU C 333 19.58 -20.85 -45.13
C LEU C 333 18.15 -21.36 -45.40
N ASN C 334 17.16 -20.49 -45.26
CA ASN C 334 15.77 -20.81 -45.59
C ASN C 334 15.46 -20.68 -47.09
N GLU C 335 16.37 -20.05 -47.85
CA GLU C 335 16.25 -19.88 -49.30
C GLU C 335 15.06 -18.99 -49.66
N MET C 336 14.93 -17.88 -48.94
CA MET C 336 13.82 -16.93 -49.13
C MET C 336 14.35 -15.51 -49.38
N VAL C 337 15.41 -15.42 -50.18
CA VAL C 337 15.97 -14.13 -50.60
C VAL C 337 15.11 -13.58 -51.74
N ASN C 338 14.84 -14.43 -52.73
CA ASN C 338 14.04 -14.06 -53.90
C ASN C 338 12.52 -14.11 -53.69
N ASP C 339 12.07 -14.54 -52.51
CA ASP C 339 10.65 -14.50 -52.16
C ASP C 339 10.14 -13.07 -52.05
N SER C 340 8.81 -12.90 -52.09
CA SER C 340 8.18 -11.57 -52.06
C SER C 340 8.49 -10.84 -50.77
N TRP C 341 8.39 -9.51 -50.82
CA TRP C 341 8.79 -8.65 -49.70
C TRP C 341 7.97 -9.02 -48.46
N GLY C 342 6.66 -9.18 -48.69
CA GLY C 342 5.70 -9.30 -47.60
C GLY C 342 5.99 -10.51 -46.75
N LYS C 343 6.22 -11.63 -47.44
CA LYS C 343 6.50 -12.91 -46.79
C LYS C 343 7.73 -12.79 -45.92
N GLN C 344 8.77 -12.17 -46.51
CA GLN C 344 10.05 -11.96 -45.83
C GLN C 344 9.85 -11.17 -44.55
N TYR C 345 9.07 -10.09 -44.69
CA TYR C 345 8.78 -9.20 -43.57
C TYR C 345 8.10 -9.97 -42.46
N SER C 346 7.12 -10.77 -42.85
CA SER C 346 6.33 -11.58 -41.91
C SER C 346 7.24 -12.49 -41.13
N TYR C 347 8.12 -13.16 -41.88
CA TYR C 347 9.03 -14.14 -41.27
C TYR C 347 9.96 -13.42 -40.28
N ALA C 348 10.47 -12.28 -40.75
CA ALA C 348 11.39 -11.46 -39.96
C ALA C 348 10.69 -11.00 -38.69
N LEU C 349 9.46 -10.53 -38.90
CA LEU C 349 8.64 -10.01 -37.78
C LEU C 349 8.39 -11.12 -36.78
N PHE C 350 8.08 -12.30 -37.29
CA PHE C 350 7.82 -13.48 -36.46
C PHE C 350 9.04 -13.79 -35.59
N LYS C 351 10.20 -13.76 -36.24
CA LYS C 351 11.48 -14.04 -35.59
C LYS C 351 11.71 -13.04 -34.44
N ALA C 352 11.44 -11.77 -34.75
CA ALA C 352 11.61 -10.69 -33.78
C ALA C 352 10.70 -10.95 -32.55
N MET C 353 9.46 -11.26 -32.90
CA MET C 353 8.37 -11.37 -31.96
C MET C 353 8.62 -12.49 -31.00
N SER C 354 9.15 -13.62 -31.50
CA SER C 354 9.44 -14.79 -30.68
C SER C 354 10.43 -14.39 -29.57
N HIS C 355 11.46 -13.66 -29.97
CA HIS C 355 12.48 -13.21 -29.02
C HIS C 355 11.87 -12.33 -27.95
N MET C 356 11.00 -11.42 -28.38
CA MET C 356 10.28 -10.53 -27.47
C MET C 356 9.49 -11.30 -26.43
N LEU C 357 8.68 -12.25 -26.87
CA LEU C 357 7.76 -12.98 -25.97
C LEU C 357 8.32 -14.30 -25.43
N CYS C 358 9.61 -14.57 -25.74
CA CYS C 358 10.38 -15.66 -25.13
C CYS C 358 9.93 -17.06 -25.56
N ILE C 359 9.68 -17.23 -26.86
CA ILE C 359 9.19 -18.50 -27.41
C ILE C 359 10.34 -19.37 -27.90
N GLY C 360 11.08 -18.87 -28.87
CA GLY C 360 12.14 -19.64 -29.51
C GLY C 360 12.92 -18.86 -30.56
N TYR C 361 13.59 -19.60 -31.44
CA TYR C 361 14.38 -19.03 -32.53
C TYR C 361 13.56 -19.09 -33.83
N GLY C 362 14.21 -18.92 -34.97
CA GLY C 362 13.57 -19.12 -36.27
C GLY C 362 13.56 -20.58 -36.67
N ALA C 363 14.03 -20.88 -37.88
CA ALA C 363 14.17 -22.25 -38.37
C ALA C 363 15.25 -23.03 -37.59
N GLN C 364 16.40 -22.39 -37.42
CA GLN C 364 17.51 -22.96 -36.65
C GLN C 364 18.17 -21.88 -35.79
N ALA C 365 18.99 -22.32 -34.83
CA ALA C 365 19.78 -21.40 -34.01
C ALA C 365 20.83 -20.71 -34.89
N PRO C 366 21.10 -19.42 -34.64
CA PRO C 366 21.97 -18.63 -35.51
C PRO C 366 23.40 -19.20 -35.63
N VAL C 367 23.90 -19.25 -36.86
CA VAL C 367 25.21 -19.85 -37.16
C VAL C 367 26.28 -18.76 -37.22
N SER C 368 26.06 -17.74 -38.05
CA SER C 368 27.02 -16.64 -38.22
C SER C 368 27.00 -15.71 -37.01
N MET C 369 28.13 -15.07 -36.76
CA MET C 369 28.32 -14.28 -35.54
C MET C 369 27.41 -13.07 -35.54
N SER C 370 27.31 -12.42 -36.70
CA SER C 370 26.54 -11.20 -36.87
C SER C 370 25.08 -11.44 -36.49
N ASP C 371 24.56 -12.53 -37.04
CA ASP C 371 23.16 -12.95 -36.80
C ASP C 371 22.95 -13.18 -35.31
N LEU C 372 23.89 -13.92 -34.74
CA LEU C 372 23.86 -14.37 -33.35
C LEU C 372 23.76 -13.18 -32.42
N TRP C 373 24.64 -12.22 -32.67
CA TRP C 373 24.72 -11.01 -31.83
C TRP C 373 23.42 -10.24 -31.92
N ILE C 374 22.87 -10.14 -33.14
CA ILE C 374 21.60 -9.45 -33.37
C ILE C 374 20.50 -10.09 -32.55
N THR C 375 20.47 -11.42 -32.60
CA THR C 375 19.48 -12.23 -31.89
C THR C 375 19.56 -11.95 -30.40
N MET C 376 20.80 -11.94 -29.90
CA MET C 376 21.07 -11.70 -28.48
C MET C 376 20.53 -10.33 -28.08
N LEU C 377 20.81 -9.35 -28.92
CA LEU C 377 20.37 -7.96 -28.70
C LEU C 377 18.86 -7.90 -28.59
N SER C 378 18.21 -8.59 -29.54
CA SER C 378 16.75 -8.64 -29.60
C SER C 378 16.19 -9.23 -28.32
N MET C 379 16.81 -10.32 -27.89
CA MET C 379 16.41 -11.02 -26.67
C MET C 379 16.50 -10.11 -25.48
N ILE C 380 17.61 -9.36 -25.40
CA ILE C 380 17.85 -8.41 -24.32
C ILE C 380 16.74 -7.36 -24.30
N VAL C 381 16.46 -6.84 -25.48
CA VAL C 381 15.43 -5.81 -25.67
C VAL C 381 14.07 -6.40 -25.27
N GLY C 382 13.85 -7.61 -25.77
CA GLY C 382 12.54 -8.24 -25.77
C GLY C 382 12.18 -8.57 -24.35
N ALA C 383 13.10 -9.27 -23.68
CA ALA C 383 12.88 -9.80 -22.35
C ALA C 383 12.54 -8.68 -21.37
N THR C 384 13.34 -7.62 -21.45
CA THR C 384 13.18 -6.45 -20.60
C THR C 384 11.80 -5.84 -20.80
N CYS C 385 11.44 -5.72 -22.08
CA CYS C 385 10.13 -5.16 -22.46
C CYS C 385 9.01 -5.98 -21.87
N TYR C 386 9.15 -7.29 -21.97
CA TYR C 386 8.15 -8.24 -21.44
C TYR C 386 8.00 -8.06 -19.95
N ALA C 387 9.13 -7.93 -19.28
CA ALA C 387 9.17 -7.73 -17.82
C ALA C 387 8.39 -6.46 -17.45
N MET C 388 8.69 -5.40 -18.20
CA MET C 388 8.06 -4.11 -17.99
C MET C 388 6.54 -4.22 -18.15
N PHE C 389 6.14 -4.93 -19.20
CA PHE C 389 4.73 -5.17 -19.51
C PHE C 389 4.05 -5.87 -18.37
N VAL C 390 4.72 -6.89 -17.85
CA VAL C 390 4.21 -7.69 -16.73
C VAL C 390 3.98 -6.79 -15.53
N GLY C 391 4.97 -5.95 -15.26
CA GLY C 391 4.92 -5.01 -14.14
C GLY C 391 3.71 -4.09 -14.27
N HIS C 392 3.55 -3.57 -15.48
CA HIS C 392 2.45 -2.66 -15.81
C HIS C 392 1.12 -3.33 -15.57
N ALA C 393 1.02 -4.57 -16.02
CA ALA C 393 -0.19 -5.38 -15.88
C ALA C 393 -0.54 -5.54 -14.42
N THR C 394 0.48 -5.85 -13.63
CA THR C 394 0.35 -6.04 -12.17
C THR C 394 -0.23 -4.77 -11.55
N ALA C 395 0.37 -3.65 -11.94
CA ALA C 395 -0.03 -2.34 -11.44
C ALA C 395 -1.51 -2.08 -11.73
N LEU C 396 -1.87 -2.37 -12.98
CA LEU C 396 -3.23 -2.18 -13.47
C LEU C 396 -4.20 -2.99 -12.64
N ILE C 397 -3.82 -4.25 -12.42
CA ILE C 397 -4.68 -5.20 -11.71
C ILE C 397 -4.91 -4.71 -10.29
N GLN C 398 -3.83 -4.25 -9.66
CA GLN C 398 -3.92 -3.77 -8.29
C GLN C 398 -4.84 -2.56 -8.22
N SER C 399 -4.70 -1.67 -9.21
CA SER C 399 -5.54 -0.47 -9.27
C SER C 399 -7.01 -0.86 -9.38
N LEU C 400 -7.29 -1.83 -10.23
CA LEU C 400 -8.67 -2.16 -10.58
C LEU C 400 -9.50 -2.58 -9.38
N ASP C 401 -8.99 -3.47 -8.55
CA ASP C 401 -9.72 -3.93 -7.36
C ASP C 401 -9.26 -3.24 -6.06
N SER C 402 -8.69 -2.04 -6.16
CA SER C 402 -8.15 -1.32 -5.01
C SER C 402 -9.23 -0.93 -4.01
N SER C 403 -10.39 -0.52 -4.52
CA SER C 403 -11.54 -0.19 -3.68
C SER C 403 -12.03 -1.39 -2.85
N ARG C 404 -12.06 -2.56 -3.47
CA ARG C 404 -12.51 -3.81 -2.85
C ARG C 404 -11.45 -4.33 -1.87
N ARG C 405 -10.21 -4.30 -2.35
CA ARG C 405 -9.07 -4.82 -1.60
C ARG C 405 -8.94 -4.11 -0.27
N GLN C 406 -9.06 -2.78 -0.33
CA GLN C 406 -8.86 -1.91 0.82
C GLN C 406 -9.82 -2.28 1.93
N TYR C 407 -11.08 -2.47 1.55
CA TYR C 407 -12.14 -2.83 2.51
C TYR C 407 -11.77 -4.11 3.25
N GLN C 408 -11.35 -5.09 2.45
CA GLN C 408 -10.97 -6.41 2.98
C GLN C 408 -9.83 -6.27 3.96
N GLU C 409 -8.84 -5.46 3.58
CA GLU C 409 -7.66 -5.19 4.41
C GLU C 409 -8.08 -4.62 5.75
N LYS C 410 -8.98 -3.63 5.67
CA LYS C 410 -9.50 -2.95 6.86
C LYS C 410 -10.18 -3.96 7.79
N TYR C 411 -10.99 -4.82 7.18
CA TYR C 411 -11.73 -5.82 7.94
C TYR C 411 -10.78 -6.78 8.63
N LYS C 412 -9.70 -7.16 7.93
CA LYS C 412 -8.69 -8.06 8.47
C LYS C 412 -8.15 -7.56 9.81
N GLN C 413 -7.94 -6.25 9.91
CA GLN C 413 -7.49 -5.61 11.14
C GLN C 413 -8.49 -5.87 12.27
N VAL C 414 -9.76 -5.73 11.95
CA VAL C 414 -10.84 -5.96 12.92
C VAL C 414 -10.79 -7.39 13.45
N GLU C 415 -10.61 -8.31 12.50
CA GLU C 415 -10.53 -9.74 12.82
C GLU C 415 -9.37 -10.00 13.77
N GLN C 416 -8.24 -9.38 13.44
CA GLN C 416 -7.01 -9.52 14.24
C GLN C 416 -7.25 -9.02 15.65
N TYR C 417 -7.92 -7.88 15.76
CA TYR C 417 -8.27 -7.27 17.05
C TYR C 417 -9.07 -8.25 17.89
N MET C 418 -10.08 -8.84 17.24
CA MET C 418 -10.96 -9.82 17.90
C MET C 418 -10.15 -10.99 18.42
N SER C 419 -9.26 -11.48 17.57
CA SER C 419 -8.39 -12.61 17.89
C SER C 419 -7.55 -12.30 19.12
N PHE C 420 -7.00 -11.09 19.14
CA PHE C 420 -6.19 -10.61 20.25
C PHE C 420 -6.93 -10.70 21.58
N HIS C 421 -8.18 -10.26 21.63
CA HIS C 421 -8.99 -10.34 22.86
C HIS C 421 -9.67 -11.70 23.08
N LYS C 422 -9.64 -12.57 22.06
CA LYS C 422 -10.14 -13.94 22.13
C LYS C 422 -11.64 -13.96 22.42
N LEU C 423 -12.39 -13.25 21.58
CA LEU C 423 -13.82 -13.09 21.77
C LEU C 423 -14.59 -14.35 21.41
N PRO C 424 -15.78 -14.57 22.01
CA PRO C 424 -16.63 -15.71 21.66
C PRO C 424 -17.13 -15.64 20.22
N ALA C 425 -17.40 -16.79 19.63
CA ALA C 425 -17.79 -16.88 18.23
C ALA C 425 -19.06 -16.08 17.95
N ASP C 426 -20.02 -16.18 18.86
CA ASP C 426 -21.30 -15.50 18.77
C ASP C 426 -21.09 -13.99 18.64
N MET C 427 -20.25 -13.50 19.54
CA MET C 427 -19.91 -12.08 19.63
C MET C 427 -19.29 -11.62 18.31
N ARG C 428 -18.36 -12.44 17.81
CA ARG C 428 -17.67 -12.17 16.55
C ARG C 428 -18.65 -12.04 15.41
N GLN C 429 -19.59 -12.99 15.38
CA GLN C 429 -20.64 -13.04 14.36
C GLN C 429 -21.45 -11.75 14.38
N LYS C 430 -21.82 -11.34 15.59
CA LYS C 430 -22.60 -10.12 15.81
C LYS C 430 -21.86 -8.92 15.23
N ILE C 431 -20.57 -8.86 15.56
CA ILE C 431 -19.71 -7.75 15.11
C ILE C 431 -19.67 -7.71 13.58
N HIS C 432 -19.51 -8.89 12.99
CA HIS C 432 -19.45 -9.05 11.54
C HIS C 432 -20.73 -8.51 10.90
N ASP C 433 -21.85 -8.90 11.49
CA ASP C 433 -23.17 -8.49 11.03
C ASP C 433 -23.28 -6.97 11.04
N TYR C 434 -22.84 -6.40 12.17
CA TYR C 434 -22.88 -4.95 12.37
C TYR C 434 -22.08 -4.26 11.28
N TYR C 435 -20.89 -4.78 11.03
CA TYR C 435 -19.99 -4.23 10.02
C TYR C 435 -20.65 -4.24 8.65
N GLU C 436 -21.28 -5.37 8.35
CA GLU C 436 -21.96 -5.56 7.07
C GLU C 436 -23.08 -4.52 6.92
N HIS C 437 -23.83 -4.33 7.99
CA HIS C 437 -24.94 -3.41 7.93
C HIS C 437 -24.43 -1.98 7.75
N ARG C 438 -23.34 -1.65 8.42
CA ARG C 438 -22.88 -0.28 8.57
C ARG C 438 -22.31 0.27 7.27
N TYR C 439 -21.31 -0.44 6.76
CA TYR C 439 -20.53 0.00 5.61
C TYR C 439 -20.97 -0.61 4.28
N GLN C 440 -21.63 -1.77 4.32
CA GLN C 440 -22.13 -2.47 3.12
C GLN C 440 -21.01 -2.77 2.11
N GLY C 441 -19.87 -3.23 2.62
CA GLY C 441 -18.72 -3.58 1.80
C GLY C 441 -18.01 -2.42 1.13
N LYS C 442 -18.15 -1.22 1.69
CA LYS C 442 -17.59 0.00 1.10
C LYS C 442 -16.73 0.73 2.11
N ILE C 443 -15.41 0.73 1.86
CA ILE C 443 -14.48 1.49 2.70
C ILE C 443 -14.57 3.00 2.41
N PHE C 444 -14.76 3.77 3.48
CA PHE C 444 -14.69 5.24 3.44
C PHE C 444 -14.69 5.78 4.86
N ASP C 445 -14.12 6.97 5.04
CA ASP C 445 -14.10 7.65 6.34
C ASP C 445 -14.85 8.98 6.22
N GLU C 446 -16.07 9.01 6.74
CA GLU C 446 -16.93 10.20 6.67
C GLU C 446 -16.25 11.43 7.28
N GLU C 447 -15.62 11.23 8.43
CA GLU C 447 -14.88 12.28 9.13
C GLU C 447 -13.90 13.04 8.24
N ASN C 448 -13.25 12.34 7.32
CA ASN C 448 -12.22 12.95 6.49
C ASN C 448 -12.88 13.68 5.31
N ILE C 449 -13.77 12.95 4.65
CA ILE C 449 -14.38 13.40 3.40
C ILE C 449 -15.16 14.70 3.66
N LEU C 450 -15.94 14.67 4.75
CA LEU C 450 -16.76 15.83 5.09
C LEU C 450 -15.87 17.04 5.39
N ASN C 451 -14.77 16.79 6.10
CA ASN C 451 -13.82 17.86 6.43
C ASN C 451 -13.26 18.47 5.16
N GLU C 452 -12.91 17.60 4.22
CA GLU C 452 -12.39 18.02 2.91
C GLU C 452 -13.38 18.93 2.20
N LEU C 453 -14.66 18.59 2.20
CA LEU C 453 -15.70 19.41 1.57
C LEU C 453 -15.91 20.76 2.27
N ASN C 454 -16.48 21.72 1.54
CA ASN C 454 -16.86 23.03 2.12
C ASN C 454 -18.25 22.97 2.74
N ASP C 455 -18.71 24.07 3.33
CA ASP C 455 -19.95 24.10 4.11
C ASP C 455 -21.21 23.85 3.30
N PRO C 456 -21.38 24.57 2.17
CA PRO C 456 -22.61 24.45 1.38
C PRO C 456 -22.81 23.03 0.90
N LEU C 457 -21.71 22.43 0.42
CA LEU C 457 -21.74 21.06 -0.09
C LEU C 457 -22.17 20.11 1.00
N ARG C 458 -21.59 20.31 2.18
CA ARG C 458 -21.90 19.49 3.36
C ARG C 458 -23.38 19.57 3.68
N GLU C 459 -23.89 20.80 3.67
CA GLU C 459 -25.30 21.08 3.95
C GLU C 459 -26.19 20.32 2.98
N GLU C 460 -25.82 20.40 1.71
CA GLU C 460 -26.55 19.77 0.62
C GLU C 460 -26.61 18.26 0.86
N ILE C 461 -25.45 17.70 1.20
CA ILE C 461 -25.32 16.25 1.39
C ILE C 461 -26.19 15.84 2.57
N VAL C 462 -26.04 16.58 3.67
CA VAL C 462 -26.76 16.31 4.91
C VAL C 462 -28.25 16.35 4.67
N ASN C 463 -28.68 17.38 3.93
CA ASN C 463 -30.09 17.59 3.62
C ASN C 463 -30.61 16.39 2.83
N PHE C 464 -29.83 15.96 1.85
CA PHE C 464 -30.23 14.82 1.02
C PHE C 464 -30.38 13.57 1.86
N ASN C 465 -29.43 13.37 2.77
CA ASN C 465 -29.44 12.22 3.67
C ASN C 465 -30.69 12.22 4.53
N CYS C 466 -30.98 13.36 5.13
CA CYS C 466 -32.09 13.49 6.10
C CYS C 466 -33.32 14.17 5.52
N ARG C 467 -33.47 14.20 4.19
CA ARG C 467 -34.65 14.81 3.56
C ARG C 467 -35.92 14.12 4.03
N LYS C 468 -35.87 12.79 4.00
CA LYS C 468 -36.99 11.95 4.38
C LYS C 468 -37.40 12.23 5.82
N LEU C 469 -36.39 12.29 6.68
CA LEU C 469 -36.57 12.56 8.11
C LEU C 469 -37.28 13.89 8.30
N VAL C 470 -36.79 14.89 7.57
CA VAL C 470 -37.33 16.25 7.63
C VAL C 470 -38.81 16.24 7.25
N ALA C 471 -39.09 15.52 6.16
CA ALA C 471 -40.46 15.40 5.64
C ALA C 471 -41.37 14.79 6.69
N THR C 472 -40.87 13.73 7.33
CA THR C 472 -41.60 13.02 8.36
C THR C 472 -41.94 13.93 9.53
N MET C 473 -40.92 14.61 10.06
CA MET C 473 -41.06 15.30 11.35
C MET C 473 -41.94 16.56 11.26
N PRO C 474 -42.84 16.76 12.24
CA PRO C 474 -43.70 17.94 12.23
C PRO C 474 -42.99 19.24 12.63
N LEU C 475 -42.03 19.15 13.55
CA LEU C 475 -41.28 20.33 14.01
C LEU C 475 -40.38 20.94 12.94
N PHE C 476 -39.73 20.09 12.13
CA PHE C 476 -38.72 20.54 11.16
C PHE C 476 -39.28 21.34 9.98
N ALA C 477 -40.45 20.94 9.49
CA ALA C 477 -41.09 21.60 8.33
C ALA C 477 -41.58 23.02 8.63
N ASN C 478 -42.17 23.22 9.80
CA ASN C 478 -42.73 24.53 10.20
C ASN C 478 -41.67 25.58 10.54
N ALA C 479 -40.61 25.16 11.26
CA ALA C 479 -39.56 26.08 11.71
C ALA C 479 -38.68 26.59 10.57
N ASP C 480 -37.86 27.59 10.88
CA ASP C 480 -36.95 28.22 9.90
C ASP C 480 -35.94 27.21 9.34
N PRO C 481 -35.59 27.30 8.04
CA PRO C 481 -34.66 26.35 7.45
C PRO C 481 -33.26 26.46 8.04
N ASN C 482 -32.88 27.63 8.52
CA ASN C 482 -31.59 27.84 9.15
C ASN C 482 -31.43 26.91 10.35
N PHE C 483 -32.48 26.85 11.16
CA PHE C 483 -32.52 26.01 12.36
C PHE C 483 -32.31 24.55 11.97
N VAL C 484 -33.02 24.15 10.93
CA VAL C 484 -32.96 22.77 10.41
C VAL C 484 -31.52 22.44 10.00
N THR C 485 -30.92 23.38 9.29
CA THR C 485 -29.54 23.25 8.79
C THR C 485 -28.59 23.04 9.98
N ALA C 486 -28.78 23.87 11.00
CA ALA C 486 -27.97 23.83 12.21
C ALA C 486 -28.08 22.46 12.87
N MET C 487 -29.31 21.97 12.95
CA MET C 487 -29.61 20.66 13.54
C MET C 487 -28.89 19.54 12.79
N LEU C 488 -29.10 19.52 11.48
CA LEU C 488 -28.67 18.39 10.64
C LEU C 488 -27.16 18.30 10.44
N SER C 489 -26.47 19.44 10.51
CA SER C 489 -25.00 19.46 10.47
C SER C 489 -24.40 18.70 11.65
N LYS C 490 -24.95 18.90 12.83
CA LYS C 490 -24.44 18.28 14.07
C LYS C 490 -24.79 16.79 14.24
N LEU C 491 -25.71 16.25 13.43
CA LEU C 491 -26.12 14.84 13.56
C LEU C 491 -24.98 13.87 13.24
N ARG C 492 -25.06 12.68 13.84
CA ARG C 492 -24.05 11.63 13.66
C ARG C 492 -24.75 10.30 13.41
N PHE C 493 -24.38 9.65 12.32
CA PHE C 493 -25.05 8.43 11.86
C PHE C 493 -24.68 7.22 12.71
N GLU C 494 -25.69 6.41 13.06
CA GLU C 494 -25.49 5.17 13.83
C GLU C 494 -26.45 4.07 13.38
N VAL C 495 -26.00 2.83 13.54
CA VAL C 495 -26.75 1.64 13.14
C VAL C 495 -26.89 0.73 14.34
N PHE C 496 -28.09 0.18 14.55
CA PHE C 496 -28.33 -0.75 15.66
C PHE C 496 -28.95 -2.05 15.15
N GLN C 497 -28.53 -3.15 15.76
CA GLN C 497 -29.03 -4.49 15.42
C GLN C 497 -30.23 -4.83 16.29
N PRO C 498 -31.13 -5.71 15.80
CA PRO C 498 -32.32 -6.05 16.60
C PRO C 498 -31.95 -6.81 17.87
N GLY C 499 -32.53 -6.39 19.00
CA GLY C 499 -32.20 -6.93 20.31
C GLY C 499 -31.15 -6.15 21.09
N ASP C 500 -30.75 -4.99 20.57
CA ASP C 500 -29.78 -4.10 21.24
C ASP C 500 -30.54 -3.02 22.01
N TYR C 501 -30.21 -2.86 23.29
CA TYR C 501 -30.72 -1.75 24.08
C TYR C 501 -30.05 -0.46 23.65
N ILE C 502 -30.79 0.41 22.97
CA ILE C 502 -30.27 1.71 22.53
C ILE C 502 -30.12 2.61 23.76
N ILE C 503 -31.18 2.66 24.56
CA ILE C 503 -31.17 3.34 25.86
C ILE C 503 -31.58 2.34 26.93
N ARG C 504 -30.86 2.35 28.06
CA ARG C 504 -31.23 1.60 29.26
C ARG C 504 -31.78 2.58 30.31
N GLU C 505 -32.82 2.16 31.03
CA GLU C 505 -33.49 3.04 31.99
C GLU C 505 -32.61 3.33 33.21
N GLY C 506 -32.58 4.59 33.63
CA GLY C 506 -31.81 5.03 34.79
C GLY C 506 -30.40 5.55 34.54
N ALA C 507 -29.89 5.37 33.32
CA ALA C 507 -28.52 5.79 32.98
C ALA C 507 -28.43 7.30 32.72
N VAL C 508 -27.21 7.81 32.68
CA VAL C 508 -26.94 9.22 32.35
C VAL C 508 -26.80 9.36 30.83
N GLY C 509 -27.75 10.05 30.21
CA GLY C 509 -27.85 10.13 28.75
C GLY C 509 -27.08 11.28 28.13
N LYS C 510 -26.12 10.96 27.26
CA LYS C 510 -25.28 11.95 26.58
C LYS C 510 -25.82 12.37 25.20
N LYS C 511 -26.66 11.55 24.57
CA LYS C 511 -27.10 11.80 23.19
C LYS C 511 -28.56 11.39 22.94
N MET C 512 -29.30 12.23 22.21
CA MET C 512 -30.66 11.90 21.74
C MET C 512 -30.57 11.23 20.37
N TYR C 513 -31.71 10.78 19.84
CA TYR C 513 -31.75 10.02 18.58
C TYR C 513 -32.82 10.53 17.62
N PHE C 514 -32.71 10.11 16.36
CA PHE C 514 -33.68 10.38 15.31
C PHE C 514 -33.78 9.15 14.43
N ILE C 515 -34.96 8.54 14.36
CA ILE C 515 -35.16 7.33 13.56
C ILE C 515 -35.35 7.74 12.10
N GLN C 516 -34.30 7.55 11.29
CA GLN C 516 -34.40 7.66 9.84
C GLN C 516 -35.20 6.49 9.29
N HIS C 517 -34.82 5.29 9.72
CA HIS C 517 -35.30 4.05 9.13
C HIS C 517 -35.26 2.91 10.15
N GLY C 518 -36.25 2.01 10.08
CA GLY C 518 -36.39 0.90 11.02
C GLY C 518 -37.40 1.17 12.12
N VAL C 519 -37.57 0.19 13.01
CA VAL C 519 -38.58 0.23 14.07
C VAL C 519 -37.97 -0.10 15.44
N ALA C 520 -38.12 0.83 16.38
CA ALA C 520 -37.61 0.70 17.75
C ALA C 520 -38.75 0.74 18.76
N GLY C 521 -38.65 -0.11 19.77
CA GLY C 521 -39.66 -0.24 20.82
C GLY C 521 -39.21 0.36 22.15
N VAL C 522 -40.15 0.98 22.86
CA VAL C 522 -39.91 1.60 24.16
C VAL C 522 -40.40 0.64 25.25
N ILE C 523 -39.60 0.50 26.31
CA ILE C 523 -39.92 -0.37 27.45
C ILE C 523 -39.82 0.45 28.74
N THR C 524 -40.94 0.54 29.45
CA THR C 524 -41.01 1.19 30.77
C THR C 524 -41.83 0.31 31.72
N LYS C 525 -41.64 0.53 33.02
CA LYS C 525 -42.40 -0.19 34.05
C LYS C 525 -43.88 0.17 34.03
N SER C 526 -44.73 -0.83 33.76
CA SER C 526 -46.19 -0.64 33.64
C SER C 526 -46.61 0.28 32.50
N SER C 527 -45.86 0.25 31.39
CA SER C 527 -46.15 1.06 30.20
C SER C 527 -46.59 0.24 28.98
N LYS C 528 -46.79 -1.08 29.17
CA LYS C 528 -47.15 -1.99 28.09
C LYS C 528 -46.07 -2.02 26.98
N GLU C 529 -46.47 -1.90 25.71
CA GLU C 529 -45.53 -1.85 24.59
C GLU C 529 -45.84 -0.64 23.69
N MET C 530 -44.81 0.13 23.37
CA MET C 530 -44.90 1.28 22.46
C MET C 530 -43.85 1.11 21.38
N LYS C 531 -44.25 1.28 20.12
CA LYS C 531 -43.35 1.11 18.97
C LYS C 531 -43.27 2.38 18.14
N LEU C 532 -42.05 2.77 17.76
CA LEU C 532 -41.79 4.00 17.00
C LEU C 532 -41.42 3.70 15.54
N THR C 533 -41.88 4.58 14.64
CA THR C 533 -41.67 4.44 13.20
C THR C 533 -40.66 5.47 12.70
N ASP C 534 -40.41 5.46 11.39
CA ASP C 534 -39.51 6.42 10.76
C ASP C 534 -40.02 7.85 10.92
N GLY C 535 -39.09 8.78 11.12
CA GLY C 535 -39.42 10.19 11.39
C GLY C 535 -39.83 10.50 12.83
N SER C 536 -39.53 9.59 13.74
CA SER C 536 -39.77 9.78 15.17
C SER C 536 -38.43 9.95 15.85
N TYR C 537 -38.41 10.74 16.93
CA TYR C 537 -37.21 10.94 17.72
C TYR C 537 -37.43 10.51 19.17
N PHE C 538 -36.39 9.96 19.78
CA PHE C 538 -36.41 9.58 21.19
C PHE C 538 -35.10 9.95 21.88
N GLY C 539 -35.16 10.09 23.19
CA GLY C 539 -34.02 10.46 24.02
C GLY C 539 -33.89 11.95 24.25
N GLU C 540 -34.98 12.70 24.00
CA GLU C 540 -34.98 14.16 24.13
C GLU C 540 -35.13 14.66 25.57
N ILE C 541 -35.73 13.84 26.43
CA ILE C 541 -36.11 14.26 27.79
C ILE C 541 -34.92 14.39 28.74
N CYS C 542 -33.99 13.44 28.67
CA CYS C 542 -32.81 13.45 29.55
C CYS C 542 -31.90 14.66 29.31
N LEU C 543 -31.86 15.14 28.06
CA LEU C 543 -31.09 16.33 27.70
C LEU C 543 -31.76 17.62 28.18
N LEU C 544 -33.10 17.64 28.15
CA LEU C 544 -33.89 18.78 28.60
C LEU C 544 -33.96 18.84 30.13
N THR C 545 -34.32 17.73 30.75
CA THR C 545 -34.42 17.63 32.22
C THR C 545 -33.07 17.71 32.93
N LYS C 546 -31.99 17.31 32.24
CA LYS C 546 -30.65 17.23 32.83
C LYS C 546 -30.58 16.20 33.95
N GLY C 547 -31.32 15.10 33.79
CA GLY C 547 -31.43 14.04 34.79
C GLY C 547 -31.11 12.69 34.17
N ARG C 548 -31.88 11.67 34.56
CA ARG C 548 -31.69 10.29 34.08
C ARG C 548 -32.72 9.89 33.04
N ARG C 549 -32.48 8.77 32.39
CA ARG C 549 -33.36 8.24 31.34
C ARG C 549 -34.65 7.71 31.98
N THR C 550 -35.79 8.18 31.48
CA THR C 550 -37.11 7.84 32.05
C THR C 550 -37.48 6.36 31.84
N ALA C 551 -37.08 5.81 30.70
CA ALA C 551 -37.44 4.44 30.30
C ALA C 551 -36.44 3.88 29.31
N SER C 552 -36.43 2.55 29.17
CA SER C 552 -35.52 1.86 28.26
C SER C 552 -36.06 1.88 26.82
N VAL C 553 -35.16 1.76 25.85
CA VAL C 553 -35.51 1.68 24.42
C VAL C 553 -34.68 0.60 23.76
N ARG C 554 -35.35 -0.33 23.08
CA ARG C 554 -34.69 -1.47 22.41
C ARG C 554 -35.19 -1.57 20.97
N ALA C 555 -34.27 -1.84 20.05
CA ALA C 555 -34.60 -1.94 18.62
C ALA C 555 -35.39 -3.20 18.30
N ASP C 556 -36.41 -3.09 17.44
CA ASP C 556 -37.24 -4.23 17.05
C ASP C 556 -36.61 -4.95 15.86
N THR C 557 -36.38 -4.20 14.79
CA THR C 557 -35.64 -4.65 13.61
C THR C 557 -34.29 -3.94 13.58
N TYR C 558 -33.57 -4.00 12.46
CA TYR C 558 -32.39 -3.16 12.25
C TYR C 558 -32.82 -1.69 12.19
N CYS C 559 -32.26 -0.87 13.08
CA CYS C 559 -32.59 0.56 13.15
C CYS C 559 -31.41 1.39 12.66
N ARG C 560 -31.70 2.27 11.70
CA ARG C 560 -30.75 3.28 11.23
C ARG C 560 -31.12 4.60 11.90
N LEU C 561 -30.25 5.09 12.77
CA LEU C 561 -30.53 6.27 13.58
C LEU C 561 -29.54 7.39 13.33
N TYR C 562 -29.99 8.62 13.55
CA TYR C 562 -29.12 9.79 13.60
C TYR C 562 -29.09 10.29 15.04
N SER C 563 -27.94 10.16 15.69
CA SER C 563 -27.76 10.63 17.05
C SER C 563 -27.31 12.09 17.08
N LEU C 564 -27.73 12.80 18.13
CA LEU C 564 -27.29 14.17 18.39
C LEU C 564 -26.80 14.24 19.84
N SER C 565 -25.56 14.68 20.02
CA SER C 565 -24.94 14.78 21.35
C SER C 565 -25.50 15.95 22.15
N VAL C 566 -25.24 15.94 23.45
CA VAL C 566 -25.88 16.89 24.38
C VAL C 566 -25.36 18.29 24.13
N ASP C 567 -24.03 18.39 24.03
CA ASP C 567 -23.34 19.66 23.87
C ASP C 567 -23.81 20.36 22.60
N ASN C 568 -23.84 19.57 21.53
CA ASN C 568 -24.26 20.05 20.21
C ASN C 568 -25.68 20.58 20.27
N PHE C 569 -26.55 19.81 20.94
CA PHE C 569 -27.96 20.14 21.12
C PHE C 569 -28.08 21.52 21.81
N ASN C 570 -27.29 21.65 22.88
CA ASN C 570 -27.30 22.87 23.68
C ASN C 570 -26.87 24.06 22.83
N GLU C 571 -25.83 23.85 22.03
CA GLU C 571 -25.31 24.87 21.13
C GLU C 571 -26.39 25.33 20.16
N VAL C 572 -27.08 24.34 19.60
CA VAL C 572 -28.15 24.58 18.63
C VAL C 572 -29.24 25.43 19.27
N LEU C 573 -29.60 25.08 20.51
CA LEU C 573 -30.74 25.69 21.18
C LEU C 573 -30.48 27.06 21.82
N GLU C 574 -29.22 27.39 22.05
CA GLU C 574 -28.82 28.74 22.46
C GLU C 574 -29.12 29.77 21.36
N GLU C 575 -28.94 29.35 20.10
CA GLU C 575 -29.27 30.18 18.94
C GLU C 575 -30.79 30.30 18.72
N TYR C 576 -31.53 29.22 18.95
CA TYR C 576 -32.98 29.18 18.71
C TYR C 576 -33.75 28.75 19.97
N PRO C 577 -34.03 29.70 20.90
CA PRO C 577 -34.79 29.38 22.11
C PRO C 577 -36.28 29.07 21.88
N MET C 578 -36.85 29.52 20.77
CA MET C 578 -38.26 29.24 20.43
C MET C 578 -38.51 27.76 20.12
N MET C 579 -37.55 27.10 19.47
CA MET C 579 -37.66 25.67 19.15
C MET C 579 -37.58 24.75 20.37
N ARG C 580 -36.94 25.22 21.45
CA ARG C 580 -36.84 24.48 22.71
C ARG C 580 -38.21 24.31 23.34
N ARG C 581 -39.04 25.36 23.26
CA ARG C 581 -40.38 25.36 23.83
C ARG C 581 -41.20 24.21 23.26
N ALA C 582 -41.13 24.07 21.94
CA ALA C 582 -41.84 23.02 21.22
C ALA C 582 -41.43 21.64 21.73
N PHE C 583 -40.12 21.48 21.86
CA PHE C 583 -39.52 20.23 22.35
C PHE C 583 -40.07 19.90 23.73
N GLU C 584 -40.08 20.92 24.59
CA GLU C 584 -40.55 20.79 25.96
C GLU C 584 -42.00 20.32 25.98
N THR C 585 -42.81 20.95 25.13
CA THR C 585 -44.23 20.65 24.99
C THR C 585 -44.40 19.18 24.61
N VAL C 586 -43.61 18.77 23.62
CA VAL C 586 -43.66 17.39 23.12
C VAL C 586 -43.33 16.40 24.25
N ALA C 587 -42.30 16.75 25.02
CA ALA C 587 -41.83 15.93 26.12
C ALA C 587 -42.93 15.77 27.14
N ILE C 588 -43.63 16.88 27.45
CA ILE C 588 -44.58 16.89 28.54
C ILE C 588 -45.69 15.88 28.30
N ASP C 589 -46.20 15.88 27.05
CA ASP C 589 -47.27 14.98 26.65
C ASP C 589 -46.83 13.53 26.83
N ARG C 590 -45.60 13.26 26.37
CA ARG C 590 -45.02 11.92 26.46
C ARG C 590 -44.95 11.47 27.91
N LEU C 591 -44.48 12.39 28.75
CA LEU C 591 -44.35 12.13 30.19
C LEU C 591 -45.69 11.77 30.79
N ASP C 592 -46.70 12.55 30.41
CA ASP C 592 -48.08 12.34 30.88
C ASP C 592 -48.56 10.95 30.51
N ARG C 593 -48.29 10.59 29.24
CA ARG C 593 -48.68 9.28 28.71
C ARG C 593 -48.03 8.16 29.53
N ILE C 594 -46.74 8.35 29.81
CA ILE C 594 -45.95 7.40 30.57
C ILE C 594 -46.52 7.23 31.98
N GLY C 595 -46.70 8.39 32.64
CA GLY C 595 -47.09 8.47 34.06
C GLY C 595 -46.00 8.95 35.02
N LYS C 596 -44.89 9.47 34.50
CA LYS C 596 -43.77 9.98 35.32
C LYS C 596 -43.61 11.49 35.12
N LYS C 597 -44.09 12.27 36.09
CA LYS C 597 -44.06 13.75 35.99
C LYS C 597 -42.69 14.33 36.35
N ASN C 598 -42.09 15.07 35.41
CA ASN C 598 -40.85 15.82 35.64
C ASN C 598 -41.19 17.24 36.04
N SER C 599 -40.68 17.68 37.19
CA SER C 599 -41.17 18.88 37.85
C SER C 599 -40.53 20.13 37.25
N ILE C 600 -39.24 20.04 36.97
CA ILE C 600 -38.47 21.16 36.44
C ILE C 600 -39.07 21.64 35.12
N LEU C 601 -39.36 20.67 34.27
CA LEU C 601 -39.95 20.93 32.96
C LEU C 601 -41.28 21.66 33.11
N LEU C 602 -42.09 21.17 34.04
CA LEU C 602 -43.41 21.74 34.33
C LEU C 602 -43.26 23.19 34.75
N GLN C 603 -42.30 23.42 35.64
CA GLN C 603 -41.99 24.75 36.16
C GLN C 603 -41.64 25.70 35.03
N LYS C 604 -40.78 25.20 34.14
CA LYS C 604 -40.32 25.96 32.97
C LYS C 604 -41.51 26.36 32.11
N PHE C 605 -42.39 25.38 31.88
CA PHE C 605 -43.58 25.60 31.07
C PHE C 605 -44.45 26.68 31.68
N GLN C 606 -44.63 26.60 33.00
CA GLN C 606 -45.41 27.57 33.76
C GLN C 606 -44.85 28.97 33.58
N LYS C 607 -43.54 29.06 33.69
CA LYS C 607 -42.81 30.32 33.54
C LYS C 607 -43.07 30.92 32.17
N ASP C 608 -42.97 30.05 31.16
CA ASP C 608 -43.19 30.42 29.77
C ASP C 608 -44.60 31.01 29.58
N UNK D 1 -49.98 32.98 18.48
CA UNK D 1 -49.68 32.73 17.06
C UNK D 1 -48.94 31.41 16.80
N UNK D 2 -48.33 30.83 17.84
CA UNK D 2 -47.69 29.51 17.76
C UNK D 2 -48.45 28.37 18.45
N UNK D 3 -49.49 28.73 19.21
CA UNK D 3 -50.23 27.78 20.02
C UNK D 3 -50.82 26.68 19.15
N UNK D 4 -51.42 27.11 18.04
CA UNK D 4 -52.05 26.19 17.08
C UNK D 4 -51.02 25.21 16.55
N UNK D 5 -49.85 25.76 16.19
CA UNK D 5 -48.74 24.97 15.66
C UNK D 5 -48.32 23.91 16.67
N UNK D 6 -48.20 24.35 17.92
CA UNK D 6 -47.81 23.48 19.04
C UNK D 6 -48.80 22.33 19.17
N UNK D 7 -50.08 22.68 19.11
CA UNK D 7 -51.17 21.71 19.22
C UNK D 7 -51.06 20.66 18.12
N UNK D 8 -50.81 21.15 16.91
CA UNK D 8 -50.67 20.30 15.73
C UNK D 8 -49.53 19.31 15.93
N UNK D 9 -48.41 19.85 16.43
CA UNK D 9 -47.21 19.05 16.70
C UNK D 9 -47.52 17.94 17.68
N UNK D 10 -48.24 18.32 18.74
CA UNK D 10 -48.65 17.39 19.80
C UNK D 10 -49.47 16.26 19.21
N UNK D 11 -50.43 16.65 18.36
CA UNK D 11 -51.33 15.70 17.69
C UNK D 11 -50.52 14.69 16.88
N UNK D 12 -49.56 15.24 16.14
CA UNK D 12 -48.68 14.44 15.29
C UNK D 12 -47.93 13.41 16.12
N UNK D 13 -47.39 13.90 17.24
CA UNK D 13 -46.63 13.07 18.18
C UNK D 13 -47.50 11.92 18.68
N UNK D 14 -48.72 12.26 19.04
CA UNK D 14 -49.71 11.30 19.55
C UNK D 14 -49.96 10.21 18.52
N UNK D 15 -50.14 10.66 17.27
CA UNK D 15 -50.39 9.77 16.14
C UNK D 15 -49.23 8.79 15.98
N UNK D 16 -48.02 9.34 16.05
CA UNK D 16 -46.79 8.57 15.93
C UNK D 16 -46.73 7.48 17.00
N UNK D 17 -47.05 7.90 18.22
CA UNK D 17 -47.07 7.01 19.39
C UNK D 17 -48.03 5.86 19.15
N UNK D 18 -49.21 6.21 18.67
CA UNK D 18 -50.27 5.24 18.37
C UNK D 18 -49.78 4.22 17.36
N UNK D 19 -49.13 4.72 16.31
CA UNK D 19 -48.57 3.89 15.25
C UNK D 19 -47.57 2.89 15.81
N MET E 94 -50.88 -23.44 -9.49
CA MET E 94 -49.67 -22.89 -8.80
C MET E 94 -49.11 -21.61 -9.47
N GLN E 95 -50.00 -20.63 -9.66
CA GLN E 95 -49.64 -19.33 -10.20
C GLN E 95 -49.09 -18.42 -9.11
N ARG E 96 -49.65 -18.52 -7.91
CA ARG E 96 -49.19 -17.76 -6.75
C ARG E 96 -47.72 -18.03 -6.47
N GLN E 97 -47.36 -19.31 -6.52
CA GLN E 97 -45.99 -19.75 -6.29
C GLN E 97 -45.05 -19.10 -7.30
N PHE E 98 -45.48 -19.13 -8.55
CA PHE E 98 -44.73 -18.56 -9.67
C PHE E 98 -44.49 -17.06 -9.42
N THR E 99 -45.55 -16.40 -9.01
CA THR E 99 -45.53 -14.96 -8.71
C THR E 99 -44.49 -14.67 -7.63
N SER E 100 -44.54 -15.49 -6.58
CA SER E 100 -43.64 -15.38 -5.44
C SER E 100 -42.19 -15.51 -5.91
N MET E 101 -41.96 -16.51 -6.75
CA MET E 101 -40.64 -16.78 -7.31
C MET E 101 -40.12 -15.57 -8.07
N LEU E 102 -41.02 -15.00 -8.89
CA LEU E 102 -40.72 -13.81 -9.68
C LEU E 102 -40.27 -12.65 -8.78
N GLN E 103 -40.97 -12.44 -7.67
CA GLN E 103 -40.63 -11.38 -6.71
C GLN E 103 -39.35 -11.72 -5.91
N PRO E 104 -38.63 -10.69 -5.40
CA PRO E 104 -37.45 -10.95 -4.55
C PRO E 104 -37.76 -11.59 -3.19
N GLY E 105 -37.03 -12.67 -2.88
CA GLY E 105 -37.13 -13.33 -1.59
C GLY E 105 -36.38 -12.58 -0.51
N VAL E 106 -36.69 -12.89 0.75
CA VAL E 106 -36.04 -12.29 1.91
C VAL E 106 -34.84 -13.15 2.29
N ASN E 107 -33.78 -13.04 1.48
CA ASN E 107 -32.49 -13.66 1.79
C ASN E 107 -31.69 -12.70 2.67
N LYS E 108 -30.55 -13.19 3.16
CA LYS E 108 -29.62 -12.39 3.94
C LYS E 108 -29.02 -11.28 3.07
N PHE E 109 -28.60 -11.68 1.87
CA PHE E 109 -28.06 -10.75 0.88
C PHE E 109 -29.08 -9.67 0.55
N SER E 110 -30.33 -10.10 0.35
CA SER E 110 -31.43 -9.20 0.03
C SER E 110 -31.61 -8.16 1.14
N LEU E 111 -31.58 -8.67 2.37
CA LEU E 111 -31.73 -7.84 3.57
C LEU E 111 -30.63 -6.78 3.61
N ARG E 112 -29.41 -7.22 3.34
CA ARG E 112 -28.23 -6.36 3.33
C ARG E 112 -28.41 -5.24 2.31
N MET E 113 -28.87 -5.64 1.13
CA MET E 113 -29.11 -4.71 0.02
C MET E 113 -30.14 -3.66 0.41
N PHE E 114 -31.29 -4.13 0.89
CA PHE E 114 -32.48 -3.30 1.07
C PHE E 114 -32.69 -2.80 2.52
N GLY E 115 -31.81 -3.20 3.44
CA GLY E 115 -31.92 -2.80 4.85
C GLY E 115 -32.96 -3.60 5.60
N SER E 116 -34.08 -2.96 5.90
CA SER E 116 -35.18 -3.59 6.65
C SER E 116 -36.04 -4.49 5.77
N GLN E 117 -36.82 -5.35 6.40
CA GLN E 117 -37.73 -6.27 5.73
C GLN E 117 -38.96 -5.58 5.12
N LYS E 118 -39.37 -4.49 5.77
CA LYS E 118 -40.44 -3.62 5.26
C LYS E 118 -40.07 -3.09 3.88
N ALA E 119 -38.82 -2.66 3.75
CA ALA E 119 -38.29 -2.13 2.49
C ALA E 119 -38.41 -3.17 1.39
N VAL E 120 -38.06 -4.41 1.72
CA VAL E 120 -38.13 -5.53 0.79
C VAL E 120 -39.56 -5.70 0.27
N GLU E 121 -40.52 -5.61 1.18
CA GLU E 121 -41.94 -5.72 0.86
C GLU E 121 -42.34 -4.67 -0.16
N LYS E 122 -41.86 -3.44 0.03
CA LYS E 122 -42.12 -2.34 -0.89
C LYS E 122 -41.67 -2.69 -2.30
N GLU E 123 -40.48 -3.27 -2.39
CA GLU E 123 -39.91 -3.70 -3.68
C GLU E 123 -40.82 -4.71 -4.35
N GLN E 124 -41.28 -5.66 -3.56
CA GLN E 124 -42.20 -6.71 -4.04
C GLN E 124 -43.48 -6.09 -4.59
N GLU E 125 -44.00 -5.12 -3.85
CA GLU E 125 -45.22 -4.41 -4.23
C GLU E 125 -45.02 -3.71 -5.57
N ARG E 126 -43.87 -3.06 -5.70
CA ARG E 126 -43.49 -2.35 -6.92
C ARG E 126 -43.47 -3.30 -8.11
N VAL E 127 -42.87 -4.46 -7.87
CA VAL E 127 -42.75 -5.54 -8.87
C VAL E 127 -44.14 -5.95 -9.34
N LYS E 128 -45.03 -6.14 -8.38
CA LYS E 128 -46.44 -6.49 -8.65
C LYS E 128 -47.17 -5.64 -9.72
N THR E 129 -46.72 -4.42 -10.02
CA THR E 129 -47.38 -3.55 -11.02
C THR E 129 -47.54 -4.21 -12.39
N ALA E 130 -46.47 -4.83 -12.87
CA ALA E 130 -46.50 -5.63 -14.11
C ALA E 130 -46.76 -7.10 -13.76
N GLY E 131 -47.84 -7.67 -14.32
CA GLY E 131 -48.33 -9.00 -13.93
C GLY E 131 -47.96 -10.13 -14.87
N PHE E 132 -47.40 -11.21 -14.30
CA PHE E 132 -47.00 -12.41 -15.04
C PHE E 132 -46.02 -12.11 -16.20
N TRP E 133 -45.16 -11.11 -15.99
CA TRP E 133 -44.28 -10.60 -17.04
C TRP E 133 -42.91 -10.24 -16.48
N ILE E 134 -42.84 -9.24 -15.62
CA ILE E 134 -41.57 -8.66 -15.17
C ILE E 134 -40.89 -9.50 -14.08
N ILE E 135 -39.56 -9.55 -14.16
CA ILE E 135 -38.70 -10.30 -13.24
C ILE E 135 -37.69 -9.33 -12.64
N HIS E 136 -37.52 -9.39 -11.32
CA HIS E 136 -36.60 -8.52 -10.60
C HIS E 136 -35.17 -9.07 -10.75
N PRO E 137 -34.16 -8.19 -10.89
CA PRO E 137 -32.77 -8.67 -11.05
C PRO E 137 -32.26 -9.56 -9.91
N TYR E 138 -32.56 -9.17 -8.68
CA TYR E 138 -32.17 -9.95 -7.49
C TYR E 138 -33.19 -11.03 -7.07
N SER E 139 -34.08 -11.44 -7.98
CA SER E 139 -35.05 -12.50 -7.68
C SER E 139 -34.39 -13.88 -7.68
N ASP E 140 -35.05 -14.83 -7.02
CA ASP E 140 -34.57 -16.20 -6.87
C ASP E 140 -34.65 -16.96 -8.19
N PHE E 141 -35.78 -16.76 -8.88
CA PHE E 141 -36.03 -17.39 -10.18
C PHE E 141 -34.95 -16.99 -11.16
N ARG E 142 -34.62 -15.69 -11.17
CA ARG E 142 -33.60 -15.14 -12.06
C ARG E 142 -32.28 -15.82 -11.82
N PHE E 143 -31.92 -16.01 -10.55
CA PHE E 143 -30.69 -16.67 -10.14
C PHE E 143 -30.61 -18.06 -10.76
N TYR E 144 -31.71 -18.78 -10.61
CA TYR E 144 -31.81 -20.16 -11.10
C TYR E 144 -31.63 -20.19 -12.61
N TRP E 145 -32.29 -19.24 -13.27
CA TRP E 145 -32.23 -19.12 -14.73
C TRP E 145 -30.78 -18.89 -15.17
N ASP E 146 -30.11 -18.00 -14.46
CA ASP E 146 -28.73 -17.66 -14.80
C ASP E 146 -27.83 -18.87 -14.61
N LEU E 147 -28.07 -19.63 -13.55
CA LEU E 147 -27.32 -20.86 -13.27
C LEU E 147 -27.49 -21.84 -14.43
N ILE E 148 -28.74 -21.98 -14.86
CA ILE E 148 -29.09 -22.86 -15.98
C ILE E 148 -28.32 -22.46 -17.24
N MET E 149 -28.32 -21.16 -17.49
CA MET E 149 -27.65 -20.58 -18.65
C MET E 149 -26.17 -20.91 -18.62
N LEU E 150 -25.57 -20.75 -17.43
CA LEU E 150 -24.11 -20.74 -17.30
C LEU E 150 -23.55 -22.06 -17.73
N ILE E 151 -24.18 -23.15 -17.29
CA ILE E 151 -23.73 -24.51 -17.62
C ILE E 151 -23.80 -24.69 -19.13
N MET E 152 -24.99 -24.37 -19.66
CA MET E 152 -25.32 -24.54 -21.07
C MET E 152 -24.34 -23.76 -21.94
N MET E 153 -24.16 -22.51 -21.52
CA MET E 153 -23.26 -21.57 -22.22
C MET E 153 -21.86 -22.13 -22.27
N VAL E 154 -21.41 -22.63 -21.11
CA VAL E 154 -20.07 -23.20 -20.97
C VAL E 154 -19.89 -24.36 -21.94
N GLY E 155 -20.91 -25.21 -21.97
CA GLY E 155 -20.91 -26.40 -22.84
C GLY E 155 -20.77 -25.98 -24.29
N ASN E 156 -21.56 -24.98 -24.65
CA ASN E 156 -21.58 -24.47 -26.03
C ASN E 156 -20.20 -23.93 -26.39
N LEU E 157 -19.60 -23.19 -25.48
CA LEU E 157 -18.28 -22.61 -25.71
C LEU E 157 -17.25 -23.71 -25.90
N VAL E 158 -17.35 -24.76 -25.08
CA VAL E 158 -16.45 -25.91 -25.19
C VAL E 158 -16.70 -26.71 -26.48
N ILE E 159 -17.95 -27.10 -26.67
CA ILE E 159 -18.34 -28.09 -27.69
C ILE E 159 -18.41 -27.52 -29.12
N ILE E 160 -19.00 -26.33 -29.29
CA ILE E 160 -19.29 -25.80 -30.62
C ILE E 160 -18.09 -25.71 -31.54
N PRO E 161 -16.99 -25.06 -31.07
CA PRO E 161 -15.82 -24.87 -31.91
C PRO E 161 -15.27 -26.19 -32.40
N VAL E 162 -15.17 -27.14 -31.48
CA VAL E 162 -14.68 -28.49 -31.75
C VAL E 162 -15.51 -29.14 -32.86
N GLY E 163 -16.82 -29.02 -32.68
CA GLY E 163 -17.80 -29.58 -33.62
C GLY E 163 -17.59 -29.01 -35.01
N ILE E 164 -17.42 -27.68 -35.04
CA ILE E 164 -17.23 -26.94 -36.28
C ILE E 164 -15.97 -27.44 -36.99
N THR E 165 -14.91 -27.62 -36.20
CA THR E 165 -13.60 -27.96 -36.75
C THR E 165 -13.42 -29.43 -37.17
N PHE E 166 -13.43 -30.31 -36.17
CA PHE E 166 -12.95 -31.68 -36.33
C PHE E 166 -13.99 -32.65 -36.88
N PHE E 167 -15.27 -32.29 -36.87
CA PHE E 167 -16.34 -33.10 -37.46
C PHE E 167 -16.85 -32.49 -38.76
N THR E 168 -16.51 -33.14 -39.87
CA THR E 168 -17.00 -32.75 -41.20
C THR E 168 -18.50 -33.01 -41.36
N GLU E 169 -18.98 -34.12 -40.80
CA GLU E 169 -20.40 -34.45 -40.80
C GLU E 169 -21.15 -33.57 -39.78
N GLN E 170 -21.40 -32.32 -40.17
CA GLN E 170 -22.07 -31.33 -39.32
C GLN E 170 -23.58 -31.21 -39.57
N THR E 171 -24.11 -32.01 -40.49
CA THR E 171 -25.55 -32.04 -40.79
C THR E 171 -26.24 -33.33 -40.30
N THR E 172 -25.58 -34.09 -39.44
CA THR E 172 -26.15 -35.32 -38.88
C THR E 172 -27.25 -35.02 -37.85
N THR E 173 -28.02 -36.04 -37.52
CA THR E 173 -29.22 -35.90 -36.67
C THR E 173 -28.98 -35.39 -35.26
N PRO E 174 -28.16 -36.13 -34.46
CA PRO E 174 -28.02 -35.81 -33.04
C PRO E 174 -27.46 -34.41 -32.88
N TRP E 175 -26.44 -34.10 -33.68
CA TRP E 175 -25.79 -32.78 -33.66
C TRP E 175 -26.81 -31.68 -33.90
N ILE E 176 -27.62 -31.91 -34.94
CA ILE E 176 -28.67 -30.98 -35.35
C ILE E 176 -29.64 -30.73 -34.21
N ILE E 177 -30.04 -31.83 -33.57
CA ILE E 177 -30.97 -31.80 -32.44
C ILE E 177 -30.39 -30.95 -31.31
N PHE E 178 -29.11 -31.18 -31.03
CA PHE E 178 -28.40 -30.47 -29.98
C PHE E 178 -28.42 -28.97 -30.26
N ASN E 179 -28.12 -28.63 -31.52
CA ASN E 179 -27.87 -27.24 -31.89
C ASN E 179 -29.15 -26.44 -31.72
N VAL E 180 -30.21 -26.98 -32.30
CA VAL E 180 -31.52 -26.32 -32.32
C VAL E 180 -32.01 -26.07 -30.91
N ALA E 181 -31.88 -27.11 -30.08
CA ALA E 181 -32.30 -27.05 -28.68
C ALA E 181 -31.54 -25.95 -27.95
N SER E 182 -30.22 -25.92 -28.19
CA SER E 182 -29.37 -24.91 -27.55
C SER E 182 -29.81 -23.51 -27.94
N ASP E 183 -30.08 -23.36 -29.24
CA ASP E 183 -30.52 -22.09 -29.80
C ASP E 183 -31.80 -21.62 -29.15
N THR E 184 -32.73 -22.57 -28.95
CA THR E 184 -34.02 -22.30 -28.32
C THR E 184 -33.84 -21.67 -26.96
N VAL E 185 -32.95 -22.27 -26.17
CA VAL E 185 -32.68 -21.79 -24.80
C VAL E 185 -32.16 -20.35 -24.85
N PHE E 186 -31.25 -20.11 -25.78
CA PHE E 186 -30.66 -18.78 -25.92
C PHE E 186 -31.71 -17.76 -26.31
N LEU E 187 -32.61 -18.15 -27.20
CA LEU E 187 -33.71 -17.31 -27.65
C LEU E 187 -34.59 -16.94 -26.46
N LEU E 188 -34.89 -17.94 -25.64
CA LEU E 188 -35.71 -17.76 -24.45
C LEU E 188 -35.06 -16.76 -23.50
N ASP E 189 -33.75 -16.93 -23.33
CA ASP E 189 -32.95 -16.05 -22.47
C ASP E 189 -33.04 -14.63 -22.95
N LEU E 190 -32.92 -14.45 -24.26
CA LEU E 190 -33.00 -13.13 -24.90
C LEU E 190 -34.34 -12.48 -24.58
N ILE E 191 -35.40 -13.26 -24.72
CA ILE E 191 -36.76 -12.79 -24.43
C ILE E 191 -36.88 -12.34 -22.98
N MET E 192 -36.32 -13.16 -22.10
CA MET E 192 -36.30 -12.89 -20.66
C MET E 192 -35.66 -11.53 -20.36
N ASN E 193 -34.54 -11.18 -21.00
CA ASN E 193 -33.84 -9.90 -20.72
C ASN E 193 -34.74 -8.65 -20.76
N PHE E 194 -35.79 -8.68 -21.59
CA PHE E 194 -36.81 -7.62 -21.61
C PHE E 194 -37.68 -7.65 -20.35
N ARG E 195 -38.07 -8.85 -19.94
CA ARG E 195 -38.77 -9.06 -18.67
C ARG E 195 -37.89 -8.78 -17.43
N THR E 196 -36.59 -9.05 -17.55
CA THR E 196 -35.64 -8.84 -16.46
C THR E 196 -35.36 -7.35 -16.23
N GLY E 197 -35.42 -6.92 -14.97
CA GLY E 197 -35.11 -5.54 -14.59
C GLY E 197 -33.62 -5.29 -14.54
N THR E 198 -33.22 -4.04 -14.81
CA THR E 198 -31.80 -3.62 -14.81
C THR E 198 -31.48 -2.79 -13.57
N VAL E 199 -30.21 -2.83 -13.16
CA VAL E 199 -29.70 -2.08 -12.00
C VAL E 199 -28.64 -1.07 -12.44
N ASN E 200 -28.82 0.19 -12.04
CA ASN E 200 -27.91 1.29 -12.40
C ASN E 200 -27.45 2.05 -11.16
N SER E 203 -28.24 3.62 -8.30
CA SER E 203 -29.58 4.01 -7.89
C SER E 203 -30.55 2.81 -7.85
N SER E 204 -31.84 3.08 -7.69
CA SER E 204 -32.86 2.02 -7.67
C SER E 204 -33.00 1.31 -9.02
N GLU E 205 -33.39 0.05 -8.99
CA GLU E 205 -33.49 -0.79 -10.19
C GLU E 205 -34.67 -0.39 -11.08
N ILE E 206 -34.44 -0.38 -12.39
CA ILE E 206 -35.46 0.05 -13.37
C ILE E 206 -36.53 -1.01 -13.55
N ILE E 207 -37.71 -0.77 -12.97
CA ILE E 207 -38.84 -1.71 -13.00
C ILE E 207 -39.90 -1.39 -14.06
N LEU E 208 -39.75 -0.26 -14.77
CA LEU E 208 -40.69 0.11 -15.84
C LEU E 208 -40.53 -0.82 -17.03
N ASP E 209 -41.60 -1.56 -17.35
CA ASP E 209 -41.54 -2.66 -18.31
C ASP E 209 -41.36 -2.22 -19.77
N PRO E 210 -42.37 -1.53 -20.35
CA PRO E 210 -42.28 -1.19 -21.77
C PRO E 210 -41.24 -0.12 -22.12
N LYS E 211 -41.00 0.82 -21.21
CA LYS E 211 -40.17 1.99 -21.47
C LYS E 211 -38.72 1.83 -21.00
N VAL E 212 -38.55 1.55 -19.71
CA VAL E 212 -37.22 1.56 -19.08
C VAL E 212 -36.33 0.39 -19.48
N ILE E 213 -36.85 -0.83 -19.29
CA ILE E 213 -36.08 -2.05 -19.55
C ILE E 213 -35.87 -2.32 -21.05
N LYS E 214 -36.94 -2.18 -21.83
CA LYS E 214 -36.91 -2.53 -23.26
C LYS E 214 -36.09 -1.57 -24.12
N MET E 215 -36.29 -0.26 -23.92
CA MET E 215 -35.60 0.76 -24.70
C MET E 215 -34.11 0.88 -24.37
N ASN E 216 -33.75 0.65 -23.11
CA ASN E 216 -32.35 0.70 -22.67
C ASN E 216 -31.54 -0.51 -23.16
N TYR E 217 -32.12 -1.70 -23.00
CA TYR E 217 -31.49 -2.96 -23.43
C TYR E 217 -31.37 -3.06 -24.96
N LEU E 218 -32.35 -2.55 -25.69
CA LEU E 218 -32.34 -2.55 -27.15
C LEU E 218 -31.21 -1.72 -27.77
N LYS E 219 -30.74 -0.69 -27.05
CA LYS E 219 -29.63 0.16 -27.50
C LYS E 219 -28.28 -0.16 -26.83
N SER E 220 -28.23 -1.22 -26.02
CA SER E 220 -27.04 -1.54 -25.20
C SER E 220 -26.36 -2.84 -25.66
N TRP E 221 -27.00 -3.98 -25.42
CA TRP E 221 -26.43 -5.30 -25.71
C TRP E 221 -27.28 -6.21 -26.63
N PHE E 222 -28.41 -5.72 -27.13
CA PHE E 222 -29.33 -6.57 -27.91
C PHE E 222 -28.76 -7.05 -29.26
N VAL E 223 -27.81 -6.32 -29.83
CA VAL E 223 -27.38 -6.58 -31.21
C VAL E 223 -26.60 -7.89 -31.24
N VAL E 224 -25.61 -7.95 -30.37
CA VAL E 224 -24.73 -9.12 -30.26
C VAL E 224 -25.56 -10.36 -29.91
N ASP E 225 -26.44 -10.16 -28.93
CA ASP E 225 -27.16 -11.27 -28.31
C ASP E 225 -28.04 -11.95 -29.33
N PHE E 226 -28.74 -11.13 -30.11
CA PHE E 226 -29.71 -11.60 -31.09
C PHE E 226 -29.04 -12.52 -32.09
N ILE E 227 -27.89 -12.07 -32.58
CA ILE E 227 -27.11 -12.82 -33.59
C ILE E 227 -26.73 -14.18 -33.01
N SER E 228 -26.26 -14.16 -31.76
CA SER E 228 -25.82 -15.38 -31.10
C SER E 228 -26.99 -16.36 -30.98
N SER E 229 -28.14 -15.82 -30.60
CA SER E 229 -29.30 -16.66 -30.29
C SER E 229 -29.76 -17.44 -31.51
N ILE E 230 -29.93 -16.73 -32.62
CA ILE E 230 -30.48 -17.33 -33.85
C ILE E 230 -29.50 -18.32 -34.52
N PRO E 231 -30.03 -19.44 -35.06
CA PRO E 231 -29.21 -20.37 -35.85
C PRO E 231 -29.03 -19.85 -37.29
N VAL E 232 -27.93 -19.12 -37.53
CA VAL E 232 -27.75 -18.40 -38.79
C VAL E 232 -27.40 -19.36 -39.91
N ASP E 233 -26.55 -20.34 -39.61
CA ASP E 233 -26.05 -21.28 -40.59
C ASP E 233 -27.21 -22.04 -41.24
N TYR E 234 -28.12 -22.50 -40.38
CA TYR E 234 -29.27 -23.27 -40.84
C TYR E 234 -30.15 -22.40 -41.74
N ILE E 235 -30.33 -21.15 -41.34
CA ILE E 235 -31.12 -20.18 -42.11
C ILE E 235 -30.52 -20.01 -43.50
N PHE E 236 -29.20 -19.86 -43.52
CA PHE E 236 -28.45 -19.69 -44.76
C PHE E 236 -28.66 -20.88 -45.68
N LEU E 237 -28.57 -22.07 -45.09
CA LEU E 237 -28.76 -23.33 -45.80
C LEU E 237 -30.15 -23.36 -46.44
N ILE E 238 -31.14 -22.98 -45.64
CA ILE E 238 -32.54 -22.95 -46.08
C ILE E 238 -32.69 -22.03 -47.29
N VAL E 239 -32.07 -20.85 -47.17
CA VAL E 239 -32.08 -19.84 -48.22
C VAL E 239 -31.51 -20.41 -49.52
N GLU E 240 -30.38 -21.09 -49.37
CA GLU E 240 -29.67 -21.71 -50.49
C GLU E 240 -30.59 -22.72 -51.18
N LYS E 241 -31.24 -23.54 -50.36
CA LYS E 241 -32.18 -24.55 -50.84
C LYS E 241 -33.30 -23.92 -51.66
N GLY E 242 -33.90 -22.86 -51.12
CA GLY E 242 -35.02 -22.16 -51.78
C GLY E 242 -34.58 -20.94 -52.57
N ARG E 252 -19.94 -26.60 -56.66
CA ARG E 252 -20.47 -25.42 -55.98
C ARG E 252 -20.67 -25.55 -54.44
N ALA E 253 -20.64 -26.78 -53.92
CA ALA E 253 -21.01 -27.05 -52.55
C ALA E 253 -19.90 -26.73 -51.58
N LEU E 254 -18.65 -26.92 -52.01
CA LEU E 254 -17.48 -26.78 -51.16
C LEU E 254 -17.42 -25.37 -50.57
N ARG E 255 -17.61 -24.40 -51.45
CA ARG E 255 -17.58 -22.98 -51.08
C ARG E 255 -18.64 -22.70 -50.01
N ILE E 256 -19.83 -23.24 -50.26
CA ILE E 256 -20.98 -23.07 -49.35
C ILE E 256 -20.63 -23.62 -47.97
N VAL E 257 -20.04 -24.82 -47.99
CA VAL E 257 -19.64 -25.52 -46.77
C VAL E 257 -18.66 -24.66 -45.98
N ARG E 258 -17.69 -24.11 -46.70
CA ARG E 258 -16.65 -23.26 -46.12
C ARG E 258 -17.30 -22.05 -45.43
N PHE E 259 -18.25 -21.45 -46.15
CA PHE E 259 -18.96 -20.27 -45.67
C PHE E 259 -19.69 -20.60 -44.37
N THR E 260 -20.35 -21.77 -44.36
CA THR E 260 -21.28 -22.09 -43.29
C THR E 260 -20.59 -22.13 -41.95
N LYS E 261 -19.38 -22.68 -41.91
CA LYS E 261 -18.65 -22.84 -40.67
C LYS E 261 -18.40 -21.50 -40.00
N ILE E 262 -17.99 -20.53 -40.82
CA ILE E 262 -17.70 -19.17 -40.34
C ILE E 262 -18.97 -18.57 -39.75
N LEU E 263 -20.09 -18.75 -40.45
CA LEU E 263 -21.38 -18.25 -39.99
C LEU E 263 -21.75 -18.84 -38.64
N SER E 264 -21.53 -20.15 -38.53
CA SER E 264 -21.80 -20.89 -37.30
C SER E 264 -21.00 -20.32 -36.15
N LEU E 265 -19.71 -20.04 -36.41
CA LEU E 265 -18.87 -19.36 -35.42
C LEU E 265 -19.50 -18.12 -34.74
N LEU E 266 -20.50 -17.48 -35.34
CA LEU E 266 -21.27 -16.41 -34.66
C LEU E 266 -21.91 -16.84 -33.33
N ARG E 267 -22.24 -18.13 -33.21
CA ARG E 267 -22.80 -18.70 -31.98
C ARG E 267 -21.84 -18.63 -30.78
N LEU E 268 -20.54 -18.46 -31.04
CA LEU E 268 -19.53 -18.26 -29.98
C LEU E 268 -19.55 -16.87 -29.33
N LEU E 269 -20.28 -15.91 -29.92
CA LEU E 269 -20.44 -14.57 -29.32
C LEU E 269 -21.30 -14.52 -28.05
N ARG E 270 -21.85 -15.67 -27.62
CA ARG E 270 -22.54 -15.78 -26.33
C ARG E 270 -21.61 -15.58 -25.15
N LEU E 271 -20.30 -15.67 -25.37
CA LEU E 271 -19.29 -15.51 -24.34
C LEU E 271 -19.46 -14.21 -23.60
N SER E 272 -19.78 -13.15 -24.33
CA SER E 272 -19.97 -11.81 -23.76
C SER E 272 -21.06 -11.84 -22.69
N ARG E 273 -22.16 -12.48 -23.06
CA ARG E 273 -23.32 -12.60 -22.16
C ARG E 273 -22.93 -13.34 -20.90
N LEU E 274 -22.19 -14.43 -21.09
CA LEU E 274 -21.69 -15.27 -19.99
C LEU E 274 -20.88 -14.42 -19.02
N ILE E 275 -19.97 -13.64 -19.60
CA ILE E 275 -19.07 -12.76 -18.86
C ILE E 275 -19.89 -11.79 -18.01
N ARG E 276 -20.89 -11.20 -18.66
CA ARG E 276 -21.77 -10.23 -18.02
C ARG E 276 -22.45 -10.85 -16.80
N TYR E 277 -22.96 -12.06 -17.03
CA TYR E 277 -23.68 -12.81 -16.00
C TYR E 277 -22.76 -13.06 -14.81
N ILE E 278 -21.53 -13.47 -15.12
CA ILE E 278 -20.53 -13.79 -14.10
C ILE E 278 -20.25 -12.54 -13.27
N HIS E 279 -20.09 -11.42 -13.96
CA HIS E 279 -19.79 -10.15 -13.29
C HIS E 279 -20.92 -9.76 -12.38
N GLN E 280 -22.16 -9.96 -12.84
CA GLN E 280 -23.35 -9.67 -12.03
C GLN E 280 -23.37 -10.53 -10.75
N TRP E 281 -23.36 -11.84 -10.96
CA TRP E 281 -23.56 -12.78 -9.86
C TRP E 281 -22.39 -12.77 -8.91
N GLU E 282 -21.18 -12.49 -9.40
CA GLU E 282 -20.03 -12.44 -8.50
C GLU E 282 -20.17 -11.32 -7.50
N GLU E 283 -20.68 -10.17 -7.94
CA GLU E 283 -20.93 -9.04 -7.04
C GLU E 283 -21.90 -9.46 -5.94
N ILE E 284 -22.96 -10.15 -6.34
CA ILE E 284 -23.99 -10.65 -5.41
C ILE E 284 -23.34 -11.60 -4.39
N PHE E 285 -22.50 -12.52 -4.90
CA PHE E 285 -21.77 -13.48 -4.07
C PHE E 285 -20.73 -12.87 -3.11
N HIS E 286 -20.24 -11.67 -3.40
CA HIS E 286 -19.44 -10.91 -2.41
C HIS E 286 -20.31 -10.46 -1.23
N MET E 287 -21.51 -9.97 -1.53
CA MET E 287 -22.46 -9.53 -0.51
C MET E 287 -23.20 -10.67 0.22
N THR E 288 -23.02 -11.92 -0.22
CA THR E 288 -23.49 -13.09 0.55
C THR E 288 -22.39 -13.66 1.45
N TYR E 289 -21.41 -14.33 0.85
CA TYR E 289 -20.52 -15.26 1.56
C TYR E 289 -19.14 -14.69 1.97
N ASP E 290 -18.92 -13.38 1.76
CA ASP E 290 -17.66 -12.71 2.13
C ASP E 290 -16.45 -13.39 1.47
N LEU E 291 -16.44 -13.40 0.14
CA LEU E 291 -15.38 -14.03 -0.64
C LEU E 291 -14.15 -13.15 -0.72
N ALA E 292 -12.97 -13.78 -0.73
CA ALA E 292 -11.72 -13.08 -1.00
C ALA E 292 -11.69 -12.69 -2.48
N SER E 293 -11.44 -11.41 -2.76
CA SER E 293 -11.62 -10.84 -4.10
C SER E 293 -10.60 -11.44 -5.07
N ALA E 294 -9.36 -11.49 -4.59
CA ALA E 294 -8.23 -11.90 -5.39
C ALA E 294 -8.42 -13.29 -5.94
N VAL E 295 -8.87 -14.19 -5.06
CA VAL E 295 -9.12 -15.59 -5.42
C VAL E 295 -10.12 -15.68 -6.56
N VAL E 296 -11.21 -14.91 -6.38
CA VAL E 296 -12.31 -14.87 -7.35
C VAL E 296 -11.78 -14.41 -8.71
N ARG E 297 -10.98 -13.34 -8.66
CA ARG E 297 -10.42 -12.74 -9.86
C ARG E 297 -9.55 -13.77 -10.59
N ILE E 298 -8.73 -14.48 -9.81
CA ILE E 298 -7.81 -15.45 -10.40
C ILE E 298 -8.61 -16.56 -11.05
N PHE E 299 -9.67 -17.01 -10.38
CA PHE E 299 -10.42 -18.17 -10.89
C PHE E 299 -11.05 -17.85 -12.23
N ASN E 300 -11.63 -16.65 -12.31
CA ASN E 300 -12.25 -16.15 -13.55
C ASN E 300 -11.24 -16.15 -14.67
N LEU E 301 -10.06 -15.61 -14.35
CA LEU E 301 -8.98 -15.49 -15.33
C LEU E 301 -8.59 -16.86 -15.85
N ILE E 302 -8.48 -17.82 -14.92
CA ILE E 302 -8.12 -19.20 -15.25
C ILE E 302 -9.11 -19.78 -16.24
N GLY E 303 -10.39 -19.56 -15.93
CA GLY E 303 -11.48 -20.05 -16.78
C GLY E 303 -11.37 -19.47 -18.18
N MET E 304 -11.14 -18.16 -18.21
CA MET E 304 -11.02 -17.40 -19.46
C MET E 304 -9.83 -17.93 -20.24
N MET E 305 -8.72 -18.12 -19.52
CA MET E 305 -7.44 -18.47 -20.13
C MET E 305 -7.57 -19.80 -20.84
N LEU E 306 -8.15 -20.75 -20.10
CA LEU E 306 -8.33 -22.12 -20.61
C LEU E 306 -9.20 -22.09 -21.86
N LEU E 307 -10.27 -21.30 -21.78
CA LEU E 307 -11.22 -21.16 -22.90
C LEU E 307 -10.49 -20.66 -24.14
N LEU E 308 -9.67 -19.63 -23.91
CA LEU E 308 -8.91 -19.00 -25.00
C LEU E 308 -7.98 -20.00 -25.62
N CYS E 309 -7.31 -20.78 -24.78
CA CYS E 309 -6.38 -21.82 -25.23
C CYS E 309 -7.10 -22.82 -26.13
N HIS E 310 -8.27 -23.23 -25.66
CA HIS E 310 -9.11 -24.20 -26.37
C HIS E 310 -9.46 -23.66 -27.76
N TRP E 311 -9.87 -22.39 -27.77
CA TRP E 311 -10.25 -21.72 -29.00
C TRP E 311 -9.09 -21.68 -29.99
N ASP E 312 -7.92 -21.35 -29.45
CA ASP E 312 -6.69 -21.28 -30.25
C ASP E 312 -6.39 -22.62 -30.88
N GLY E 313 -6.53 -23.67 -30.07
CA GLY E 313 -6.30 -25.05 -30.52
C GLY E 313 -7.23 -25.38 -31.68
N CYS E 314 -8.49 -25.03 -31.48
CA CYS E 314 -9.53 -25.25 -32.51
C CYS E 314 -9.17 -24.40 -33.74
N LEU E 315 -8.87 -23.14 -33.46
CA LEU E 315 -8.67 -22.11 -34.47
C LEU E 315 -7.53 -22.50 -35.38
N GLN E 316 -6.44 -22.96 -34.78
CA GLN E 316 -5.24 -23.32 -35.55
C GLN E 316 -5.57 -24.43 -36.53
N PHE E 317 -6.30 -25.44 -36.06
CA PHE E 317 -6.66 -26.55 -36.96
C PHE E 317 -7.59 -26.05 -38.07
N LEU E 318 -8.52 -25.19 -37.68
CA LEU E 318 -9.63 -24.73 -38.47
C LEU E 318 -9.16 -24.06 -39.72
N VAL E 319 -8.10 -23.27 -39.65
CA VAL E 319 -7.67 -22.48 -40.81
C VAL E 319 -7.28 -23.42 -41.95
N PRO E 320 -6.56 -24.51 -41.62
CA PRO E 320 -6.19 -25.49 -42.63
C PRO E 320 -7.40 -26.09 -43.29
N LEU E 321 -8.40 -26.42 -42.48
CA LEU E 321 -9.66 -26.98 -42.98
C LEU E 321 -10.32 -26.02 -43.96
N LEU E 322 -10.36 -24.76 -43.54
CA LEU E 322 -10.96 -23.69 -44.35
C LEU E 322 -10.15 -23.53 -45.63
N GLN E 323 -8.83 -23.55 -45.50
CA GLN E 323 -7.90 -23.39 -46.62
C GLN E 323 -7.63 -24.70 -47.41
N ASP E 324 -8.34 -25.78 -47.06
CA ASP E 324 -8.30 -27.07 -47.78
C ASP E 324 -6.99 -27.86 -47.62
N PHE E 325 -6.40 -27.79 -46.43
CA PHE E 325 -5.16 -28.50 -46.08
C PHE E 325 -4.04 -28.32 -47.11
N PRO E 326 -3.51 -27.08 -47.24
CA PRO E 326 -2.40 -26.85 -48.15
C PRO E 326 -1.13 -27.53 -47.62
N PRO E 327 -0.28 -28.06 -48.52
CA PRO E 327 0.85 -28.93 -48.13
C PRO E 327 1.90 -28.26 -47.23
N ASP E 328 2.00 -26.94 -47.30
CA ASP E 328 2.88 -26.16 -46.41
C ASP E 328 2.28 -25.81 -45.04
N CYS E 329 1.13 -26.39 -44.68
CA CYS E 329 0.55 -26.21 -43.34
C CYS E 329 1.12 -27.24 -42.37
N TRP E 330 0.91 -27.00 -41.07
CA TRP E 330 1.43 -27.88 -40.02
C TRP E 330 0.75 -29.25 -39.94
N VAL E 331 -0.50 -29.33 -40.41
CA VAL E 331 -1.26 -30.58 -40.36
C VAL E 331 -0.76 -31.55 -41.45
N SER E 332 -0.51 -31.03 -42.64
CA SER E 332 -0.03 -31.82 -43.78
C SER E 332 1.44 -32.23 -43.65
N LEU E 333 2.27 -31.41 -43.02
CA LEU E 333 3.70 -31.74 -42.81
C LEU E 333 3.91 -32.89 -41.82
N ASN E 334 3.06 -32.96 -40.80
CA ASN E 334 3.09 -34.08 -39.84
C ASN E 334 2.36 -35.34 -40.35
N GLU E 335 1.59 -35.19 -41.43
CA GLU E 335 0.86 -36.29 -42.08
C GLU E 335 -0.22 -36.86 -41.14
N MET E 336 -0.97 -35.96 -40.52
CA MET E 336 -2.03 -36.32 -39.56
C MET E 336 -3.38 -35.70 -39.94
N VAL E 337 -3.67 -35.71 -41.25
CA VAL E 337 -4.95 -35.24 -41.78
C VAL E 337 -5.98 -36.35 -41.58
N ASN E 338 -5.62 -37.56 -41.97
CA ASN E 338 -6.49 -38.74 -41.88
C ASN E 338 -6.52 -39.40 -40.49
N ASP E 339 -5.70 -38.92 -39.55
CA ASP E 339 -5.75 -39.39 -38.16
C ASP E 339 -7.07 -39.03 -37.49
N SER E 340 -7.37 -39.70 -36.37
CA SER E 340 -8.64 -39.51 -35.66
C SER E 340 -8.79 -38.09 -35.15
N TRP E 341 -10.04 -37.68 -34.92
CA TRP E 341 -10.35 -36.30 -34.55
C TRP E 341 -9.61 -35.92 -33.27
N GLY E 342 -9.68 -36.84 -32.30
CA GLY E 342 -9.26 -36.58 -30.94
C GLY E 342 -7.79 -36.24 -30.90
N LYS E 343 -7.00 -37.07 -31.59
CA LYS E 343 -5.54 -36.91 -31.65
C LYS E 343 -5.19 -35.55 -32.22
N GLN E 344 -5.88 -35.22 -33.32
CA GLN E 344 -5.68 -33.94 -34.01
C GLN E 344 -5.93 -32.79 -33.06
N TYR E 345 -7.05 -32.89 -32.35
CA TYR E 345 -7.46 -31.86 -31.40
C TYR E 345 -6.40 -31.66 -30.34
N SER E 346 -5.91 -32.79 -29.83
CA SER E 346 -4.90 -32.80 -28.77
C SER E 346 -3.66 -32.08 -29.26
N TYR E 347 -3.24 -32.43 -30.48
CA TYR E 347 -2.02 -31.85 -31.04
C TYR E 347 -2.21 -30.34 -31.22
N ALA E 348 -3.37 -29.99 -31.74
CA ALA E 348 -3.73 -28.59 -31.99
C ALA E 348 -3.73 -27.82 -30.68
N LEU E 349 -4.37 -28.46 -29.69
CA LEU E 349 -4.49 -27.85 -28.35
C LEU E 349 -3.11 -27.64 -27.77
N PHE E 350 -2.25 -28.64 -27.91
CA PHE E 350 -0.87 -28.60 -27.43
C PHE E 350 -0.14 -27.41 -28.03
N LYS E 351 -0.30 -27.28 -29.34
CA LYS E 351 0.33 -26.20 -30.11
C LYS E 351 -0.11 -24.85 -29.58
N ALA E 352 -1.41 -24.73 -29.35
CA ALA E 352 -2.01 -23.49 -28.84
C ALA E 352 -1.40 -23.15 -27.46
N MET E 353 -1.37 -24.19 -26.65
CA MET E 353 -1.01 -24.10 -25.25
C MET E 353 0.42 -23.67 -25.10
N SER E 354 1.30 -24.19 -25.95
CA SER E 354 2.72 -23.86 -25.91
C SER E 354 2.90 -22.34 -26.11
N HIS E 355 2.17 -21.82 -27.09
CA HIS E 355 2.24 -20.39 -27.41
C HIS E 355 1.77 -19.56 -26.22
N MET E 356 0.69 -20.02 -25.59
CA MET E 356 0.15 -19.36 -24.39
C MET E 356 1.18 -19.29 -23.27
N LEU E 357 1.81 -20.41 -22.95
CA LEU E 357 2.72 -20.49 -21.80
C LEU E 357 4.20 -20.29 -22.17
N CYS E 358 4.46 -19.94 -23.43
CA CYS E 358 5.77 -19.48 -23.92
C CYS E 358 6.84 -20.58 -23.94
N ILE E 359 6.47 -21.76 -24.44
CA ILE E 359 7.38 -22.92 -24.46
C ILE E 359 8.10 -23.00 -25.81
N GLY E 360 7.33 -23.16 -26.88
CA GLY E 360 7.90 -23.38 -28.21
C GLY E 360 6.86 -23.47 -29.31
N TYR E 361 7.25 -24.06 -30.43
CA TYR E 361 6.39 -24.25 -31.60
C TYR E 361 5.86 -25.68 -31.59
N GLY E 362 5.33 -26.15 -32.73
CA GLY E 362 4.94 -27.55 -32.88
C GLY E 362 6.13 -28.41 -33.28
N ALA E 363 5.97 -29.18 -34.35
CA ALA E 363 7.06 -30.01 -34.89
C ALA E 363 8.17 -29.14 -35.50
N GLN E 364 7.78 -28.16 -36.30
CA GLN E 364 8.71 -27.20 -36.90
C GLN E 364 8.12 -25.78 -36.86
N ALA E 365 8.97 -24.79 -37.10
CA ALA E 365 8.52 -23.41 -37.22
C ALA E 365 7.67 -23.25 -38.47
N PRO E 366 6.60 -22.43 -38.40
CA PRO E 366 5.63 -22.33 -39.50
C PRO E 366 6.25 -21.89 -40.83
N VAL E 367 5.87 -22.56 -41.91
CA VAL E 367 6.44 -22.32 -43.24
C VAL E 367 5.53 -21.39 -44.04
N SER E 368 4.25 -21.75 -44.15
CA SER E 368 3.27 -20.95 -44.91
C SER E 368 2.88 -19.70 -44.13
N MET E 369 2.51 -18.65 -44.87
CA MET E 369 2.27 -17.32 -44.29
C MET E 369 1.07 -17.36 -43.37
N SER E 370 0.02 -18.03 -43.80
CA SER E 370 -1.25 -18.11 -43.08
C SER E 370 -1.02 -18.69 -41.68
N ASP E 371 -0.29 -19.80 -41.68
CA ASP E 371 0.05 -20.51 -40.43
C ASP E 371 0.82 -19.58 -39.51
N LEU E 372 1.80 -18.93 -40.10
CA LEU E 372 2.75 -18.07 -39.41
C LEU E 372 2.01 -16.96 -38.68
N TRP E 373 1.14 -16.33 -39.42
CA TRP E 373 0.36 -15.19 -38.90
C TRP E 373 -0.51 -15.66 -37.75
N ILE E 374 -1.14 -16.83 -37.91
CA ILE E 374 -1.98 -17.41 -36.87
C ILE E 374 -1.18 -17.63 -35.60
N THR E 375 0.01 -18.18 -35.77
CA THR E 375 0.92 -18.48 -34.67
C THR E 375 1.25 -17.19 -33.92
N MET E 376 1.57 -16.16 -34.70
CA MET E 376 1.92 -14.85 -34.15
C MET E 376 0.78 -14.31 -33.31
N LEU E 377 -0.44 -14.42 -33.86
CA LEU E 377 -1.66 -13.96 -33.20
C LEU E 377 -1.82 -14.67 -31.86
N SER E 378 -1.63 -15.98 -31.90
CA SER E 378 -1.76 -16.83 -30.72
C SER E 378 -0.78 -16.38 -29.64
N MET E 379 0.46 -16.14 -30.08
CA MET E 379 1.54 -15.70 -29.19
C MET E 379 1.16 -14.38 -28.52
N ILE E 380 0.62 -13.47 -29.32
CA ILE E 380 0.20 -12.15 -28.83
C ILE E 380 -0.87 -12.33 -27.75
N VAL E 381 -1.83 -13.17 -28.07
CA VAL E 381 -2.95 -13.47 -27.16
C VAL E 381 -2.40 -14.13 -25.90
N GLY E 382 -1.51 -15.08 -26.12
CA GLY E 382 -1.06 -16.00 -25.11
C GLY E 382 -0.24 -15.24 -24.10
N ALA E 383 0.75 -14.51 -24.62
CA ALA E 383 1.74 -13.83 -23.79
C ALA E 383 1.06 -12.84 -22.86
N THR E 384 0.13 -12.08 -23.44
CA THR E 384 -0.62 -11.07 -22.69
C THR E 384 -1.40 -11.72 -21.56
N CYS E 385 -2.05 -12.84 -21.91
CA CYS E 385 -2.84 -13.61 -20.95
C CYS E 385 -1.97 -14.06 -19.79
N TYR E 386 -0.80 -14.57 -20.13
CA TYR E 386 0.18 -15.06 -19.15
C TYR E 386 0.57 -13.94 -18.21
N ALA E 387 0.84 -12.78 -18.79
CA ALA E 387 1.22 -11.58 -18.03
C ALA E 387 0.13 -11.23 -17.01
N MET E 388 -1.10 -11.24 -17.52
CA MET E 388 -2.27 -10.92 -16.71
C MET E 388 -2.38 -11.88 -15.54
N PHE E 389 -2.18 -13.16 -15.84
CA PHE E 389 -2.23 -14.24 -14.85
C PHE E 389 -1.22 -14.00 -13.77
N VAL E 390 -0.01 -13.65 -14.19
CA VAL E 390 1.11 -13.37 -13.28
C VAL E 390 0.73 -12.24 -12.33
N GLY E 391 0.16 -11.19 -12.92
CA GLY E 391 -0.28 -10.01 -12.17
C GLY E 391 -1.29 -10.40 -11.09
N HIS E 392 -2.25 -11.21 -11.54
CA HIS E 392 -3.32 -11.69 -10.67
C HIS E 392 -2.75 -12.47 -9.51
N ALA E 393 -1.80 -13.34 -9.82
CA ALA E 393 -1.12 -14.18 -8.83
C ALA E 393 -0.44 -13.33 -7.80
N THR E 394 0.25 -12.30 -8.28
CA THR E 394 0.97 -11.34 -7.43
C THR E 394 0.00 -10.70 -6.45
N ALA E 395 -1.13 -10.25 -7.01
CA ALA E 395 -2.17 -9.57 -6.24
C ALA E 395 -2.67 -10.49 -5.12
N LEU E 396 -2.92 -11.74 -5.51
CA LEU E 396 -3.43 -12.76 -4.60
C LEU E 396 -2.46 -12.96 -3.45
N ILE E 397 -1.18 -13.07 -3.81
CA ILE E 397 -0.12 -13.35 -2.84
C ILE E 397 -0.04 -12.20 -1.86
N GLN E 398 -0.11 -10.97 -2.37
CA GLN E 398 -0.03 -9.79 -1.50
C GLN E 398 -1.20 -9.78 -0.53
N SER E 399 -2.39 -10.12 -1.05
CA SER E 399 -3.60 -10.15 -0.24
C SER E 399 -3.44 -11.15 0.90
N LEU E 400 -2.89 -12.33 0.56
CA LEU E 400 -2.87 -13.45 1.49
C LEU E 400 -2.10 -13.15 2.77
N ASP E 401 -0.91 -12.58 2.65
CA ASP E 401 -0.10 -12.24 3.83
C ASP E 401 -0.18 -10.75 4.24
N SER E 402 -1.27 -10.07 3.85
CA SER E 402 -1.42 -8.63 4.09
C SER E 402 -1.50 -8.29 5.58
N SER E 403 -2.19 -9.14 6.34
CA SER E 403 -2.29 -9.00 7.80
C SER E 403 -0.91 -9.08 8.48
N ARG E 404 -0.08 -10.01 8.03
CA ARG E 404 1.25 -10.25 8.57
C ARG E 404 2.21 -9.15 8.12
N ARG E 405 2.13 -8.84 6.83
CA ARG E 405 3.01 -7.86 6.19
C ARG E 405 2.89 -6.51 6.88
N GLN E 406 1.63 -6.12 7.13
CA GLN E 406 1.30 -4.81 7.67
C GLN E 406 1.97 -4.62 9.01
N TYR E 407 1.89 -5.64 9.86
CA TYR E 407 2.47 -5.62 11.19
C TYR E 407 3.97 -5.36 11.11
N GLN E 408 4.60 -6.10 10.21
CA GLN E 408 6.05 -6.00 9.99
C GLN E 408 6.42 -4.60 9.56
N GLU E 409 5.62 -4.06 8.64
CA GLU E 409 5.83 -2.71 8.11
C GLU E 409 5.78 -1.69 9.26
N LYS E 410 4.76 -1.86 10.09
CA LYS E 410 4.54 -0.98 11.24
C LYS E 410 5.76 -1.01 12.17
N TYR E 411 6.23 -2.23 12.42
CA TYR E 411 7.37 -2.43 13.31
C TYR E 411 8.60 -1.75 12.75
N LYS E 412 8.80 -1.86 11.43
CA LYS E 412 9.92 -1.25 10.74
C LYS E 412 10.04 0.24 11.06
N GLN E 413 8.89 0.91 11.10
CA GLN E 413 8.84 2.33 11.46
C GLN E 413 9.42 2.56 12.84
N VAL E 414 9.03 1.70 13.78
CA VAL E 414 9.50 1.77 15.16
C VAL E 414 11.02 1.66 15.20
N GLU E 415 11.53 0.68 14.44
CA GLU E 415 12.97 0.43 14.35
C GLU E 415 13.69 1.67 13.84
N GLN E 416 13.12 2.25 12.79
CA GLN E 416 13.67 3.45 12.17
C GLN E 416 13.74 4.59 13.17
N TYR E 417 12.67 4.74 13.94
CA TYR E 417 12.57 5.77 14.99
C TYR E 417 13.72 5.61 15.98
N MET E 418 13.90 4.35 16.41
CA MET E 418 14.96 4.02 17.37
C MET E 418 16.33 4.39 16.82
N SER E 419 16.53 4.03 15.55
CA SER E 419 17.78 4.31 14.84
C SER E 419 18.06 5.81 14.82
N PHE E 420 17.01 6.58 14.52
CA PHE E 420 17.08 8.03 14.48
C PHE E 420 17.62 8.61 15.80
N HIS E 421 17.09 8.15 16.94
CA HIS E 421 17.57 8.62 18.25
C HIS E 421 18.82 7.91 18.76
N LYS E 422 19.23 6.82 18.09
CA LYS E 422 20.47 6.09 18.37
C LYS E 422 20.44 5.51 19.78
N LEU E 423 19.39 4.74 20.06
CA LEU E 423 19.17 4.19 21.40
C LEU E 423 20.12 3.02 21.68
N PRO E 424 20.43 2.77 22.97
CA PRO E 424 21.25 1.61 23.35
C PRO E 424 20.57 0.29 23.02
N ALA E 425 21.38 -0.74 22.80
CA ALA E 425 20.88 -2.04 22.38
C ALA E 425 19.91 -2.62 23.40
N ASP E 426 20.26 -2.48 24.67
CA ASP E 426 19.47 -2.98 25.79
C ASP E 426 18.05 -2.38 25.74
N MET E 427 18.04 -1.07 25.57
CA MET E 427 16.81 -0.29 25.51
C MET E 427 15.93 -0.79 24.37
N ARG E 428 16.59 -0.97 23.21
CA ARG E 428 15.92 -1.46 22.00
C ARG E 428 15.27 -2.80 22.25
N GLN E 429 16.02 -3.68 22.91
CA GLN E 429 15.56 -5.03 23.24
C GLN E 429 14.32 -4.95 24.10
N LYS E 430 14.37 -4.07 25.10
CA LYS E 430 13.25 -3.86 26.03
C LYS E 430 12.00 -3.45 25.26
N ILE E 431 12.21 -2.49 24.35
CA ILE E 431 11.11 -1.97 23.54
C ILE E 431 10.49 -3.08 22.70
N HIS E 432 11.35 -3.89 22.11
CA HIS E 432 10.93 -5.03 21.28
C HIS E 432 10.06 -5.97 22.08
N ASP E 433 10.55 -6.27 23.29
CA ASP E 433 9.85 -7.17 24.21
C ASP E 433 8.46 -6.65 24.52
N TYR E 434 8.41 -5.34 24.81
CA TYR E 434 7.16 -4.65 25.13
C TYR E 434 6.18 -4.79 23.98
N TYR E 435 6.69 -4.56 22.78
CA TYR E 435 5.88 -4.62 21.56
C TYR E 435 5.29 -6.02 21.40
N GLU E 436 6.15 -7.02 21.62
CA GLU E 436 5.75 -8.42 21.50
C GLU E 436 4.63 -8.73 22.49
N HIS E 437 4.80 -8.24 23.71
CA HIS E 437 3.82 -8.52 24.74
C HIS E 437 2.49 -7.86 24.41
N ARG E 438 2.57 -6.64 23.87
CA ARG E 438 1.40 -5.76 23.75
C ARG E 438 0.47 -6.23 22.65
N TYR E 439 1.01 -6.36 21.45
CA TYR E 439 0.23 -6.65 20.25
C TYR E 439 0.23 -8.14 19.85
N GLN E 440 1.25 -8.89 20.27
CA GLN E 440 1.36 -10.32 19.96
C GLN E 440 1.36 -10.61 18.46
N GLY E 441 2.11 -9.79 17.71
CA GLY E 441 2.23 -9.94 16.26
C GLY E 441 0.98 -9.62 15.46
N LYS E 442 0.08 -8.82 16.03
CA LYS E 442 -1.21 -8.51 15.41
C LYS E 442 -1.41 -7.01 15.31
N ILE E 443 -1.37 -6.51 14.08
CA ILE E 443 -1.65 -5.08 13.83
C ILE E 443 -3.15 -4.76 13.95
N PHE E 444 -3.46 -3.77 14.77
CA PHE E 444 -4.81 -3.21 14.88
C PHE E 444 -4.76 -1.93 15.69
N ASP E 445 -5.72 -1.03 15.46
CA ASP E 445 -5.84 0.21 16.20
C ASP E 445 -7.17 0.23 16.95
N GLU E 446 -7.12 -0.01 18.26
CA GLU E 446 -8.34 -0.07 19.11
C GLU E 446 -9.16 1.21 19.01
N GLU E 447 -8.46 2.35 19.05
CA GLU E 447 -9.07 3.67 18.94
C GLU E 447 -10.01 3.81 17.75
N ASN E 448 -9.67 3.19 16.62
CA ASN E 448 -10.44 3.33 15.40
C ASN E 448 -11.64 2.37 15.43
N ILE E 449 -11.31 1.12 15.74
CA ILE E 449 -12.28 0.02 15.66
C ILE E 449 -13.44 0.30 16.61
N LEU E 450 -13.08 0.69 17.83
CA LEU E 450 -14.08 0.97 18.86
C LEU E 450 -14.98 2.11 18.43
N ASN E 451 -14.38 3.15 17.85
CA ASN E 451 -15.13 4.30 17.35
C ASN E 451 -16.13 3.87 16.29
N GLU E 452 -15.67 3.02 15.39
CA GLU E 452 -16.49 2.46 14.31
C GLU E 452 -17.71 1.74 14.89
N LEU E 453 -17.52 0.93 15.94
CA LEU E 453 -18.63 0.21 16.59
C LEU E 453 -19.61 1.15 17.30
N ASN E 454 -20.83 0.65 17.52
CA ASN E 454 -21.85 1.38 18.31
C ASN E 454 -21.68 1.09 19.81
N ASP E 455 -22.51 1.71 20.64
CA ASP E 455 -22.36 1.66 22.09
C ASP E 455 -22.56 0.28 22.70
N PRO E 456 -23.70 -0.39 22.35
CA PRO E 456 -24.01 -1.68 22.95
C PRO E 456 -22.92 -2.69 22.68
N LEU E 457 -22.45 -2.70 21.43
CA LEU E 457 -21.39 -3.62 21.01
C LEU E 457 -20.14 -3.39 21.82
N ARG E 458 -19.80 -2.11 21.98
CA ARG E 458 -18.62 -1.69 22.76
C ARG E 458 -18.72 -2.20 24.17
N GLU E 459 -19.90 -2.02 24.75
CA GLU E 459 -20.20 -2.45 26.13
C GLU E 459 -19.96 -3.94 26.27
N GLU E 460 -20.50 -4.68 25.30
CA GLU E 460 -20.41 -6.13 25.26
C GLU E 460 -18.95 -6.56 25.24
N ILE E 461 -18.19 -5.89 24.37
CA ILE E 461 -16.77 -6.22 24.18
C ILE E 461 -16.02 -5.95 25.47
N VAL E 462 -16.27 -4.76 26.02
CA VAL E 462 -15.60 -4.30 27.24
C VAL E 462 -15.89 -5.27 28.38
N ASN E 463 -17.17 -5.66 28.48
CA ASN E 463 -17.61 -6.57 29.53
C ASN E 463 -16.87 -7.89 29.41
N PHE E 464 -16.78 -8.38 28.17
CA PHE E 464 -16.09 -9.66 27.92
C PHE E 464 -14.64 -9.58 28.33
N ASN E 465 -14.01 -8.45 27.98
CA ASN E 465 -12.61 -8.22 28.31
C ASN E 465 -12.40 -8.24 29.82
N CYS E 466 -13.24 -7.49 30.54
CA CYS E 466 -13.09 -7.30 31.97
C CYS E 466 -14.07 -8.14 32.81
N ARG E 467 -14.62 -9.22 32.24
CA ARG E 467 -15.55 -10.08 32.98
C ARG E 467 -14.86 -10.66 34.20
N LYS E 468 -13.64 -11.15 33.97
CA LYS E 468 -12.84 -11.79 35.01
C LYS E 468 -12.58 -10.81 36.14
N LEU E 469 -12.20 -9.59 35.75
CA LEU E 469 -11.92 -8.50 36.69
C LEU E 469 -13.13 -8.23 37.56
N VAL E 470 -14.28 -8.15 36.89
CA VAL E 470 -15.56 -7.87 37.57
C VAL E 470 -15.84 -8.95 38.60
N ALA E 471 -15.64 -10.20 38.18
CA ALA E 471 -15.86 -11.36 39.02
C ALA E 471 -14.99 -11.28 40.28
N THR E 472 -13.73 -10.94 40.04
CA THR E 472 -12.74 -10.81 41.11
C THR E 472 -13.16 -9.76 42.12
N MET E 473 -13.47 -8.56 41.64
CA MET E 473 -13.63 -7.40 42.52
C MET E 473 -14.89 -7.45 43.37
N PRO E 474 -14.79 -7.11 44.67
CA PRO E 474 -15.96 -7.12 45.55
C PRO E 474 -16.93 -5.96 45.33
N LEU E 475 -16.40 -4.79 44.98
CA LEU E 475 -17.22 -3.59 44.74
C LEU E 475 -18.10 -3.69 43.51
N PHE E 476 -17.58 -4.28 42.44
CA PHE E 476 -18.26 -4.30 41.13
C PHE E 476 -19.50 -5.20 41.09
N ALA E 477 -19.45 -6.35 41.77
CA ALA E 477 -20.57 -7.31 41.78
C ALA E 477 -21.81 -6.80 42.52
N ASN E 478 -21.59 -6.15 43.66
CA ASN E 478 -22.69 -5.66 44.51
C ASN E 478 -23.40 -4.43 43.94
N ALA E 479 -22.65 -3.50 43.38
CA ALA E 479 -23.20 -2.24 42.84
C ALA E 479 -24.03 -2.45 41.57
N ASP E 480 -24.74 -1.39 41.16
CA ASP E 480 -25.60 -1.42 39.98
C ASP E 480 -24.79 -1.68 38.70
N PRO E 481 -25.35 -2.45 37.73
CA PRO E 481 -24.61 -2.75 36.53
C PRO E 481 -24.34 -1.53 35.67
N ASN E 482 -25.20 -0.52 35.75
CA ASN E 482 -25.01 0.73 35.02
C ASN E 482 -23.67 1.36 35.39
N PHE E 483 -23.42 1.39 36.70
CA PHE E 483 -22.18 1.97 37.24
C PHE E 483 -20.98 1.23 36.68
N VAL E 484 -21.07 -0.10 36.68
CA VAL E 484 -20.01 -0.97 36.17
C VAL E 484 -19.72 -0.65 34.71
N THR E 485 -20.80 -0.51 33.95
CA THR E 485 -20.72 -0.20 32.52
C THR E 485 -19.98 1.12 32.32
N ALA E 486 -20.37 2.11 33.12
CA ALA E 486 -19.78 3.44 33.07
C ALA E 486 -18.27 3.36 33.32
N MET E 487 -17.93 2.58 34.34
CA MET E 487 -16.54 2.38 34.73
C MET E 487 -15.73 1.76 33.59
N LEU E 488 -16.23 0.65 33.06
CA LEU E 488 -15.48 -0.19 32.12
C LEU E 488 -15.32 0.43 30.74
N SER E 489 -16.26 1.28 30.34
CA SER E 489 -16.15 2.04 29.09
C SER E 489 -14.93 2.96 29.08
N LYS E 490 -14.71 3.65 30.21
CA LYS E 490 -13.61 4.61 30.34
C LYS E 490 -12.23 3.99 30.55
N LEU E 491 -12.13 2.69 30.82
CA LEU E 491 -10.84 2.03 31.04
C LEU E 491 -9.96 2.02 29.79
N ARG E 492 -8.65 1.99 30.03
CA ARG E 492 -7.65 1.99 28.95
C ARG E 492 -6.61 0.93 29.23
N PHE E 493 -6.39 0.05 28.25
CA PHE E 493 -5.52 -1.12 28.42
C PHE E 493 -4.04 -0.74 28.40
N GLU E 494 -3.26 -1.31 29.33
CA GLU E 494 -1.81 -1.10 29.41
C GLU E 494 -1.07 -2.36 29.83
N VAL E 495 0.17 -2.48 29.37
CA VAL E 495 1.02 -3.63 29.65
C VAL E 495 2.32 -3.14 30.28
N PHE E 496 2.78 -3.82 31.33
CA PHE E 496 4.03 -3.47 31.99
C PHE E 496 4.97 -4.66 32.08
N GLN E 497 6.27 -4.40 31.90
CA GLN E 497 7.30 -5.43 31.96
C GLN E 497 7.82 -5.54 33.39
N PRO E 498 8.35 -6.73 33.78
CA PRO E 498 8.86 -6.88 35.14
C PRO E 498 10.09 -6.01 35.40
N GLY E 499 10.08 -5.30 36.54
CA GLY E 499 11.11 -4.33 36.88
C GLY E 499 10.80 -2.89 36.51
N ASP E 500 9.58 -2.63 36.05
CA ASP E 500 9.13 -1.28 35.71
C ASP E 500 8.36 -0.69 36.88
N TYR E 501 8.73 0.52 37.29
CA TYR E 501 7.98 1.27 38.29
C TYR E 501 6.70 1.80 37.66
N ILE E 502 5.57 1.21 38.04
CA ILE E 502 4.26 1.65 37.56
C ILE E 502 3.93 3.01 38.18
N ILE E 503 4.08 3.07 39.50
CA ILE E 503 3.96 4.31 40.26
C ILE E 503 5.27 4.53 41.03
N ARG E 504 5.75 5.78 41.02
CA ARG E 504 6.87 6.20 41.87
C ARG E 504 6.33 7.07 43.00
N GLU E 505 6.87 6.91 44.20
CA GLU E 505 6.39 7.61 45.38
C GLU E 505 6.68 9.11 45.32
N GLY E 506 5.69 9.93 45.69
CA GLY E 506 5.82 11.38 45.70
C GLY E 506 5.38 12.13 44.45
N ALA E 507 5.13 11.42 43.35
CA ALA E 507 4.74 12.04 42.08
C ALA E 507 3.28 12.47 42.08
N VAL E 508 2.92 13.29 41.08
CA VAL E 508 1.52 13.71 40.86
C VAL E 508 0.82 12.68 39.97
N GLY E 509 -0.14 11.96 40.54
CA GLY E 509 -0.79 10.84 39.86
C GLY E 509 -2.02 11.22 39.03
N LYS E 510 -1.96 10.94 37.73
CA LYS E 510 -3.04 11.24 36.80
C LYS E 510 -4.03 10.08 36.58
N LYS E 511 -3.60 8.84 36.85
CA LYS E 511 -4.41 7.66 36.53
C LYS E 511 -4.29 6.54 37.57
N MET E 512 -5.41 5.91 37.92
CA MET E 512 -5.42 4.71 38.77
C MET E 512 -5.33 3.47 37.90
N TYR E 513 -5.24 2.29 38.52
CA TYR E 513 -5.05 1.03 37.80
C TYR E 513 -5.98 -0.08 38.26
N PHE E 514 -6.06 -1.13 37.45
CA PHE E 514 -6.83 -2.35 37.75
C PHE E 514 -6.06 -3.54 37.21
N ILE E 515 -5.64 -4.44 38.09
CA ILE E 515 -4.87 -5.61 37.67
C ILE E 515 -5.83 -6.66 37.12
N GLN E 516 -5.86 -6.79 35.80
CA GLN E 516 -6.54 -7.90 35.14
C GLN E 516 -5.75 -9.19 35.36
N HIS E 517 -4.45 -9.12 35.12
CA HIS E 517 -3.60 -10.30 35.05
C HIS E 517 -2.15 -9.93 35.41
N GLY E 518 -1.46 -10.84 36.08
CA GLY E 518 -0.08 -10.63 36.55
C GLY E 518 0.00 -10.23 38.02
N VAL E 519 1.22 -10.02 38.50
CA VAL E 519 1.49 -9.73 39.91
C VAL E 519 2.38 -8.49 40.07
N ALA E 520 1.87 -7.51 40.81
CA ALA E 520 2.59 -6.26 41.08
C ALA E 520 2.83 -6.08 42.58
N GLY E 521 4.02 -5.58 42.92
CA GLY E 521 4.44 -5.37 44.30
C GLY E 521 4.45 -3.90 44.69
N VAL E 522 4.06 -3.63 45.94
CA VAL E 522 4.02 -2.28 46.49
C VAL E 522 5.27 -2.08 47.36
N ILE E 523 5.88 -0.90 47.22
CA ILE E 523 7.09 -0.53 47.97
C ILE E 523 6.86 0.81 48.67
N THR E 524 6.94 0.80 50.00
CA THR E 524 6.86 1.99 50.83
C THR E 524 7.94 1.95 51.91
N LYS E 525 8.25 3.12 52.47
CA LYS E 525 9.25 3.22 53.54
C LYS E 525 8.75 2.55 54.82
N SER E 526 9.48 1.52 55.28
CA SER E 526 9.12 0.73 56.45
C SER E 526 7.79 -0.01 56.34
N SER E 527 7.46 -0.47 55.13
CA SER E 527 6.23 -1.21 54.85
C SER E 527 6.46 -2.68 54.47
N LYS E 528 7.72 -3.14 54.56
CA LYS E 528 8.11 -4.51 54.18
C LYS E 528 7.81 -4.78 52.69
N GLU E 529 7.17 -5.91 52.38
CA GLU E 529 6.78 -6.24 51.00
C GLU E 529 5.29 -6.62 50.95
N MET E 530 4.56 -6.02 50.02
CA MET E 530 3.15 -6.34 49.77
C MET E 530 3.00 -6.66 48.29
N LYS E 531 2.30 -7.76 47.98
CA LYS E 531 2.11 -8.22 46.60
C LYS E 531 0.62 -8.33 46.26
N LEU E 532 0.25 -7.81 45.08
CA LEU E 532 -1.15 -7.79 44.64
C LEU E 532 -1.40 -8.81 43.52
N THR E 533 -2.60 -9.40 43.55
CA THR E 533 -3.01 -10.43 42.60
C THR E 533 -4.05 -9.89 41.62
N ASP E 534 -4.51 -10.75 40.71
CA ASP E 534 -5.56 -10.39 39.76
C ASP E 534 -6.86 -9.99 40.46
N GLY E 535 -7.54 -9.00 39.90
CA GLY E 535 -8.75 -8.44 40.50
C GLY E 535 -8.53 -7.45 41.64
N SER E 536 -7.29 -6.94 41.74
CA SER E 536 -6.96 -5.92 42.72
C SER E 536 -6.70 -4.61 41.97
N TYR E 537 -7.00 -3.49 42.63
CA TYR E 537 -6.77 -2.17 42.05
C TYR E 537 -5.84 -1.36 42.95
N PHE E 538 -4.99 -0.55 42.32
CA PHE E 538 -4.10 0.36 43.03
C PHE E 538 -4.04 1.71 42.32
N GLY E 539 -3.65 2.72 43.09
CA GLY E 539 -3.56 4.11 42.61
C GLY E 539 -4.84 4.91 42.81
N GLU E 540 -5.72 4.44 43.70
CA GLU E 540 -7.01 5.08 43.95
C GLU E 540 -6.92 6.28 44.90
N ILE E 541 -5.89 6.31 45.76
CA ILE E 541 -5.79 7.29 46.84
C ILE E 541 -5.42 8.70 46.35
N CYS E 542 -4.49 8.78 45.42
CA CYS E 542 -4.03 10.08 44.88
C CYS E 542 -5.14 10.83 44.14
N LEU E 543 -6.06 10.09 43.53
CA LEU E 543 -7.21 10.68 42.83
C LEU E 543 -8.28 11.16 43.83
N LEU E 544 -8.44 10.44 44.94
CA LEU E 544 -9.39 10.81 45.99
C LEU E 544 -8.86 11.95 46.86
N THR E 545 -7.63 11.81 47.34
CA THR E 545 -6.98 12.82 48.19
C THR E 545 -6.65 14.11 47.43
N LYS E 546 -6.45 14.01 46.12
CA LYS E 546 -6.00 15.13 45.27
C LYS E 546 -4.61 15.64 45.68
N GLY E 547 -3.75 14.71 46.07
CA GLY E 547 -2.40 15.00 46.55
C GLY E 547 -1.37 14.19 45.78
N ARG E 548 -0.36 13.69 46.51
CA ARG E 548 0.73 12.91 45.90
C ARG E 548 0.58 11.42 46.19
N ARG E 549 1.40 10.62 45.49
CA ARG E 549 1.38 9.17 45.62
C ARG E 549 1.99 8.76 46.96
N THR E 550 1.25 7.96 47.72
CA THR E 550 1.65 7.56 49.09
C THR E 550 2.88 6.64 49.10
N ALA E 551 2.98 5.78 48.09
CA ALA E 551 4.04 4.77 48.01
C ALA E 551 4.28 4.33 46.57
N SER E 552 5.44 3.74 46.32
CA SER E 552 5.81 3.26 44.98
C SER E 552 5.18 1.90 44.69
N VAL E 553 5.00 1.59 43.41
CA VAL E 553 4.49 0.29 42.95
C VAL E 553 5.31 -0.18 41.76
N ARG E 554 5.84 -1.41 41.83
CA ARG E 554 6.67 -2.00 40.79
C ARG E 554 6.17 -3.39 40.45
N ALA E 555 6.13 -3.71 39.15
CA ALA E 555 5.64 -5.00 38.67
C ALA E 555 6.60 -6.14 39.00
N ASP E 556 6.06 -7.30 39.41
CA ASP E 556 6.87 -8.46 39.76
C ASP E 556 7.14 -9.29 38.52
N THR E 557 6.05 -9.71 37.85
CA THR E 557 6.08 -10.37 36.56
C THR E 557 5.56 -9.41 35.50
N TYR E 558 5.25 -9.90 34.31
CA TYR E 558 4.51 -9.12 33.31
C TYR E 558 3.10 -8.84 33.82
N CYS E 559 2.75 -7.55 33.93
CA CYS E 559 1.44 -7.13 34.42
C CYS E 559 0.60 -6.55 33.29
N ARG E 560 -0.60 -7.10 33.14
CA ARG E 560 -1.61 -6.57 32.22
C ARG E 560 -2.61 -5.77 33.06
N LEU E 561 -2.63 -4.46 32.84
CA LEU E 561 -3.42 -3.55 33.67
C LEU E 561 -4.45 -2.78 32.84
N TYR E 562 -5.53 -2.39 33.50
CA TYR E 562 -6.49 -1.44 32.94
C TYR E 562 -6.39 -0.15 33.74
N SER E 563 -5.91 0.91 33.09
CA SER E 563 -5.79 2.22 33.71
C SER E 563 -7.07 3.03 33.54
N LEU E 564 -7.35 3.87 34.53
CA LEU E 564 -8.46 4.83 34.48
C LEU E 564 -7.92 6.20 34.84
N SER E 565 -8.14 7.17 33.95
CA SER E 565 -7.63 8.54 34.13
C SER E 565 -8.45 9.29 35.18
N VAL E 566 -7.92 10.42 35.64
CA VAL E 566 -8.49 11.14 36.79
C VAL E 566 -9.82 11.76 36.39
N ASP E 567 -9.81 12.42 35.24
CA ASP E 567 -10.97 13.16 34.74
C ASP E 567 -12.15 12.20 34.56
N ASN E 568 -11.84 11.08 33.93
CA ASN E 568 -12.84 10.04 33.65
C ASN E 568 -13.44 9.53 34.95
N PHE E 569 -12.57 9.29 35.92
CA PHE E 569 -12.95 8.80 37.24
C PHE E 569 -13.95 9.78 37.89
N ASN E 570 -13.58 11.05 37.81
CA ASN E 570 -14.39 12.13 38.39
C ASN E 570 -15.76 12.15 37.74
N GLU E 571 -15.77 12.03 36.42
CA GLU E 571 -17.00 12.01 35.63
C GLU E 571 -17.91 10.88 36.09
N VAL E 572 -17.29 9.70 36.27
CA VAL E 572 -18.00 8.51 36.68
C VAL E 572 -18.64 8.73 38.04
N LEU E 573 -17.86 9.33 38.95
CA LEU E 573 -18.28 9.48 40.35
C LEU E 573 -19.27 10.62 40.64
N GLU E 574 -19.35 11.60 39.73
CA GLU E 574 -20.39 12.62 39.79
C GLU E 574 -21.79 12.01 39.60
N GLU E 575 -21.88 11.00 38.74
CA GLU E 575 -23.11 10.26 38.51
C GLU E 575 -23.47 9.34 39.69
N TYR E 576 -22.47 8.71 40.30
CA TYR E 576 -22.67 7.75 41.39
C TYR E 576 -21.87 8.13 42.64
N PRO E 577 -22.40 9.03 43.48
CA PRO E 577 -21.71 9.43 44.71
C PRO E 577 -21.67 8.35 45.81
N MET E 578 -22.56 7.37 45.75
CA MET E 578 -22.59 6.26 46.72
C MET E 578 -21.38 5.33 46.60
N MET E 579 -20.92 5.10 45.36
CA MET E 579 -19.76 4.26 45.09
C MET E 579 -18.42 4.88 45.56
N ARG E 580 -18.37 6.21 45.64
CA ARG E 580 -17.20 6.93 46.12
C ARG E 580 -16.94 6.63 47.58
N ARG E 581 -18.01 6.52 48.37
CA ARG E 581 -17.91 6.25 49.80
C ARG E 581 -17.17 4.94 50.04
N ALA E 582 -17.54 3.92 49.27
CA ALA E 582 -16.94 2.59 49.35
C ALA E 582 -15.44 2.68 49.10
N PHE E 583 -15.10 3.41 48.04
CA PHE E 583 -13.71 3.63 47.64
C PHE E 583 -12.93 4.26 48.77
N GLU E 584 -13.53 5.29 49.36
CA GLU E 584 -12.94 6.03 50.47
C GLU E 584 -12.64 5.10 51.64
N THR E 585 -13.63 4.26 51.94
CA THR E 585 -13.55 3.29 53.04
C THR E 585 -12.36 2.36 52.79
N VAL E 586 -12.28 1.87 51.56
CA VAL E 586 -11.22 0.94 51.15
C VAL E 586 -9.85 1.59 51.34
N ALA E 587 -9.77 2.85 50.91
CA ALA E 587 -8.55 3.63 51.00
C ALA E 587 -8.11 3.75 52.43
N ILE E 588 -9.08 4.04 53.32
CA ILE E 588 -8.76 4.36 54.72
C ILE E 588 -8.04 3.20 55.38
N ASP E 589 -8.58 2.00 55.16
CA ASP E 589 -8.01 0.78 55.72
C ASP E 589 -6.57 0.60 55.26
N ARG E 590 -6.38 0.80 53.96
CA ARG E 590 -5.06 0.67 53.33
C ARG E 590 -4.07 1.64 53.98
N LEU E 591 -4.54 2.87 54.15
CA LEU E 591 -3.74 3.94 54.76
C LEU E 591 -3.31 3.54 56.16
N ASP E 592 -4.27 3.01 56.91
CA ASP E 592 -4.04 2.56 58.29
C ASP E 592 -2.95 1.49 58.31
N ARG E 593 -3.09 0.54 57.39
CA ARG E 593 -2.14 -0.56 57.26
C ARG E 593 -0.73 -0.02 57.00
N ILE E 594 -0.67 0.93 56.08
CA ILE E 594 0.59 1.57 55.70
C ILE E 594 1.23 2.28 56.90
N GLY E 595 0.41 3.13 57.53
CA GLY E 595 0.84 4.02 58.62
C GLY E 595 0.88 5.51 58.27
N LYS E 596 0.32 5.91 57.13
CA LYS E 596 0.29 7.31 56.68
C LYS E 596 -1.16 7.83 56.64
N LYS E 597 -1.56 8.59 57.65
CA LYS E 597 -2.93 9.10 57.77
C LYS E 597 -3.19 10.32 56.88
N ASN E 598 -4.18 10.20 55.98
CA ASN E 598 -4.64 11.31 55.15
C ASN E 598 -5.83 11.97 55.84
N SER E 599 -5.74 13.29 56.06
CA SER E 599 -6.63 13.99 56.98
C SER E 599 -7.93 14.34 56.29
N ILE E 600 -7.84 14.79 55.04
CA ILE E 600 -8.99 15.22 54.26
C ILE E 600 -10.01 14.09 54.14
N LEU E 601 -9.47 12.91 53.81
CA LEU E 601 -10.29 11.70 53.65
C LEU E 601 -11.03 11.39 54.94
N LEU E 602 -10.29 11.48 56.05
CA LEU E 602 -10.83 11.22 57.38
C LEU E 602 -11.99 12.17 57.66
N GLN E 603 -11.76 13.44 57.35
CA GLN E 603 -12.74 14.51 57.55
C GLN E 603 -14.01 14.19 56.78
N LYS E 604 -13.82 13.79 55.53
CA LYS E 604 -14.91 13.43 54.62
C LYS E 604 -15.74 12.30 55.22
N PHE E 605 -15.03 11.29 55.71
CA PHE E 605 -15.65 10.12 56.32
C PHE E 605 -16.51 10.53 57.52
N GLN E 606 -15.93 11.40 58.34
CA GLN E 606 -16.60 11.93 59.52
C GLN E 606 -17.90 12.61 59.14
N LYS E 607 -17.80 13.44 58.11
CA LYS E 607 -18.94 14.20 57.57
C LYS E 607 -20.05 13.24 57.15
N ASP E 608 -19.64 12.20 56.43
CA ASP E 608 -20.54 11.17 55.93
C ASP E 608 -21.29 10.50 57.10
N UNK F 1 -27.95 -0.02 56.06
CA UNK F 1 -28.24 -1.02 55.03
C UNK F 1 -27.06 -1.33 54.09
N UNK F 2 -26.06 -0.45 54.05
CA UNK F 2 -24.81 -0.67 53.31
C UNK F 2 -23.59 -0.98 54.15
N UNK F 3 -23.73 -0.82 55.48
CA UNK F 3 -22.62 -0.95 56.40
C UNK F 3 -22.00 -2.34 56.30
N UNK F 4 -22.88 -3.34 56.28
CA UNK F 4 -22.48 -4.75 56.18
C UNK F 4 -21.69 -4.98 54.91
N UNK F 5 -22.21 -4.42 53.82
CA UNK F 5 -21.58 -4.53 52.50
C UNK F 5 -20.17 -3.95 52.53
N UNK F 6 -20.08 -2.77 53.15
CA UNK F 6 -18.81 -2.05 53.28
C UNK F 6 -17.80 -2.91 54.04
N UNK F 7 -18.28 -3.50 55.13
CA UNK F 7 -17.46 -4.37 55.98
C UNK F 7 -16.92 -5.53 55.18
N UNK F 8 -17.81 -6.14 54.40
CA UNK F 8 -17.47 -7.28 53.54
C UNK F 8 -16.37 -6.90 52.56
N UNK F 9 -16.55 -5.73 51.96
CA UNK F 9 -15.60 -5.18 50.99
C UNK F 9 -14.23 -5.02 51.62
N UNK F 10 -14.24 -4.46 52.82
CA UNK F 10 -13.02 -4.22 53.61
C UNK F 10 -12.29 -5.54 53.85
N UNK F 11 -13.08 -6.54 54.26
CA UNK F 11 -12.56 -7.88 54.54
C UNK F 11 -11.88 -8.45 53.31
N UNK F 12 -12.57 -8.30 52.18
CA UNK F 12 -12.07 -8.78 50.88
C UNK F 12 -10.73 -8.14 50.55
N UNK F 13 -10.69 -6.83 50.75
CA UNK F 13 -9.49 -6.03 50.51
C UNK F 13 -8.32 -6.54 51.34
N UNK F 14 -8.62 -6.78 52.62
CA UNK F 14 -7.64 -7.29 53.58
C UNK F 14 -7.07 -8.62 53.10
N UNK F 15 -7.98 -9.48 52.67
CA UNK F 15 -7.64 -10.81 52.16
C UNK F 15 -6.67 -10.69 50.98
N UNK F 16 -7.03 -9.79 50.08
CA UNK F 16 -6.25 -9.52 48.87
C UNK F 16 -4.83 -9.09 49.25
N UNK F 17 -4.78 -8.18 50.21
CA UNK F 17 -3.51 -7.64 50.71
C UNK F 17 -2.64 -8.77 51.25
N UNK F 18 -3.28 -9.62 52.04
CA UNK F 18 -2.61 -10.78 52.65
C UNK F 18 -2.01 -11.67 51.57
N UNK F 19 -2.81 -11.93 50.54
CA UNK F 19 -2.42 -12.76 49.41
C UNK F 19 -1.18 -12.17 48.73
N MET G 94 12.99 -43.17 34.77
CA MET G 94 12.87 -41.78 34.19
C MET G 94 11.50 -41.52 33.54
N GLN G 95 10.44 -41.77 34.31
CA GLN G 95 9.06 -41.49 33.91
C GLN G 95 8.71 -40.04 34.13
N ARG G 96 9.21 -39.46 35.22
CA ARG G 96 9.00 -38.05 35.55
C ARG G 96 9.49 -37.17 34.42
N GLN G 97 10.69 -37.48 33.92
CA GLN G 97 11.32 -36.74 32.83
C GLN G 97 10.41 -36.76 31.60
N PHE G 98 9.91 -37.97 31.30
CA PHE G 98 9.02 -38.18 30.15
C PHE G 98 7.79 -37.32 30.28
N THR G 99 7.21 -37.32 31.48
CA THR G 99 6.02 -36.54 31.80
C THR G 99 6.27 -35.06 31.55
N SER G 100 7.42 -34.60 32.03
CA SER G 100 7.85 -33.21 31.88
C SER G 100 7.92 -32.84 30.41
N MET G 101 8.54 -33.73 29.64
CA MET G 101 8.70 -33.56 28.20
C MET G 101 7.34 -33.40 27.52
N LEU G 102 6.42 -34.29 27.91
CA LEU G 102 5.05 -34.29 27.40
C LEU G 102 4.38 -32.94 27.66
N GLN G 103 4.54 -32.39 28.87
CA GLN G 103 3.97 -31.08 29.22
C GLN G 103 4.72 -29.92 28.52
N PRO G 104 4.03 -28.76 28.32
CA PRO G 104 4.70 -27.57 27.74
C PRO G 104 5.80 -26.95 28.62
N GLY G 105 6.96 -26.73 28.03
CA GLY G 105 8.07 -26.06 28.71
C GLY G 105 7.87 -24.55 28.74
N VAL G 106 8.61 -23.88 29.63
CA VAL G 106 8.55 -22.42 29.76
C VAL G 106 9.61 -21.81 28.84
N ASN G 107 9.31 -21.83 27.55
CA ASN G 107 10.11 -21.14 26.54
C ASN G 107 9.65 -19.69 26.45
N LYS G 108 10.40 -18.89 25.70
CA LYS G 108 10.04 -17.49 25.43
C LYS G 108 8.75 -17.43 24.61
N PHE G 109 8.69 -18.26 23.58
CA PHE G 109 7.50 -18.38 22.72
C PHE G 109 6.29 -18.76 23.56
N SER G 110 6.50 -19.74 24.43
CA SER G 110 5.44 -20.24 25.32
C SER G 110 4.90 -19.10 26.18
N LEU G 111 5.84 -18.34 26.74
CA LEU G 111 5.53 -17.20 27.60
C LEU G 111 4.67 -16.19 26.85
N ARG G 112 5.09 -15.91 25.62
CA ARG G 112 4.41 -14.97 24.74
C ARG G 112 2.98 -15.42 24.50
N MET G 113 2.83 -16.71 24.21
CA MET G 113 1.54 -17.33 23.95
C MET G 113 0.62 -17.19 25.17
N PHE G 114 1.13 -17.62 26.32
CA PHE G 114 0.33 -17.80 27.53
C PHE G 114 0.41 -16.63 28.53
N GLY G 115 1.21 -15.61 28.23
CA GLY G 115 1.37 -14.46 29.10
C GLY G 115 2.30 -14.74 30.28
N SER G 116 1.72 -14.87 31.46
CA SER G 116 2.49 -15.11 32.69
C SER G 116 2.88 -16.59 32.83
N GLN G 117 3.85 -16.84 33.71
CA GLN G 117 4.36 -18.19 33.99
C GLN G 117 3.35 -19.03 34.80
N LYS G 118 2.57 -18.36 35.64
CA LYS G 118 1.48 -18.99 36.38
C LYS G 118 0.50 -19.64 35.41
N ALA G 119 0.17 -18.92 34.35
CA ALA G 119 -0.75 -19.40 33.33
C ALA G 119 -0.23 -20.68 32.69
N VAL G 120 1.06 -20.71 32.40
CA VAL G 120 1.73 -21.88 31.83
C VAL G 120 1.55 -23.08 32.74
N GLU G 121 1.72 -22.87 34.04
CA GLU G 121 1.57 -23.92 35.05
C GLU G 121 0.17 -24.50 34.99
N LYS G 122 -0.83 -23.65 34.85
CA LYS G 122 -2.24 -24.07 34.73
C LYS G 122 -2.41 -25.04 33.57
N GLU G 123 -1.80 -24.69 32.44
CA GLU G 123 -1.85 -25.52 31.23
C GLU G 123 -1.27 -26.90 31.51
N GLN G 124 -0.12 -26.90 32.19
CA GLN G 124 0.56 -28.14 32.56
C GLN G 124 -0.35 -29.01 33.42
N GLU G 125 -0.99 -28.36 34.39
CA GLU G 125 -1.91 -29.03 35.30
C GLU G 125 -3.05 -29.68 34.53
N ARG G 126 -3.59 -28.93 33.58
CA ARG G 126 -4.68 -29.39 32.71
C ARG G 126 -4.25 -30.64 31.95
N VAL G 127 -3.04 -30.57 31.41
CA VAL G 127 -2.42 -31.67 30.64
C VAL G 127 -2.36 -32.92 31.51
N LYS G 128 -1.90 -32.73 32.74
CA LYS G 128 -1.82 -33.82 33.73
C LYS G 128 -3.08 -34.71 33.90
N THR G 129 -4.27 -34.23 33.53
CA THR G 129 -5.52 -35.02 33.68
C THR G 129 -5.46 -36.39 33.00
N ALA G 130 -4.96 -36.42 31.76
CA ALA G 130 -4.71 -37.68 31.03
C ALA G 130 -3.25 -38.10 31.24
N GLY G 131 -3.04 -39.31 31.76
CA GLY G 131 -1.73 -39.76 32.22
C GLY G 131 -1.01 -40.71 31.27
N PHE G 132 0.24 -40.39 30.95
CA PHE G 132 1.10 -41.18 30.06
C PHE G 132 0.48 -41.43 28.67
N TRP G 133 -0.28 -40.44 28.19
CA TRP G 133 -1.07 -40.57 26.97
C TRP G 133 -1.05 -39.28 26.15
N ILE G 134 -1.64 -38.21 26.69
CA ILE G 134 -1.86 -36.98 25.93
C ILE G 134 -0.61 -36.11 25.82
N ILE G 135 -0.47 -35.48 24.64
CA ILE G 135 0.65 -34.60 24.32
C ILE G 135 0.08 -33.24 23.90
N HIS G 136 0.66 -32.18 24.46
CA HIS G 136 0.22 -30.81 24.17
C HIS G 136 0.82 -30.37 22.82
N PRO G 137 0.05 -29.60 22.01
CA PRO G 137 0.56 -29.17 20.69
C PRO G 137 1.86 -28.37 20.74
N TYR G 138 1.96 -27.44 21.70
CA TYR G 138 3.17 -26.62 21.90
C TYR G 138 4.23 -27.25 22.82
N SER G 139 4.17 -28.57 23.04
CA SER G 139 5.16 -29.26 23.86
C SER G 139 6.49 -29.42 23.13
N ASP G 140 7.55 -29.63 23.91
CA ASP G 140 8.91 -29.76 23.40
C ASP G 140 9.08 -31.09 22.67
N PHE G 141 8.54 -32.16 23.29
CA PHE G 141 8.59 -33.50 22.73
C PHE G 141 7.95 -33.52 21.35
N ARG G 142 6.79 -32.87 21.26
CA ARG G 142 6.03 -32.79 20.00
C ARG G 142 6.88 -32.16 18.92
N PHE G 143 7.57 -31.07 19.27
CA PHE G 143 8.46 -30.36 18.35
C PHE G 143 9.51 -31.30 17.78
N TYR G 144 10.12 -32.04 18.70
CA TYR G 144 11.18 -32.98 18.34
C TYR G 144 10.65 -34.04 17.38
N TRP G 145 9.46 -34.54 17.71
CA TRP G 145 8.78 -35.57 16.92
C TRP G 145 8.55 -35.05 15.50
N ASP G 146 8.07 -33.82 15.42
CA ASP G 146 7.76 -33.22 14.13
C ASP G 146 9.03 -33.04 13.32
N LEU G 147 10.11 -32.65 13.98
CA LEU G 147 11.42 -32.51 13.32
C LEU G 147 11.85 -33.84 12.73
N ILE G 148 11.70 -34.89 13.53
CA ILE G 148 12.05 -36.25 13.12
C ILE G 148 11.27 -36.64 11.87
N MET G 149 9.97 -36.34 11.91
CA MET G 149 9.06 -36.66 10.83
C MET G 149 9.52 -35.97 9.54
N LEU G 150 9.88 -34.68 9.69
CA LEU G 150 10.06 -33.81 8.53
C LEU G 150 11.17 -34.32 7.65
N ILE G 151 12.26 -34.73 8.27
CA ILE G 151 13.43 -35.24 7.54
C ILE G 151 13.01 -36.51 6.77
N MET G 152 12.41 -37.41 7.55
CA MET G 152 11.98 -38.73 7.06
C MET G 152 11.03 -38.57 5.88
N MET G 153 10.05 -37.69 6.11
CA MET G 153 9.01 -37.39 5.12
C MET G 153 9.65 -36.89 3.84
N VAL G 154 10.59 -35.97 4.01
CA VAL G 154 11.30 -35.35 2.88
C VAL G 154 11.99 -36.42 2.06
N GLY G 155 12.69 -37.32 2.79
CA GLY G 155 13.42 -38.42 2.18
C GLY G 155 12.50 -39.29 1.35
N ASN G 156 11.36 -39.60 1.95
CA ASN G 156 10.37 -40.47 1.32
C ASN G 156 9.87 -39.82 0.04
N LEU G 157 9.60 -38.52 0.12
CA LEU G 157 9.09 -37.77 -1.03
C LEU G 157 10.13 -37.78 -2.15
N VAL G 158 11.40 -37.60 -1.78
CA VAL G 158 12.50 -37.63 -2.74
C VAL G 158 12.71 -39.05 -3.31
N ILE G 159 12.88 -40.01 -2.41
CA ILE G 159 13.35 -41.36 -2.75
C ILE G 159 12.28 -42.26 -3.36
N ILE G 160 11.07 -42.26 -2.81
CA ILE G 160 10.04 -43.24 -3.19
C ILE G 160 9.71 -43.26 -4.67
N PRO G 161 9.42 -42.07 -5.27
CA PRO G 161 9.02 -42.01 -6.67
C PRO G 161 10.10 -42.58 -7.57
N VAL G 162 11.33 -42.18 -7.27
CA VAL G 162 12.52 -42.63 -8.02
C VAL G 162 12.60 -44.17 -7.99
N GLY G 163 12.43 -44.69 -6.78
CA GLY G 163 12.50 -46.12 -6.53
C GLY G 163 11.45 -46.86 -7.35
N ILE G 164 10.25 -46.29 -7.33
CA ILE G 164 9.10 -46.86 -8.06
C ILE G 164 9.41 -46.91 -9.55
N THR G 165 9.98 -45.81 -10.05
CA THR G 165 10.20 -45.66 -11.49
C THR G 165 11.41 -46.43 -12.05
N PHE G 166 12.60 -46.00 -11.63
CA PHE G 166 13.84 -46.39 -12.30
C PHE G 166 14.43 -47.73 -11.85
N PHE G 167 13.97 -48.26 -10.71
CA PHE G 167 14.40 -49.58 -10.23
C PHE G 167 13.28 -50.60 -10.41
N THR G 168 13.48 -51.52 -11.36
CA THR G 168 12.57 -52.63 -11.60
C THR G 168 12.59 -53.65 -10.46
N GLU G 169 13.78 -53.90 -9.91
CA GLU G 169 13.96 -54.78 -8.75
C GLU G 169 13.47 -54.08 -7.47
N GLN G 170 12.15 -54.04 -7.30
CA GLN G 170 11.50 -53.38 -6.16
C GLN G 170 11.15 -54.32 -5.00
N THR G 171 11.48 -55.61 -5.15
CA THR G 171 11.25 -56.62 -4.10
C THR G 171 12.55 -57.10 -3.44
N THR G 172 13.66 -56.37 -3.64
CA THR G 172 14.95 -56.72 -3.04
C THR G 172 14.96 -56.40 -1.53
N THR G 173 15.96 -56.95 -0.84
CA THR G 173 16.04 -56.89 0.62
C THR G 173 16.13 -55.50 1.25
N PRO G 174 17.20 -54.74 0.87
CA PRO G 174 17.46 -53.47 1.54
C PRO G 174 16.30 -52.51 1.34
N TRP G 175 15.79 -52.47 0.11
CA TRP G 175 14.67 -51.61 -0.25
C TRP G 175 13.45 -51.93 0.61
N ILE G 176 13.19 -53.24 0.73
CA ILE G 176 12.08 -53.75 1.52
C ILE G 176 12.20 -53.30 2.97
N ILE G 177 13.41 -53.46 3.49
CA ILE G 177 13.74 -53.08 4.87
C ILE G 177 13.44 -51.60 5.09
N PHE G 178 13.88 -50.79 4.13
CA PHE G 178 13.71 -49.34 4.17
C PHE G 178 12.22 -49.01 4.25
N ASN G 179 11.46 -49.68 3.38
CA ASN G 179 10.06 -49.31 3.16
C ASN G 179 9.27 -49.57 4.43
N VAL G 180 9.45 -50.78 4.95
CA VAL G 180 8.70 -51.24 6.12
C VAL G 180 8.96 -50.32 7.31
N ALA G 181 10.24 -50.02 7.49
CA ALA G 181 10.70 -49.16 8.59
C ALA G 181 10.03 -47.80 8.48
N SER G 182 10.04 -47.26 7.26
CA SER G 182 9.44 -45.94 7.01
C SER G 182 7.96 -45.96 7.36
N ASP G 183 7.30 -47.02 6.93
CA ASP G 183 5.87 -47.21 7.17
C ASP G 183 5.59 -47.22 8.65
N THR G 184 6.44 -47.92 9.41
CA THR G 184 6.31 -48.04 10.86
C THR G 184 6.26 -46.66 11.51
N VAL G 185 7.21 -45.82 11.09
CA VAL G 185 7.33 -44.47 11.65
C VAL G 185 6.03 -43.68 11.39
N PHE G 186 5.54 -43.81 10.16
CA PHE G 186 4.32 -43.10 9.77
C PHE G 186 3.14 -43.58 10.58
N LEU G 187 3.06 -44.89 10.81
CA LEU G 187 2.01 -45.49 11.62
C LEU G 187 2.05 -44.92 13.04
N LEU G 188 3.26 -44.84 13.57
CA LEU G 188 3.47 -44.31 14.92
C LEU G 188 2.98 -42.86 15.00
N ASP G 189 3.33 -42.09 13.97
CA ASP G 189 2.93 -40.68 13.87
C ASP G 189 1.42 -40.56 13.88
N LEU G 190 0.77 -41.44 13.11
CA LEU G 190 -0.69 -41.48 13.02
C LEU G 190 -1.30 -41.68 14.41
N ILE G 191 -0.74 -42.66 15.12
CA ILE G 191 -1.19 -42.99 16.47
C ILE G 191 -1.06 -41.78 17.38
N MET G 192 0.09 -41.12 17.28
CA MET G 192 0.40 -39.91 18.05
C MET G 192 -0.66 -38.83 17.85
N ASN G 193 -1.13 -38.60 16.62
CA ASN G 193 -2.14 -37.55 16.36
C ASN G 193 -3.38 -37.58 17.26
N PHE G 194 -3.77 -38.78 17.69
CA PHE G 194 -4.85 -38.94 18.68
C PHE G 194 -4.43 -38.47 20.07
N ARG G 195 -3.19 -38.80 20.45
CA ARG G 195 -2.58 -38.30 21.68
C ARG G 195 -2.28 -36.79 21.62
N THR G 196 -1.95 -36.28 20.44
CA THR G 196 -1.63 -34.86 20.24
C THR G 196 -2.88 -33.99 20.32
N GLY G 197 -2.80 -32.91 21.10
CA GLY G 197 -3.90 -31.94 21.21
C GLY G 197 -3.97 -31.00 20.01
N THR G 198 -5.18 -30.53 19.71
CA THR G 198 -5.43 -29.62 18.58
C THR G 198 -5.68 -28.19 19.06
N VAL G 199 -5.37 -27.22 18.20
CA VAL G 199 -5.56 -25.79 18.50
C VAL G 199 -6.56 -25.18 17.51
N ASN G 200 -7.58 -24.49 18.03
CA ASN G 200 -8.63 -23.87 17.21
C ASN G 200 -8.82 -22.40 17.60
N SER G 203 -9.23 -20.07 19.97
CA SER G 203 -9.55 -20.33 21.36
C SER G 203 -8.53 -21.26 22.03
N SER G 204 -8.83 -21.74 23.24
CA SER G 204 -7.95 -22.66 23.97
C SER G 204 -7.84 -24.02 23.28
N GLU G 205 -6.70 -24.68 23.46
CA GLU G 205 -6.40 -25.96 22.80
C GLU G 205 -7.23 -27.11 23.38
N ILE G 206 -7.73 -27.98 22.50
CA ILE G 206 -8.59 -29.10 22.90
C ILE G 206 -7.78 -30.21 23.57
N ILE G 207 -7.90 -30.30 24.89
CA ILE G 207 -7.16 -31.28 25.69
C ILE G 207 -7.96 -32.53 26.07
N LEU G 208 -9.25 -32.58 25.73
CA LEU G 208 -10.10 -33.74 26.00
C LEU G 208 -9.67 -34.92 25.12
N ASP G 209 -9.24 -36.00 25.75
CA ASP G 209 -8.58 -37.11 25.05
C ASP G 209 -9.53 -37.95 24.20
N PRO G 210 -10.48 -38.68 24.83
CA PRO G 210 -11.34 -39.58 24.05
C PRO G 210 -12.36 -38.90 23.14
N LYS G 211 -12.84 -37.72 23.54
CA LYS G 211 -13.94 -37.04 22.85
C LYS G 211 -13.48 -35.98 21.86
N VAL G 212 -12.71 -35.01 22.36
CA VAL G 212 -12.35 -33.81 21.58
C VAL G 212 -11.33 -34.08 20.47
N ILE G 213 -10.20 -34.67 20.84
CA ILE G 213 -9.10 -34.91 19.89
C ILE G 213 -9.41 -36.03 18.90
N LYS G 214 -9.93 -37.15 19.39
CA LYS G 214 -10.16 -38.35 18.57
C LYS G 214 -11.30 -38.21 17.56
N MET G 215 -12.44 -37.67 18.01
CA MET G 215 -13.62 -37.51 17.15
C MET G 215 -13.46 -36.42 16.09
N ASN G 216 -12.73 -35.36 16.42
CA ASN G 216 -12.47 -34.26 15.48
C ASN G 216 -11.48 -34.66 14.39
N TYR G 217 -10.37 -35.28 14.80
CA TYR G 217 -9.33 -35.75 13.86
C TYR G 217 -9.80 -36.88 12.95
N LEU G 218 -10.65 -37.77 13.47
CA LEU G 218 -11.21 -38.88 12.69
C LEU G 218 -12.12 -38.44 11.52
N LYS G 219 -12.73 -37.25 11.64
CA LYS G 219 -13.58 -36.68 10.59
C LYS G 219 -12.89 -35.57 9.77
N SER G 220 -11.61 -35.32 10.01
CA SER G 220 -10.88 -34.20 9.39
C SER G 220 -9.81 -34.67 8.41
N TRP G 221 -8.73 -35.25 8.93
CA TRP G 221 -7.57 -35.65 8.12
C TRP G 221 -7.17 -37.14 8.22
N PHE G 222 -7.92 -37.95 8.98
CA PHE G 222 -7.52 -39.34 9.23
C PHE G 222 -7.54 -40.24 7.98
N VAL G 223 -8.36 -39.90 6.98
CA VAL G 223 -8.60 -40.81 5.85
C VAL G 223 -7.33 -40.91 5.01
N VAL G 224 -6.85 -39.74 4.62
CA VAL G 224 -5.65 -39.62 3.78
C VAL G 224 -4.46 -40.27 4.50
N ASP G 225 -4.34 -39.91 5.78
CA ASP G 225 -3.16 -40.24 6.57
C ASP G 225 -3.01 -41.74 6.68
N PHE G 226 -4.13 -42.40 6.97
CA PHE G 226 -4.16 -43.84 7.21
C PHE G 226 -3.64 -44.59 6.00
N ILE G 227 -4.14 -44.17 4.82
CA ILE G 227 -3.77 -44.80 3.55
C ILE G 227 -2.26 -44.67 3.34
N SER G 228 -1.75 -43.47 3.61
CA SER G 228 -0.33 -43.18 3.44
C SER G 228 0.50 -44.08 4.34
N SER G 229 0.04 -44.21 5.59
CA SER G 229 0.83 -44.91 6.61
C SER G 229 1.03 -46.37 6.26
N ILE G 230 -0.07 -47.05 5.91
CA ILE G 230 -0.05 -48.49 5.64
C ILE G 230 0.70 -48.84 4.35
N PRO G 231 1.47 -49.95 4.35
CA PRO G 231 2.09 -50.45 3.11
C PRO G 231 1.08 -51.27 2.29
N VAL G 232 0.42 -50.60 1.34
CA VAL G 232 -0.70 -51.17 0.62
C VAL G 232 -0.22 -52.20 -0.40
N ASP G 233 0.88 -51.88 -1.08
CA ASP G 233 1.40 -52.73 -2.15
C ASP G 233 1.75 -54.11 -1.61
N TYR G 234 2.42 -54.11 -0.45
CA TYR G 234 2.83 -55.37 0.17
C TYR G 234 1.61 -56.19 0.54
N ILE G 235 0.60 -55.52 1.08
CA ILE G 235 -0.66 -56.17 1.47
C ILE G 235 -1.30 -56.84 0.25
N PHE G 236 -1.32 -56.09 -0.85
CA PHE G 236 -1.89 -56.57 -2.11
C PHE G 236 -1.17 -57.82 -2.57
N LEU G 237 0.17 -57.77 -2.49
CA LEU G 237 1.02 -58.89 -2.88
C LEU G 237 0.68 -60.13 -2.05
N ILE G 238 0.54 -59.89 -0.75
CA ILE G 238 0.21 -60.96 0.21
C ILE G 238 -1.12 -61.61 -0.18
N VAL G 239 -2.09 -60.76 -0.48
CA VAL G 239 -3.43 -61.19 -0.89
C VAL G 239 -3.35 -62.08 -2.13
N GLU G 240 -2.56 -61.61 -3.10
CA GLU G 240 -2.35 -62.32 -4.35
C GLU G 240 -1.78 -63.71 -4.08
N LYS G 241 -0.78 -63.75 -3.21
CA LYS G 241 -0.12 -64.97 -2.81
C LYS G 241 -1.12 -65.97 -2.22
N GLY G 242 -1.94 -65.49 -1.29
CA GLY G 242 -2.94 -66.32 -0.59
C GLY G 242 -4.32 -66.23 -1.22
N ARG G 252 0.69 -63.65 -16.43
CA ARG G 252 -0.18 -62.96 -15.46
C ARG G 252 0.51 -61.96 -14.51
N ALA G 253 1.84 -62.01 -14.42
CA ALA G 253 2.59 -61.26 -13.43
C ALA G 253 2.76 -59.80 -13.82
N LEU G 254 2.89 -59.54 -15.11
CA LEU G 254 3.20 -58.22 -15.62
C LEU G 254 2.15 -57.21 -15.18
N ARG G 255 0.89 -57.63 -15.35
CA ARG G 255 -0.25 -56.79 -14.99
C ARG G 255 -0.20 -56.44 -13.51
N ILE G 256 0.07 -57.47 -12.71
CA ILE G 256 0.17 -57.33 -11.25
C ILE G 256 1.24 -56.31 -10.89
N VAL G 257 2.39 -56.45 -11.55
CA VAL G 257 3.54 -55.57 -11.34
C VAL G 257 3.14 -54.12 -11.64
N ARG G 258 2.45 -53.95 -12.76
CA ARG G 258 1.99 -52.64 -13.20
C ARG G 258 1.09 -52.01 -12.15
N PHE G 259 0.17 -52.83 -11.65
CA PHE G 259 -0.81 -52.41 -10.64
C PHE G 259 -0.07 -51.94 -9.39
N THR G 260 0.94 -52.71 -8.99
CA THR G 260 1.57 -52.52 -7.68
C THR G 260 2.19 -51.15 -7.56
N LYS G 261 2.82 -50.68 -8.63
CA LYS G 261 3.53 -49.41 -8.62
C LYS G 261 2.56 -48.27 -8.29
N ILE G 262 1.40 -48.31 -8.94
CA ILE G 262 0.37 -47.29 -8.74
C ILE G 262 -0.08 -47.29 -7.29
N LEU G 263 -0.28 -48.49 -6.75
CA LEU G 263 -0.71 -48.64 -5.35
C LEU G 263 0.33 -48.02 -4.41
N SER G 264 1.60 -48.31 -4.71
CA SER G 264 2.72 -47.81 -3.93
C SER G 264 2.73 -46.29 -3.93
N LEU G 265 2.48 -45.71 -5.11
CA LEU G 265 2.32 -44.24 -5.21
C LEU G 265 1.39 -43.60 -4.16
N LEU G 266 0.47 -44.35 -3.54
CA LEU G 266 -0.33 -43.85 -2.40
C LEU G 266 0.52 -43.35 -1.22
N ARG G 267 1.72 -43.91 -1.06
CA ARG G 267 2.67 -43.48 -0.01
C ARG G 267 3.16 -42.03 -0.17
N LEU G 268 3.02 -41.47 -1.38
CA LEU G 268 3.35 -40.06 -1.65
C LEU G 268 2.32 -39.06 -1.11
N LEU G 269 1.14 -39.53 -0.68
CA LEU G 269 0.13 -38.66 -0.05
C LEU G 269 0.49 -38.14 1.35
N ARG G 270 1.64 -38.54 1.88
CA ARG G 270 2.18 -37.97 3.12
C ARG G 270 2.55 -36.50 3.00
N LEU G 271 2.66 -36.01 1.76
CA LEU G 271 3.01 -34.62 1.47
C LEU G 271 2.08 -33.66 2.17
N SER G 272 0.79 -33.99 2.21
CA SER G 272 -0.22 -33.16 2.85
C SER G 272 0.11 -32.93 4.32
N ARG G 273 0.45 -34.04 4.96
CA ARG G 273 0.79 -34.03 6.39
C ARG G 273 1.99 -33.14 6.63
N LEU G 274 2.99 -33.29 5.76
CA LEU G 274 4.23 -32.51 5.81
C LEU G 274 3.91 -31.03 5.75
N ILE G 275 3.05 -30.70 4.78
CA ILE G 275 2.61 -29.32 4.53
C ILE G 275 1.99 -28.74 5.79
N ARG G 276 1.09 -29.54 6.37
CA ARG G 276 0.36 -29.16 7.58
C ARG G 276 1.34 -28.85 8.71
N TYR G 277 2.31 -29.75 8.86
CA TYR G 277 3.32 -29.62 9.90
C TYR G 277 4.10 -28.32 9.72
N ILE G 278 4.48 -28.06 8.47
CA ILE G 278 5.25 -26.87 8.12
C ILE G 278 4.45 -25.62 8.49
N HIS G 279 3.17 -25.65 8.14
CA HIS G 279 2.29 -24.50 8.41
C HIS G 279 2.18 -24.26 9.90
N GLN G 280 2.07 -25.35 10.67
CA GLN G 280 2.00 -25.26 12.13
C GLN G 280 3.28 -24.62 12.71
N TRP G 281 4.40 -25.26 12.41
CA TRP G 281 5.67 -24.88 13.04
C TRP G 281 6.13 -23.54 12.54
N GLU G 282 5.81 -23.15 11.30
CA GLU G 282 6.22 -21.85 10.82
C GLU G 282 5.56 -20.74 11.61
N GLU G 283 4.29 -20.92 11.97
CA GLU G 283 3.58 -19.96 12.81
C GLU G 283 4.29 -19.78 14.14
N ILE G 284 4.67 -20.91 14.72
CA ILE G 284 5.38 -20.94 16.00
C ILE G 284 6.72 -20.18 15.87
N PHE G 285 7.43 -20.46 14.78
CA PHE G 285 8.72 -19.80 14.48
C PHE G 285 8.62 -18.29 14.19
N HIS G 286 7.45 -17.79 13.79
CA HIS G 286 7.21 -16.35 13.73
C HIS G 286 7.17 -15.74 15.13
N MET G 287 6.49 -16.42 16.05
CA MET G 287 6.39 -15.99 17.45
C MET G 287 7.65 -16.25 18.30
N THR G 288 8.65 -16.95 17.75
CA THR G 288 9.97 -17.06 18.40
C THR G 288 10.94 -16.01 17.88
N TYR G 289 11.42 -16.20 16.65
CA TYR G 289 12.63 -15.52 16.14
C TYR G 289 12.39 -14.26 15.28
N ASP G 290 11.14 -13.82 15.15
CA ASP G 290 10.79 -12.62 14.38
C ASP G 290 11.27 -12.72 12.92
N LEU G 291 10.76 -13.73 12.22
CA LEU G 291 11.15 -14.00 10.83
C LEU G 291 10.43 -13.07 9.87
N ALA G 292 11.11 -12.68 8.79
CA ALA G 292 10.48 -11.96 7.68
C ALA G 292 9.56 -12.93 6.94
N SER G 293 8.31 -12.53 6.75
CA SER G 293 7.25 -13.43 6.28
C SER G 293 7.51 -13.84 4.84
N ALA G 294 7.88 -12.84 4.04
CA ALA G 294 8.05 -12.99 2.60
C ALA G 294 9.09 -14.03 2.30
N VAL G 295 10.21 -13.94 3.02
CA VAL G 295 11.34 -14.86 2.85
C VAL G 295 10.88 -16.29 3.09
N VAL G 296 10.14 -16.45 4.19
CA VAL G 296 9.63 -17.76 4.61
C VAL G 296 8.74 -18.34 3.52
N ARG G 297 7.86 -17.48 3.01
CA ARG G 297 6.89 -17.87 1.99
C ARG G 297 7.63 -18.33 0.74
N ILE G 298 8.67 -17.58 0.37
CA ILE G 298 9.41 -17.90 -0.84
C ILE G 298 10.11 -19.23 -0.67
N PHE G 299 10.67 -19.47 0.52
CA PHE G 299 11.47 -20.67 0.73
C PHE G 299 10.60 -21.91 0.60
N ASN G 300 9.42 -21.83 1.19
CA ASN G 300 8.43 -22.92 1.13
C ASN G 300 8.08 -23.23 -0.30
N LEU G 301 7.82 -22.15 -1.05
CA LEU G 301 7.44 -22.28 -2.46
C LEU G 301 8.54 -22.97 -3.24
N ILE G 302 9.79 -22.57 -2.98
CA ILE G 302 10.96 -23.14 -3.64
C ILE G 302 11.02 -24.64 -3.39
N GLY G 303 10.81 -25.02 -2.13
CA GLY G 303 10.83 -26.41 -1.71
C GLY G 303 9.76 -27.20 -2.47
N MET G 304 8.58 -26.62 -2.50
CA MET G 304 7.41 -27.21 -3.17
C MET G 304 7.72 -27.37 -4.64
N MET G 305 8.26 -26.30 -5.22
CA MET G 305 8.48 -26.21 -6.67
C MET G 305 9.42 -27.32 -7.11
N LEU G 306 10.51 -27.42 -6.36
CA LEU G 306 11.56 -28.42 -6.66
C LEU G 306 10.97 -29.81 -6.58
N LEU G 307 10.17 -30.03 -5.53
CA LEU G 307 9.53 -31.33 -5.31
C LEU G 307 8.65 -31.70 -6.50
N LEU G 308 7.87 -30.70 -6.94
CA LEU G 308 6.94 -30.89 -8.06
C LEU G 308 7.72 -31.25 -9.31
N CYS G 309 8.82 -30.53 -9.53
CA CYS G 309 9.70 -30.77 -10.69
C CYS G 309 10.19 -32.20 -10.68
N HIS G 310 10.64 -32.63 -9.51
CA HIS G 310 11.18 -33.98 -9.30
C HIS G 310 10.11 -35.02 -9.67
N TRP G 311 8.91 -34.77 -9.17
CA TRP G 311 7.77 -35.66 -9.40
C TRP G 311 7.47 -35.77 -10.88
N ASP G 312 7.49 -34.62 -11.55
CA ASP G 312 7.23 -34.54 -12.98
C ASP G 312 8.25 -35.36 -13.74
N GLY G 313 9.51 -35.21 -13.34
CA GLY G 313 10.62 -35.95 -13.96
C GLY G 313 10.39 -37.45 -13.83
N CYS G 314 10.03 -37.84 -12.61
CA CYS G 314 9.74 -39.25 -12.32
C CYS G 314 8.52 -39.68 -13.15
N LEU G 315 7.50 -38.83 -13.09
CA LEU G 315 6.19 -39.12 -13.65
C LEU G 315 6.29 -39.34 -15.14
N GLN G 316 7.06 -38.48 -15.81
CA GLN G 316 7.20 -38.56 -17.26
C GLN G 316 7.83 -39.90 -17.64
N PHE G 317 8.85 -40.30 -16.92
CA PHE G 317 9.50 -41.58 -17.24
C PHE G 317 8.52 -42.74 -16.97
N LEU G 318 7.80 -42.62 -15.88
CA LEU G 318 6.95 -43.63 -15.29
C LEU G 318 5.90 -44.09 -16.25
N VAL G 319 5.30 -43.17 -17.01
CA VAL G 319 4.18 -43.53 -17.86
C VAL G 319 4.64 -44.53 -18.92
N PRO G 320 5.82 -44.30 -19.50
CA PRO G 320 6.38 -45.24 -20.46
C PRO G 320 6.57 -46.62 -19.88
N LEU G 321 7.08 -46.66 -18.66
CA LEU G 321 7.29 -47.92 -17.94
C LEU G 321 5.96 -48.65 -17.76
N LEU G 322 4.96 -47.89 -17.34
CA LEU G 322 3.61 -48.42 -17.12
C LEU G 322 3.05 -48.90 -18.46
N GLN G 323 3.24 -48.10 -19.50
CA GLN G 323 2.75 -48.40 -20.85
C GLN G 323 3.68 -49.34 -21.66
N ASP G 324 4.74 -49.86 -21.03
CA ASP G 324 5.65 -50.87 -21.60
C ASP G 324 6.55 -50.35 -22.74
N PHE G 325 7.01 -49.09 -22.60
CA PHE G 325 7.91 -48.44 -23.55
C PHE G 325 7.46 -48.55 -25.01
N PRO G 326 6.32 -47.90 -25.35
CA PRO G 326 5.87 -47.92 -26.74
C PRO G 326 6.83 -47.10 -27.62
N PRO G 327 7.04 -47.52 -28.88
CA PRO G 327 8.09 -46.96 -29.73
C PRO G 327 7.93 -45.46 -30.04
N ASP G 328 6.69 -44.96 -30.00
CA ASP G 328 6.41 -43.54 -30.17
C ASP G 328 6.55 -42.68 -28.90
N CYS G 329 7.11 -43.23 -27.82
CA CYS G 329 7.42 -42.45 -26.60
C CYS G 329 8.79 -41.80 -26.70
N TRP G 330 9.04 -40.83 -25.82
CA TRP G 330 10.31 -40.09 -25.82
C TRP G 330 11.53 -40.91 -25.38
N VAL G 331 11.31 -41.96 -24.60
CA VAL G 331 12.41 -42.80 -24.10
C VAL G 331 12.92 -43.71 -25.22
N SER G 332 12.00 -44.29 -25.99
CA SER G 332 12.34 -45.19 -27.09
C SER G 332 12.91 -44.47 -28.32
N LEU G 333 12.47 -43.24 -28.57
CA LEU G 333 12.98 -42.44 -29.70
C LEU G 333 14.44 -42.00 -29.51
N ASN G 334 14.83 -41.72 -28.28
CA ASN G 334 16.22 -41.39 -27.95
C ASN G 334 17.11 -42.64 -27.77
N GLU G 335 16.48 -43.81 -27.66
CA GLU G 335 17.18 -45.10 -27.54
C GLU G 335 17.96 -45.18 -26.22
N MET G 336 17.30 -44.77 -25.13
CA MET G 336 17.90 -44.75 -23.80
C MET G 336 17.05 -45.52 -22.78
N VAL G 337 16.53 -46.67 -23.22
CA VAL G 337 15.78 -47.58 -22.36
C VAL G 337 16.77 -48.39 -21.53
N ASN G 338 17.77 -48.95 -22.22
CA ASN G 338 18.80 -49.79 -21.58
C ASN G 338 19.94 -48.99 -20.92
N ASP G 339 19.94 -47.67 -21.05
CA ASP G 339 20.90 -46.81 -20.33
C ASP G 339 20.71 -46.88 -18.82
N SER G 340 21.72 -46.44 -18.07
CA SER G 340 21.70 -46.50 -16.61
C SER G 340 20.58 -45.65 -16.03
N TRP G 341 20.17 -46.00 -14.81
CA TRP G 341 19.01 -45.36 -14.17
C TRP G 341 19.24 -43.86 -14.06
N GLY G 342 20.45 -43.51 -13.63
CA GLY G 342 20.78 -42.15 -13.22
C GLY G 342 20.61 -41.21 -14.39
N LYS G 343 21.19 -41.62 -15.52
CA LYS G 343 21.15 -40.83 -16.77
C LYS G 343 19.72 -40.57 -17.18
N GLN G 344 18.92 -41.65 -17.13
CA GLN G 344 17.50 -41.59 -17.49
C GLN G 344 16.79 -40.57 -16.64
N TYR G 345 17.05 -40.66 -15.34
CA TYR G 345 16.43 -39.77 -14.35
C TYR G 345 16.75 -38.34 -14.66
N SER G 346 18.04 -38.11 -14.95
CA SER G 346 18.55 -36.76 -15.25
C SER G 346 17.82 -36.20 -16.45
N TYR G 347 17.71 -37.04 -17.49
CA TYR G 347 17.08 -36.60 -18.74
C TYR G 347 15.61 -36.27 -18.47
N ALA G 348 14.97 -37.16 -17.72
CA ALA G 348 13.55 -37.02 -17.36
C ALA G 348 13.36 -35.74 -16.57
N LEU G 349 14.26 -35.56 -15.60
CA LEU G 349 14.21 -34.38 -14.71
C LEU G 349 14.37 -33.13 -15.54
N PHE G 350 15.32 -33.15 -16.47
CA PHE G 350 15.59 -32.02 -17.36
C PHE G 350 14.35 -31.65 -18.14
N LYS G 351 13.69 -32.69 -18.68
CA LYS G 351 12.48 -32.53 -19.47
C LYS G 351 11.40 -31.86 -18.64
N ALA G 352 11.25 -32.34 -17.41
CA ALA G 352 10.26 -31.81 -16.48
C ALA G 352 10.53 -30.30 -16.22
N MET G 353 11.80 -30.05 -15.96
CA MET G 353 12.29 -28.77 -15.51
C MET G 353 12.09 -27.73 -16.57
N SER G 354 12.33 -28.10 -17.83
CA SER G 354 12.16 -27.19 -18.97
C SER G 354 10.71 -26.69 -19.01
N HIS G 355 9.78 -27.63 -18.85
CA HIS G 355 8.36 -27.29 -18.87
C HIS G 355 8.02 -26.33 -17.75
N MET G 356 8.56 -26.60 -16.57
CA MET G 356 8.38 -25.74 -15.41
C MET G 356 8.84 -24.31 -15.67
N LEU G 357 10.06 -24.15 -16.18
CA LEU G 357 10.66 -22.81 -16.36
C LEU G 357 10.47 -22.23 -17.76
N CYS G 358 9.69 -22.92 -18.60
CA CYS G 358 9.21 -22.41 -19.89
C CYS G 358 10.31 -22.27 -20.96
N ILE G 359 11.16 -23.28 -21.07
CA ILE G 359 12.31 -23.26 -21.99
C ILE G 359 11.94 -23.93 -23.31
N GLY G 360 11.60 -25.21 -23.25
CA GLY G 360 11.34 -26.00 -24.46
C GLY G 360 10.89 -27.42 -24.17
N TYR G 361 11.04 -28.28 -25.17
CA TYR G 361 10.68 -29.69 -25.08
C TYR G 361 11.96 -30.52 -24.83
N GLY G 362 11.89 -31.83 -25.04
CA GLY G 362 13.08 -32.68 -24.97
C GLY G 362 13.84 -32.67 -26.30
N ALA G 363 14.12 -33.86 -26.83
CA ALA G 363 14.76 -34.00 -28.14
C ALA G 363 13.84 -33.54 -29.28
N GLN G 364 12.59 -33.98 -29.24
CA GLN G 364 11.57 -33.59 -30.20
C GLN G 364 10.24 -33.35 -29.51
N ALA G 365 9.31 -32.70 -30.21
CA ALA G 365 7.95 -32.51 -29.72
C ALA G 365 7.24 -33.87 -29.64
N PRO G 366 6.42 -34.07 -28.60
CA PRO G 366 5.81 -35.38 -28.34
C PRO G 366 4.94 -35.89 -29.50
N VAL G 367 5.12 -37.17 -29.84
CA VAL G 367 4.44 -37.79 -30.98
C VAL G 367 3.19 -38.53 -30.51
N SER G 368 3.35 -39.43 -29.54
CA SER G 368 2.24 -40.23 -29.01
C SER G 368 1.35 -39.39 -28.11
N MET G 369 0.07 -39.75 -28.05
CA MET G 369 -0.95 -38.95 -27.36
C MET G 369 -0.68 -38.89 -25.87
N SER G 370 -0.33 -40.05 -25.31
CA SER G 370 -0.09 -40.19 -23.88
C SER G 370 0.99 -39.23 -23.42
N ASP G 371 2.09 -39.25 -24.18
CA ASP G 371 3.26 -38.39 -23.90
C ASP G 371 2.83 -36.92 -23.93
N LEU G 372 2.09 -36.61 -24.98
CA LEU G 372 1.67 -35.25 -25.31
C LEU G 372 0.86 -34.68 -24.16
N TRP G 373 -0.10 -35.48 -23.71
CA TRP G 373 -1.02 -35.07 -22.64
C TRP G 373 -0.22 -34.83 -21.37
N ILE G 374 0.73 -35.73 -21.09
CA ILE G 374 1.58 -35.61 -19.91
C ILE G 374 2.35 -34.30 -19.94
N THR G 375 2.91 -34.00 -21.11
CA THR G 375 3.68 -32.79 -21.33
C THR G 375 2.83 -31.57 -21.05
N MET G 376 1.61 -31.60 -21.58
CA MET G 376 0.64 -30.51 -21.41
C MET G 376 0.37 -30.28 -19.94
N LEU G 377 0.15 -31.38 -19.23
CA LEU G 377 -0.14 -31.37 -17.79
C LEU G 377 1.00 -30.70 -17.04
N SER G 378 2.22 -31.11 -17.41
CA SER G 378 3.44 -30.61 -16.78
C SER G 378 3.53 -29.10 -16.99
N MET G 379 3.25 -28.68 -18.22
CA MET G 379 3.29 -27.26 -18.60
C MET G 379 2.32 -26.47 -17.76
N ILE G 380 1.12 -27.02 -17.61
CA ILE G 380 0.06 -26.37 -16.82
C ILE G 380 0.54 -26.19 -15.38
N VAL G 381 1.10 -27.28 -14.85
CA VAL G 381 1.61 -27.29 -13.47
C VAL G 381 2.74 -26.27 -13.36
N GLY G 382 3.62 -26.33 -14.35
CA GLY G 382 4.90 -25.67 -14.31
C GLY G 382 4.67 -24.18 -14.38
N ALA G 383 3.90 -23.77 -15.38
CA ALA G 383 3.68 -22.35 -15.69
C ALA G 383 3.08 -21.64 -14.50
N THR G 384 2.06 -22.29 -13.92
CA THR G 384 1.34 -21.76 -12.76
C THR G 384 2.31 -21.55 -11.60
N CYS G 385 3.14 -22.58 -11.39
CA CYS G 385 4.14 -22.56 -10.31
C CYS G 385 5.08 -21.39 -10.50
N TYR G 386 5.53 -21.21 -11.74
CA TYR G 386 6.45 -20.14 -12.10
C TYR G 386 5.82 -18.79 -11.79
N ALA G 387 4.56 -18.65 -12.17
CA ALA G 387 3.79 -17.42 -11.94
C ALA G 387 3.75 -17.11 -10.44
N MET G 388 3.45 -18.15 -9.67
CA MET G 388 3.36 -18.05 -8.21
C MET G 388 4.68 -17.57 -7.64
N PHE G 389 5.76 -18.18 -8.12
CA PHE G 389 7.12 -17.85 -7.71
C PHE G 389 7.42 -16.40 -7.97
N VAL G 390 7.05 -15.95 -9.16
CA VAL G 390 7.25 -14.55 -9.58
C VAL G 390 6.54 -13.61 -8.61
N GLY G 391 5.30 -13.97 -8.30
CA GLY G 391 4.46 -13.19 -7.39
C GLY G 391 5.15 -13.06 -6.03
N HIS G 392 5.62 -14.21 -5.55
CA HIS G 392 6.29 -14.30 -4.26
C HIS G 392 7.51 -13.41 -4.23
N ALA G 393 8.28 -13.46 -5.32
CA ALA G 393 9.49 -12.66 -5.48
C ALA G 393 9.17 -11.20 -5.38
N THR G 394 8.11 -10.81 -6.09
CA THR G 394 7.63 -9.42 -6.12
C THR G 394 7.32 -8.95 -4.71
N ALA G 395 6.58 -9.81 -4.00
CA ALA G 395 6.17 -9.54 -2.63
C ALA G 395 7.39 -9.30 -1.74
N LEU G 396 8.35 -10.19 -1.89
CA LEU G 396 9.60 -10.15 -1.12
C LEU G 396 10.31 -8.83 -1.36
N ILE G 397 10.39 -8.48 -2.63
CA ILE G 397 11.12 -7.27 -3.06
C ILE G 397 10.46 -6.05 -2.45
N GLN G 398 9.13 -6.02 -2.51
CA GLN G 398 8.39 -4.87 -1.97
C GLN G 398 8.64 -4.77 -0.46
N SER G 399 8.63 -5.91 0.21
CA SER G 399 8.87 -5.95 1.66
C SER G 399 10.25 -5.38 1.98
N LEU G 400 11.23 -5.78 1.19
CA LEU G 400 12.62 -5.49 1.52
C LEU G 400 12.92 -4.00 1.59
N ASP G 401 12.46 -3.24 0.59
CA ASP G 401 12.68 -1.78 0.57
C ASP G 401 11.46 -0.96 1.05
N SER G 402 10.59 -1.58 1.85
CA SER G 402 9.34 -0.94 2.31
C SER G 402 9.60 0.27 3.19
N SER G 403 10.60 0.16 4.06
CA SER G 403 11.03 1.28 4.93
C SER G 403 11.49 2.50 4.12
N ARG G 404 12.25 2.25 3.05
CA ARG G 404 12.81 3.27 2.19
C ARG G 404 11.72 3.87 1.30
N ARG G 405 10.93 2.96 0.72
CA ARG G 405 9.87 3.31 -0.22
C ARG G 405 8.89 4.27 0.43
N GLN G 406 8.50 3.92 1.66
CA GLN G 406 7.48 4.65 2.40
C GLN G 406 7.88 6.10 2.57
N TYR G 407 9.14 6.31 2.94
CA TYR G 407 9.68 7.65 3.16
C TYR G 407 9.55 8.48 1.89
N GLN G 408 9.96 7.85 0.79
CA GLN G 408 9.91 8.50 -0.53
C GLN G 408 8.49 8.90 -0.88
N GLU G 409 7.57 7.97 -0.63
CA GLU G 409 6.14 8.19 -0.89
C GLU G 409 5.64 9.41 -0.12
N LYS G 410 6.02 9.44 1.16
CA LYS G 410 5.63 10.53 2.06
C LYS G 410 6.14 11.86 1.52
N TYR G 411 7.40 11.85 1.10
CA TYR G 411 8.03 13.05 0.58
C TYR G 411 7.31 13.54 -0.66
N LYS G 412 6.92 12.60 -1.54
CA LYS G 412 6.21 12.90 -2.77
C LYS G 412 4.97 13.77 -2.50
N GLN G 413 4.27 13.44 -1.42
CA GLN G 413 3.10 14.22 -1.01
C GLN G 413 3.47 15.66 -0.73
N VAL G 414 4.59 15.85 -0.03
CA VAL G 414 5.10 17.17 0.32
C VAL G 414 5.36 17.98 -0.97
N GLU G 415 6.02 17.30 -1.90
CA GLU G 415 6.35 17.90 -3.20
C GLU G 415 5.09 18.36 -3.91
N GLN G 416 4.09 17.48 -3.90
CA GLN G 416 2.80 17.75 -4.54
C GLN G 416 2.15 18.97 -3.92
N TYR G 417 2.20 19.05 -2.60
CA TYR G 417 1.66 20.17 -1.83
C TYR G 417 2.30 21.48 -2.29
N MET G 418 3.63 21.43 -2.39
CA MET G 418 4.40 22.60 -2.83
C MET G 418 3.97 23.04 -4.21
N SER G 419 3.84 22.06 -5.09
CA SER G 419 3.43 22.28 -6.47
C SER G 419 2.07 22.98 -6.52
N PHE G 420 1.15 22.48 -5.69
CA PHE G 420 -0.19 23.04 -5.58
C PHE G 420 -0.16 24.54 -5.26
N HIS G 421 0.65 24.94 -4.29
CA HIS G 421 0.76 26.37 -3.93
C HIS G 421 1.73 27.16 -4.81
N LYS G 422 2.51 26.46 -5.65
CA LYS G 422 3.41 27.07 -6.64
C LYS G 422 4.49 27.90 -5.97
N LEU G 423 5.19 27.27 -5.03
CA LEU G 423 6.19 27.96 -4.23
C LEU G 423 7.46 28.24 -5.02
N PRO G 424 8.22 29.30 -4.63
CA PRO G 424 9.51 29.59 -5.28
C PRO G 424 10.53 28.49 -5.06
N ALA G 425 11.47 28.36 -5.99
CA ALA G 425 12.46 27.29 -5.97
C ALA G 425 13.29 27.34 -4.69
N ASP G 426 13.68 28.54 -4.30
CA ASP G 426 14.49 28.77 -3.11
C ASP G 426 13.80 28.20 -1.87
N MET G 427 12.52 28.57 -1.78
CA MET G 427 11.67 28.15 -0.66
C MET G 427 11.59 26.63 -0.59
N ARG G 428 11.39 26.03 -1.77
CA ARG G 428 11.30 24.58 -1.92
C ARG G 428 12.57 23.92 -1.41
N GLN G 429 13.69 24.48 -1.83
CA GLN G 429 15.03 23.99 -1.44
C GLN G 429 15.16 24.01 0.07
N LYS G 430 14.75 25.13 0.66
CA LYS G 430 14.80 25.32 2.12
C LYS G 430 14.01 24.21 2.82
N ILE G 431 12.80 24.00 2.30
CA ILE G 431 11.91 22.98 2.86
C ILE G 431 12.54 21.62 2.81
N HIS G 432 13.15 21.32 1.65
CA HIS G 432 13.82 20.04 1.42
C HIS G 432 14.93 19.83 2.45
N ASP G 433 15.71 20.89 2.64
CA ASP G 433 16.82 20.88 3.59
C ASP G 433 16.32 20.57 4.98
N TYR G 434 15.24 21.25 5.35
CA TYR G 434 14.60 21.09 6.66
C TYR G 434 14.20 19.64 6.87
N TYR G 435 13.57 19.09 5.83
CA TYR G 435 13.08 17.70 5.87
C TYR G 435 14.25 16.75 6.09
N GLU G 436 15.33 17.00 5.36
CA GLU G 436 16.53 16.18 5.44
C GLU G 436 17.09 16.21 6.86
N HIS G 437 17.13 17.41 7.42
CA HIS G 437 17.70 17.55 8.76
C HIS G 437 16.82 16.85 9.78
N ARG G 438 15.51 16.94 9.60
CA ARG G 438 14.54 16.56 10.63
C ARG G 438 14.47 15.04 10.78
N TYR G 439 14.17 14.38 9.66
CA TYR G 439 13.91 12.95 9.66
C TYR G 439 15.10 12.08 9.25
N GLN G 440 16.06 12.67 8.51
CA GLN G 440 17.27 11.96 8.08
C GLN G 440 16.95 10.70 7.25
N GLY G 441 15.99 10.84 6.33
CA GLY G 441 15.58 9.76 5.45
C GLY G 441 14.86 8.60 6.12
N LYS G 442 14.26 8.85 7.29
CA LYS G 442 13.62 7.81 8.09
C LYS G 442 12.18 8.19 8.39
N ILE G 443 11.24 7.47 7.79
CA ILE G 443 9.81 7.65 8.07
C ILE G 443 9.43 7.06 9.44
N PHE G 444 8.80 7.89 10.27
CA PHE G 444 8.20 7.46 11.53
C PHE G 444 7.33 8.59 12.09
N ASP G 445 6.34 8.23 12.89
CA ASP G 445 5.46 9.20 13.55
C ASP G 445 5.61 9.06 15.06
N GLU G 446 6.33 9.99 15.68
CA GLU G 446 6.59 9.96 17.14
C GLU G 446 5.31 9.93 17.95
N GLU G 447 4.35 10.77 17.53
CA GLU G 447 3.03 10.84 18.16
C GLU G 447 2.36 9.49 18.34
N ASN G 448 2.53 8.59 17.38
CA ASN G 448 1.85 7.30 17.41
C ASN G 448 2.63 6.33 18.30
N ILE G 449 3.93 6.26 18.03
CA ILE G 449 4.82 5.28 18.65
C ILE G 449 4.83 5.49 20.16
N LEU G 450 4.96 6.75 20.55
CA LEU G 450 5.01 7.11 21.98
C LEU G 450 3.71 6.73 22.66
N ASN G 451 2.59 6.99 21.98
CA ASN G 451 1.26 6.64 22.50
C ASN G 451 1.17 5.14 22.73
N GLU G 452 1.64 4.39 21.75
CA GLU G 452 1.66 2.93 21.81
C GLU G 452 2.43 2.44 23.04
N LEU G 453 3.59 3.04 23.33
CA LEU G 453 4.39 2.66 24.50
C LEU G 453 3.73 3.04 25.83
N ASN G 454 4.14 2.38 26.90
CA ASN G 454 3.68 2.70 28.27
C ASN G 454 4.54 3.81 28.88
N ASP G 455 4.21 4.23 30.10
CA ASP G 455 4.83 5.40 30.72
C ASP G 455 6.31 5.24 31.03
N PRO G 456 6.68 4.12 31.70
CA PRO G 456 8.07 3.92 32.11
C PRO G 456 8.99 3.92 30.92
N LEU G 457 8.57 3.21 29.87
CA LEU G 457 9.36 3.12 28.63
C LEU G 457 9.57 4.50 28.04
N ARG G 458 8.49 5.26 28.01
CA ARG G 458 8.51 6.63 27.48
C ARG G 458 9.52 7.48 28.24
N GLU G 459 9.46 7.35 29.56
CA GLU G 459 10.36 8.08 30.48
C GLU G 459 11.80 7.75 30.16
N GLU G 460 12.05 6.45 30.00
CA GLU G 460 13.39 5.93 29.71
C GLU G 460 13.91 6.54 28.41
N ILE G 461 13.03 6.53 27.41
CA ILE G 461 13.40 7.02 26.08
C ILE G 461 13.72 8.49 26.15
N VAL G 462 12.81 9.23 26.81
CA VAL G 462 12.93 10.68 26.95
C VAL G 462 14.22 11.03 27.66
N ASN G 463 14.50 10.29 28.74
CA ASN G 463 15.70 10.50 29.55
C ASN G 463 16.94 10.31 28.68
N PHE G 464 16.92 9.23 27.89
CA PHE G 464 18.06 8.93 27.02
C PHE G 464 18.28 10.05 26.01
N ASN G 465 17.18 10.54 25.45
CA ASN G 465 17.22 11.63 24.48
C ASN G 465 17.83 12.88 25.09
N CYS G 466 17.35 13.25 26.27
CA CYS G 466 17.74 14.50 26.93
C CYS G 466 18.74 14.29 28.08
N ARG G 467 19.45 13.17 28.10
CA ARG G 467 20.45 12.89 29.16
C ARG G 467 21.51 13.99 29.14
N LYS G 468 21.99 14.27 27.93
CA LYS G 468 23.05 15.26 27.72
C LYS G 468 22.61 16.62 28.23
N LEU G 469 21.38 16.97 27.87
CA LEU G 469 20.77 18.25 28.26
C LEU G 469 20.74 18.37 29.77
N VAL G 470 20.30 17.28 30.40
CA VAL G 470 20.18 17.21 31.86
C VAL G 470 21.54 17.44 32.50
N ALA G 471 22.54 16.76 31.94
CA ALA G 471 23.92 16.85 32.42
C ALA G 471 24.41 18.29 32.35
N THR G 472 24.13 18.92 31.21
CA THR G 472 24.52 20.30 30.97
C THR G 472 23.90 21.25 31.99
N MET G 473 22.58 21.16 32.16
CA MET G 473 21.83 22.18 32.90
C MET G 473 22.09 22.13 34.41
N PRO G 474 22.29 23.30 35.05
CA PRO G 474 22.54 23.34 36.49
C PRO G 474 21.28 23.09 37.34
N LEU G 475 20.12 23.55 36.88
CA LEU G 475 18.86 23.38 37.60
C LEU G 475 18.39 21.92 37.68
N PHE G 476 18.57 21.18 36.59
CA PHE G 476 18.02 19.82 36.48
C PHE G 476 18.71 18.78 37.38
N ALA G 477 20.03 18.89 37.55
CA ALA G 477 20.80 17.94 38.35
C ALA G 477 20.51 18.04 39.86
N ASN G 478 20.37 19.27 40.36
CA ASN G 478 20.15 19.51 41.80
C ASN G 478 18.73 19.15 42.26
N ALA G 479 17.73 19.47 41.45
CA ALA G 479 16.32 19.24 41.81
C ALA G 479 15.93 17.76 41.80
N ASP G 480 14.74 17.47 42.34
CA ASP G 480 14.23 16.10 42.43
C ASP G 480 14.06 15.46 41.04
N PRO G 481 14.34 14.14 40.91
CA PRO G 481 14.22 13.50 39.61
C PRO G 481 12.80 13.45 39.09
N ASN G 482 11.81 13.44 39.99
CA ASN G 482 10.42 13.45 39.61
C ASN G 482 10.10 14.68 38.77
N PHE G 483 10.59 15.82 39.24
CA PHE G 483 10.40 17.11 38.56
C PHE G 483 10.97 17.06 37.16
N VAL G 484 12.17 16.49 37.07
CA VAL G 484 12.90 16.35 35.79
C VAL G 484 12.05 15.52 34.83
N THR G 485 11.54 14.41 35.35
CA THR G 485 10.70 13.48 34.58
C THR G 485 9.48 14.22 34.02
N ALA G 486 8.85 14.99 34.90
CA ALA G 486 7.66 15.77 34.55
C ALA G 486 7.99 16.73 33.41
N MET G 487 9.12 17.41 33.55
CA MET G 487 9.58 18.36 32.55
C MET G 487 9.79 17.70 31.20
N LEU G 488 10.57 16.62 31.20
CA LEU G 488 11.04 15.99 29.96
C LEU G 488 9.95 15.26 29.18
N SER G 489 8.93 14.77 29.87
CA SER G 489 7.77 14.16 29.22
C SER G 489 7.04 15.16 28.32
N LYS G 490 6.85 16.38 28.83
CA LYS G 490 6.13 17.43 28.10
C LYS G 490 6.90 18.09 26.95
N LEU G 491 8.22 17.86 26.85
CA LEU G 491 9.03 18.48 25.79
C LEU G 491 8.63 18.00 24.39
N ARG G 492 8.88 18.86 23.40
CA ARG G 492 8.56 18.57 22.00
C ARG G 492 9.76 18.93 21.13
N PHE G 493 10.20 17.99 20.31
CA PHE G 493 11.41 18.15 19.52
C PHE G 493 11.21 19.06 18.31
N GLU G 494 12.16 19.97 18.08
CA GLU G 494 12.13 20.88 16.93
C GLU G 494 13.53 21.13 16.36
N VAL G 495 13.57 21.40 15.06
CA VAL G 495 14.83 21.63 14.33
C VAL G 495 14.73 22.98 13.64
N PHE G 496 15.81 23.76 13.71
CA PHE G 496 15.85 25.08 13.06
C PHE G 496 17.08 25.19 12.16
N GLN G 497 16.90 25.85 11.01
CA GLN G 497 17.97 26.05 10.03
C GLN G 497 18.67 27.38 10.33
N PRO G 498 19.95 27.52 9.93
CA PRO G 498 20.66 28.77 10.20
C PRO G 498 20.08 29.95 9.42
N GLY G 499 19.87 31.07 10.12
CA GLY G 499 19.22 32.24 9.55
C GLY G 499 17.72 32.33 9.80
N ASP G 500 17.18 31.42 10.64
CA ASP G 500 15.77 31.43 11.01
C ASP G 500 15.61 32.12 12.35
N TYR G 501 14.69 33.10 12.42
CA TYR G 501 14.31 33.73 13.68
C TYR G 501 13.47 32.76 14.49
N ILE G 502 14.05 32.23 15.57
CA ILE G 502 13.33 31.31 16.47
C ILE G 502 12.30 32.13 17.25
N ILE G 503 12.76 33.24 17.83
CA ILE G 503 11.89 34.22 18.49
C ILE G 503 12.11 35.59 17.83
N ARG G 504 11.02 36.29 17.57
CA ARG G 504 11.05 37.70 17.14
C ARG G 504 10.64 38.59 18.31
N GLU G 505 11.30 39.73 18.46
CA GLU G 505 11.06 40.64 19.59
C GLU G 505 9.69 41.30 19.50
N GLY G 506 8.99 41.35 20.63
CA GLY G 506 7.67 41.98 20.73
C GLY G 506 6.46 41.08 20.54
N ALA G 507 6.67 39.84 20.08
CA ALA G 507 5.57 38.90 19.82
C ALA G 507 5.04 38.27 21.11
N VAL G 508 3.87 37.63 21.00
CA VAL G 508 3.27 36.89 22.10
C VAL G 508 3.79 35.44 22.09
N GLY G 509 4.59 35.09 23.10
CA GLY G 509 5.29 33.80 23.15
C GLY G 509 4.51 32.67 23.79
N LYS G 510 4.27 31.62 23.02
CA LYS G 510 3.53 30.44 23.49
C LYS G 510 4.42 29.32 24.05
N LYS G 511 5.70 29.28 23.66
CA LYS G 511 6.59 28.17 24.01
C LYS G 511 8.03 28.62 24.30
N MET G 512 8.63 28.04 25.36
CA MET G 512 10.07 28.23 25.65
C MET G 512 10.88 27.15 24.95
N TYR G 513 12.21 27.24 25.05
CA TYR G 513 13.11 26.32 24.33
C TYR G 513 14.21 25.75 25.22
N PHE G 514 14.86 24.70 24.72
CA PHE G 514 16.01 24.07 25.37
C PHE G 514 16.97 23.62 24.27
N ILE G 515 18.18 24.18 24.27
CA ILE G 515 19.17 23.84 23.23
C ILE G 515 19.83 22.52 23.62
N GLN G 516 19.44 21.44 22.93
CA GLN G 516 20.14 20.16 23.01
C GLN G 516 21.48 20.27 22.29
N HIS G 517 21.44 20.81 21.08
CA HIS G 517 22.58 20.78 20.17
C HIS G 517 22.51 21.95 19.19
N GLY G 518 23.69 22.49 18.84
CA GLY G 518 23.80 23.66 17.95
C GLY G 518 24.00 24.97 18.71
N VAL G 519 24.11 26.06 17.96
CA VAL G 519 24.41 27.39 18.52
C VAL G 519 23.42 28.44 18.01
N ALA G 520 22.76 29.11 18.96
CA ALA G 520 21.78 30.16 18.67
C ALA G 520 22.22 31.49 19.28
N GLY G 521 22.00 32.56 18.53
CA GLY G 521 22.39 33.92 18.93
C GLY G 521 21.19 34.77 19.32
N VAL G 522 21.38 35.60 20.34
CA VAL G 522 20.35 36.52 20.84
C VAL G 522 20.61 37.91 20.27
N ILE G 523 19.54 38.58 19.84
CA ILE G 523 19.60 39.93 19.27
C ILE G 523 18.63 40.84 20.01
N THR G 524 19.16 41.88 20.63
CA THR G 524 18.37 42.92 21.30
C THR G 524 18.93 44.30 20.95
N LYS G 525 18.11 45.33 21.13
CA LYS G 525 18.51 46.70 20.87
C LYS G 525 19.57 47.17 21.88
N SER G 526 20.76 47.51 21.36
CA SER G 526 21.91 47.93 22.18
C SER G 526 22.41 46.85 23.15
N SER G 527 22.33 45.58 22.72
CA SER G 527 22.80 44.43 23.51
C SER G 527 24.02 43.72 22.92
N LYS G 528 24.60 44.29 21.86
CA LYS G 528 25.74 43.70 21.14
C LYS G 528 25.39 42.31 20.58
N GLU G 529 26.25 41.30 20.80
CA GLU G 529 25.98 39.93 20.37
C GLU G 529 26.18 38.95 21.53
N MET G 530 25.20 38.08 21.73
CA MET G 530 25.25 37.02 22.75
C MET G 530 24.96 35.69 22.06
N LYS G 531 25.79 34.68 22.34
CA LYS G 531 25.66 33.36 21.72
C LYS G 531 25.49 32.27 22.77
N LEU G 532 24.53 31.37 22.54
CA LEU G 532 24.21 30.29 23.48
C LEU G 532 24.68 28.93 22.97
N THR G 533 25.12 28.09 23.91
CA THR G 533 25.67 26.76 23.62
C THR G 533 24.70 25.67 24.05
N ASP G 534 25.09 24.41 23.86
CA ASP G 534 24.29 23.26 24.27
C ASP G 534 24.07 23.25 25.78
N GLY G 535 22.88 22.84 26.21
CA GLY G 535 22.48 22.86 27.61
C GLY G 535 22.03 24.21 28.15
N SER G 536 21.72 25.14 27.24
CA SER G 536 21.19 26.44 27.60
C SER G 536 19.73 26.49 27.17
N TYR G 537 18.93 27.25 27.91
CA TYR G 537 17.52 27.43 27.59
C TYR G 537 17.20 28.91 27.39
N PHE G 538 16.30 29.19 26.45
CA PHE G 538 15.83 30.54 26.20
C PHE G 538 14.32 30.55 25.95
N GLY G 539 13.72 31.71 26.17
CA GLY G 539 12.27 31.91 26.02
C GLY G 539 11.49 31.69 27.31
N GLU G 540 12.18 31.72 28.45
CA GLU G 540 11.56 31.46 29.75
C GLU G 540 10.84 32.67 30.34
N ILE G 541 11.24 33.88 29.92
CA ILE G 541 10.77 35.13 30.55
C ILE G 541 9.33 35.47 30.16
N CYS G 542 8.97 35.29 28.89
CA CYS G 542 7.62 35.61 28.39
C CYS G 542 6.53 34.74 29.04
N LEU G 543 6.88 33.51 29.39
CA LEU G 543 5.97 32.59 30.08
C LEU G 543 5.81 32.96 31.56
N LEU G 544 6.89 33.43 32.18
CA LEU G 544 6.86 33.86 33.59
C LEU G 544 6.20 35.23 33.75
N THR G 545 6.64 36.21 32.95
CA THR G 545 6.08 37.57 32.99
C THR G 545 4.64 37.66 32.48
N LYS G 546 4.25 36.73 31.60
CA LYS G 546 2.94 36.74 30.93
C LYS G 546 2.76 37.99 30.05
N GLY G 547 3.85 38.40 29.40
CA GLY G 547 3.89 39.59 28.57
C GLY G 547 4.44 39.26 27.18
N ARG G 548 5.27 40.14 26.64
CA ARG G 548 5.87 39.98 25.31
C ARG G 548 7.32 39.57 25.39
N ARG G 549 7.87 39.17 24.23
CA ARG G 549 9.26 38.72 24.12
C ARG G 549 10.20 39.91 24.26
N THR G 550 11.17 39.80 25.18
CA THR G 550 12.09 40.89 25.50
C THR G 550 13.06 41.21 24.35
N ALA G 551 13.47 40.19 23.62
CA ALA G 551 14.46 40.31 22.55
C ALA G 551 14.33 39.18 21.54
N SER G 552 14.90 39.39 20.35
CA SER G 552 14.85 38.38 19.27
C SER G 552 15.94 37.32 19.47
N VAL G 553 15.70 36.14 18.91
CA VAL G 553 16.67 35.03 18.93
C VAL G 553 16.72 34.39 17.54
N ARG G 554 17.93 34.28 16.99
CA ARG G 554 18.15 33.70 15.65
C ARG G 554 19.25 32.65 15.71
N ALA G 555 19.04 31.54 15.02
CA ALA G 555 19.99 30.42 15.01
C ALA G 555 21.26 30.76 14.22
N ASP G 556 22.42 30.36 14.73
CA ASP G 556 23.71 30.62 14.08
C ASP G 556 24.02 29.50 13.10
N THR G 557 24.03 28.27 13.61
CA THR G 557 24.15 27.05 12.81
C THR G 557 22.81 26.33 12.82
N TYR G 558 22.78 25.07 12.39
CA TYR G 558 21.60 24.22 12.59
C TYR G 558 21.40 23.96 14.09
N CYS G 559 20.23 24.33 14.61
CA CYS G 559 19.91 24.16 16.02
C CYS G 559 18.87 23.07 16.21
N ARG G 560 19.20 22.11 17.07
CA ARG G 560 18.27 21.08 17.50
C ARG G 560 17.76 21.49 18.88
N LEU G 561 16.46 21.80 18.97
CA LEU G 561 15.86 22.33 20.19
C LEU G 561 14.75 21.45 20.72
N TYR G 562 14.53 21.52 22.03
CA TYR G 562 13.37 20.94 22.66
C TYR G 562 12.50 22.07 23.17
N SER G 563 11.32 22.24 22.57
CA SER G 563 10.36 23.27 22.97
C SER G 563 9.44 22.75 24.07
N LEU G 564 9.02 23.67 24.93
CA LEU G 564 8.03 23.39 25.96
C LEU G 564 6.94 24.47 25.88
N SER G 565 5.69 24.04 25.72
CA SER G 565 4.55 24.97 25.58
C SER G 565 4.19 25.59 26.92
N VAL G 566 3.38 26.65 26.86
CA VAL G 566 3.10 27.49 28.04
C VAL G 566 2.25 26.71 29.03
N ASP G 567 1.20 26.09 28.51
CA ASP G 567 0.23 25.36 29.32
C ASP G 567 0.92 24.25 30.09
N ASN G 568 1.74 23.51 29.35
CA ASN G 568 2.49 22.37 29.91
C ASN G 568 3.40 22.86 31.02
N PHE G 569 4.08 23.97 30.76
CA PHE G 569 5.00 24.59 31.71
C PHE G 569 4.26 24.91 33.02
N ASN G 570 3.09 25.52 32.84
CA ASN G 570 2.25 25.93 33.96
C ASN G 570 1.85 24.72 34.79
N GLU G 571 1.46 23.65 34.09
CA GLU G 571 1.05 22.39 34.70
C GLU G 571 2.18 21.84 35.56
N VAL G 572 3.38 21.86 34.97
CA VAL G 572 4.58 21.35 35.63
C VAL G 572 4.83 22.13 36.91
N LEU G 573 4.70 23.46 36.82
CA LEU G 573 5.07 24.35 37.92
C LEU G 573 4.04 24.47 39.05
N GLU G 574 2.79 24.10 38.78
CA GLU G 574 1.76 23.98 39.82
C GLU G 574 2.11 22.86 40.81
N GLU G 575 2.70 21.78 40.29
CA GLU G 575 3.18 20.67 41.13
C GLU G 575 4.44 21.03 41.91
N TYR G 576 5.36 21.79 41.30
CA TYR G 576 6.64 22.15 41.91
C TYR G 576 6.84 23.68 41.95
N PRO G 577 6.28 24.36 42.97
CA PRO G 577 6.48 25.82 43.08
C PRO G 577 7.88 26.27 43.48
N MET G 578 8.68 25.38 44.08
CA MET G 578 10.06 25.69 44.46
C MET G 578 10.98 25.89 43.25
N MET G 579 10.76 25.11 42.19
CA MET G 579 11.54 25.21 40.95
C MET G 579 11.28 26.51 40.16
N ARG G 580 10.09 27.09 40.34
CA ARG G 580 9.72 28.36 39.71
C ARG G 580 10.60 29.49 40.20
N ARG G 581 10.90 29.48 41.50
CA ARG G 581 11.70 30.50 42.14
C ARG G 581 13.07 30.60 41.47
N ALA G 582 13.67 29.44 41.25
CA ALA G 582 14.98 29.32 40.61
C ALA G 582 14.94 29.97 39.23
N PHE G 583 13.89 29.62 38.49
CA PHE G 583 13.68 30.14 37.13
C PHE G 583 13.61 31.65 37.15
N GLU G 584 12.84 32.16 38.10
CA GLU G 584 12.64 33.60 38.29
C GLU G 584 13.97 34.29 38.52
N THR G 585 14.76 33.68 39.40
CA THR G 585 16.08 34.20 39.77
C THR G 585 16.97 34.29 38.54
N VAL G 586 16.94 33.21 37.75
CA VAL G 586 17.73 33.12 36.53
C VAL G 586 17.34 34.24 35.56
N ALA G 587 16.04 34.43 35.43
CA ALA G 587 15.46 35.44 34.55
C ALA G 587 15.94 36.81 34.96
N ILE G 588 15.94 37.08 36.28
CA ILE G 588 16.20 38.42 36.79
C ILE G 588 17.59 38.88 36.37
N ASP G 589 18.55 37.97 36.55
CA ASP G 589 19.95 38.24 36.21
C ASP G 589 20.08 38.60 34.73
N ARG G 590 19.41 37.79 33.91
CA ARG G 590 19.41 37.96 32.46
C ARG G 590 18.86 39.34 32.10
N LEU G 591 17.76 39.69 32.75
CA LEU G 591 17.08 40.97 32.53
C LEU G 591 18.03 42.12 32.85
N ASP G 592 18.71 41.98 33.98
CA ASP G 592 19.69 42.97 34.45
C ASP G 592 20.77 43.17 33.41
N ARG G 593 21.27 42.05 32.91
CA ARG G 593 22.33 42.05 31.89
C ARG G 593 21.87 42.80 30.64
N ILE G 594 20.64 42.49 30.23
CA ILE G 594 20.02 43.12 29.06
C ILE G 594 19.90 44.62 29.26
N GLY G 595 19.30 44.99 30.39
CA GLY G 595 18.93 46.37 30.72
C GLY G 595 17.43 46.69 30.70
N LYS G 596 16.57 45.67 30.62
CA LYS G 596 15.11 45.84 30.61
C LYS G 596 14.49 45.22 31.86
N LYS G 597 14.12 46.08 32.83
CA LYS G 597 13.58 45.61 34.12
C LYS G 597 12.10 45.26 34.02
N ASN G 598 11.77 44.01 34.37
CA ASN G 598 10.38 43.54 34.47
C ASN G 598 9.92 43.68 35.92
N SER G 599 8.81 44.39 36.14
CA SER G 599 8.44 44.87 37.46
C SER G 599 7.72 43.79 38.24
N ILE G 600 6.84 43.05 37.56
CA ILE G 600 6.03 42.00 38.18
C ILE G 600 6.94 40.95 38.82
N LEU G 601 7.94 40.55 38.04
CA LEU G 601 8.91 39.54 38.48
C LEU G 601 9.62 40.00 39.74
N LEU G 602 10.04 41.27 39.71
CA LEU G 602 10.73 41.90 40.84
C LEU G 602 9.86 41.86 42.09
N GLN G 603 8.60 42.22 41.89
CA GLN G 603 7.60 42.24 42.97
C GLN G 603 7.48 40.85 43.59
N LYS G 604 7.38 39.86 42.72
CA LYS G 604 7.25 38.46 43.11
C LYS G 604 8.44 38.05 43.98
N PHE G 605 9.63 38.43 43.50
CA PHE G 605 10.88 38.11 44.18
C PHE G 605 10.88 38.72 45.59
N GLN G 606 10.45 39.98 45.64
CA GLN G 606 10.37 40.73 46.91
C GLN G 606 9.45 39.99 47.89
N LYS G 607 8.30 39.57 47.37
CA LYS G 607 7.30 38.83 48.15
C LYS G 607 7.91 37.56 48.73
N ASP G 608 8.63 36.85 47.86
CA ASP G 608 9.30 35.60 48.23
C ASP G 608 10.29 35.84 49.38
N UNK H 1 18.91 27.56 53.03
CA UNK H 1 19.41 26.26 52.60
C UNK H 1 19.44 26.07 51.08
N UNK H 2 18.72 26.90 50.33
CA UNK H 2 18.75 26.90 48.87
C UNK H 2 19.48 28.10 48.24
N UNK H 3 19.82 29.08 49.07
CA UNK H 3 20.41 30.33 48.61
C UNK H 3 21.70 30.06 47.86
N UNK H 4 22.53 29.21 48.45
CA UNK H 4 23.82 28.82 47.88
C UNK H 4 23.62 28.19 46.50
N UNK H 5 22.64 27.29 46.44
CA UNK H 5 22.29 26.57 45.21
C UNK H 5 21.91 27.58 44.12
N UNK H 6 21.07 28.53 44.52
CA UNK H 6 20.58 29.59 43.63
C UNK H 6 21.76 30.37 43.06
N UNK H 7 22.67 30.72 43.96
CA UNK H 7 23.87 31.48 43.60
C UNK H 7 24.69 30.73 42.57
N UNK H 8 24.85 29.43 42.83
CA UNK H 8 25.60 28.53 41.95
C UNK H 8 24.98 28.53 40.55
N UNK H 9 23.66 28.40 40.54
CA UNK H 9 22.88 28.38 39.30
C UNK H 9 23.11 29.65 38.51
N UNK H 10 23.05 30.77 39.22
CA UNK H 10 23.25 32.10 38.64
C UNK H 10 24.62 32.18 37.98
N UNK H 11 25.62 31.70 38.72
CA UNK H 11 27.01 31.68 38.25
C UNK H 11 27.12 30.90 36.95
N UNK H 12 26.49 29.73 36.96
CA UNK H 12 26.48 28.82 35.81
C UNK H 12 25.89 29.54 34.59
N UNK H 13 24.77 30.21 34.83
CA UNK H 13 24.05 30.96 33.80
C UNK H 13 24.96 32.02 33.20
N UNK H 14 25.64 32.73 34.08
CA UNK H 14 26.57 33.80 33.70
C UNK H 14 27.65 33.25 32.79
N UNK H 15 28.20 32.10 33.21
CA UNK H 15 29.26 31.41 32.48
C UNK H 15 28.79 31.08 31.06
N UNK H 16 27.57 30.53 31.01
CA UNK H 16 26.93 30.13 29.76
C UNK H 16 26.81 31.33 28.82
N UNK H 17 26.36 32.44 29.40
CA UNK H 17 26.18 33.70 28.68
C UNK H 17 27.51 34.15 28.07
N UNK H 18 28.54 34.09 28.91
CA UNK H 18 29.89 34.47 28.52
C UNK H 18 30.36 33.65 27.32
N UNK H 19 30.11 32.34 27.44
CA UNK H 19 30.47 31.38 26.39
C UNK H 19 29.80 31.74 25.08
#